data_1MIO
#
_entry.id   1MIO
#
_cell.length_a   69.960
_cell.length_b   151.300
_cell.length_c   121.900
_cell.angle_alpha   90.00
_cell.angle_beta   110.40
_cell.angle_gamma   90.00
#
_symmetry.space_group_name_H-M   'P 1 21 1'
#
loop_
_entity.id
_entity.type
_entity.pdbx_description
1 polymer 'NITROGENASE MOLYBDENUM IRON PROTEIN (ALPHA CHAIN)'
2 polymer 'NITROGENASE MOLYBDENUM IRON PROTEIN (BETA CHAIN)'
3 non-polymer 'CALCIUM ION'
4 non-polymer '3-HYDROXY-3-CARBOXY-ADIPIC ACID'
5 non-polymer 'FE-MO-S CLUSTER'
6 non-polymer 'FE-S CLUSTER'
#
loop_
_entity_poly.entity_id
_entity_poly.type
_entity_poly.pdbx_seq_one_letter_code
_entity_poly.pdbx_strand_id
1 'polypeptide(L)'
;SENLKDEILEKYIPKTKKTRSGHIVIKTEETPNPEIVANTRTVPGIITARGCAYAGCKGVVMGPIKDMVHITHGPIGCSF
YTWGGRRFKSKPENGTGLNFNEYVFSTDMQESDIVFGGVNKLKDAIHEAYEMFHPAAIGVYATCPVGLIGDDILAVAATA
SKEIGIPVHAFSCEGYKGVSQSAGHHIANNTVMTDIIGKGNKEQKKYSINVLGEYNIGGDAWEMDRVLEKIGYHVNATLT
GDATYEKVQNADKADLNLVQCHRSINYIAEMMETKYGIPWIKCNFIGVDGIVETLRDMAKCFDDPELTKRTEEVIAEEIA
AIQDDLDYFKEKLQGKTACLYVGGSRSHTYMNMLKSFGVDSLVAGFEFAHRDDYEGREVIPTIKIDADSKNIPEITVTPD
EQKYRVVIPEDKVEELKKAGVPLSSYGGMMKEMHDGTILIDDMNHHDMEVVLEKLKPDMFFAGIKEKFVIQKGGVLSKQL
HSYDYNGPYAGFRGVVNFGHELVNGIYTPAWKMITPPWKKASSESKVVVGGEA
;
A,C
2 'polypeptide(L)'
;MLDATPKEIVERKALRINPAKTCQPVGAMYAALGIHNCLPHSHGSQGCCSYHRTVLSRHFKEPAMASTSSFTEGASVFGG
GSNIKTAVKNIFSLYNPDIIAVHTTCLSETLGDDLPTYISQMEDAGSIPEGKLVIHTNTPSYVGSHVTGFANMVQGIVNY
LSENTGAKNGKINVIPGFVGPADMREIKRLFEAMDIPYIMFPDTSGVLDGPTTGEYKMYPEGGTKIEDLKDTGNSDLTLS
LGSYASDLGAKTLEKKCKVPFKTLRTPIGVSATDEFIMALSEATGKEVPASIEEERGQLIDLMIDAQQYLQGKKVALLGD
PDEIIALSKFIIELGAIPKYVVTGTPGMKFQKEIDAMLAEAGIEGSKVKVEGDFFDVHQWIKNEGVDLLISNTYGKFIAR
EENIPFVRFGFPIMDRYGHYYNPKVGYKGAIRLVEEITNVILDKIERECTEEDFEVVR
;
B,D
#
# COMPACT_ATOMS: atom_id res chain seq x y z
N SER A 1 -54.48 -3.72 10.57
CA SER A 1 -54.92 -3.17 9.30
C SER A 1 -53.59 -2.97 8.55
N GLU A 2 -53.19 -1.78 8.08
CA GLU A 2 -51.89 -1.48 7.50
C GLU A 2 -51.95 0.03 7.34
N ASN A 3 -51.71 0.59 8.53
CA ASN A 3 -51.62 2.03 8.64
C ASN A 3 -50.17 2.51 8.41
N LEU A 4 -49.37 1.68 7.65
CA LEU A 4 -48.05 2.04 7.17
C LEU A 4 -48.29 3.10 6.10
N LYS A 5 -49.21 2.86 5.15
CA LYS A 5 -49.51 3.85 4.14
C LYS A 5 -49.87 5.17 4.81
N ASP A 6 -50.79 5.07 5.76
CA ASP A 6 -51.25 6.22 6.49
C ASP A 6 -50.08 6.88 7.29
N GLU A 7 -49.13 6.08 7.86
CA GLU A 7 -47.96 6.55 8.63
C GLU A 7 -46.96 7.32 7.77
N ILE A 8 -46.75 6.81 6.55
CA ILE A 8 -45.86 7.46 5.61
C ILE A 8 -46.40 8.85 5.30
N LEU A 9 -47.69 8.88 4.91
CA LEU A 9 -48.41 10.09 4.56
C LEU A 9 -48.55 11.19 5.59
N GLU A 10 -48.80 10.85 6.85
CA GLU A 10 -49.18 11.87 7.80
C GLU A 10 -48.31 13.08 8.08
N LYS A 11 -47.00 12.91 7.91
CA LYS A 11 -46.10 14.05 8.00
C LYS A 11 -46.03 14.44 6.53
N TYR A 12 -46.79 15.39 6.02
CA TYR A 12 -46.62 15.86 4.66
C TYR A 12 -47.49 17.07 4.58
N ILE A 13 -46.90 18.16 4.11
CA ILE A 13 -47.65 19.38 3.96
C ILE A 13 -48.83 19.16 2.99
N PRO A 14 -50.11 19.53 3.23
CA PRO A 14 -51.24 18.72 2.78
C PRO A 14 -51.42 18.75 1.26
N LYS A 15 -50.98 19.81 0.61
CA LYS A 15 -50.89 19.83 -0.84
C LYS A 15 -49.99 18.71 -1.36
N THR A 16 -48.93 18.34 -0.61
CA THR A 16 -48.05 17.24 -0.93
C THR A 16 -48.75 15.95 -0.58
N LYS A 17 -49.51 15.92 0.52
CA LYS A 17 -50.08 14.65 0.96
C LYS A 17 -51.08 14.13 -0.03
N LYS A 18 -51.75 15.05 -0.72
CA LYS A 18 -52.69 14.68 -1.75
C LYS A 18 -52.04 14.22 -3.04
N THR A 19 -50.77 14.51 -3.38
CA THR A 19 -50.20 13.96 -4.60
C THR A 19 -49.54 12.61 -4.28
N ARG A 20 -49.08 12.53 -3.03
CA ARG A 20 -48.31 11.42 -2.51
C ARG A 20 -49.04 10.14 -2.17
N SER A 21 -50.28 10.30 -1.71
CA SER A 21 -51.13 9.17 -1.45
C SER A 21 -51.24 8.33 -2.72
N GLY A 22 -51.61 8.81 -3.92
CA GLY A 22 -51.75 7.97 -5.11
C GLY A 22 -50.58 7.04 -5.50
N HIS A 23 -49.43 7.40 -4.91
CA HIS A 23 -48.13 6.78 -5.12
C HIS A 23 -47.88 5.60 -4.30
N ILE A 24 -48.49 5.51 -3.14
CA ILE A 24 -48.22 4.38 -2.27
C ILE A 24 -49.51 3.58 -2.43
N VAL A 25 -49.46 2.27 -2.58
CA VAL A 25 -50.64 1.40 -2.62
C VAL A 25 -50.28 0.12 -1.85
N ILE A 26 -51.33 -0.65 -1.58
CA ILE A 26 -51.33 -1.93 -0.88
C ILE A 26 -52.12 -2.88 -1.79
N LYS A 27 -51.56 -4.05 -2.10
CA LYS A 27 -52.24 -5.03 -2.95
C LYS A 27 -52.85 -5.94 -1.91
N THR A 28 -54.13 -6.28 -2.00
CA THR A 28 -54.87 -7.03 -1.00
C THR A 28 -56.17 -7.66 -1.45
N GLU A 29 -56.28 -8.93 -1.83
CA GLU A 29 -57.58 -9.65 -1.95
C GLU A 29 -58.86 -9.07 -2.61
N GLU A 30 -59.44 -8.07 -1.91
CA GLU A 30 -60.59 -7.27 -2.33
C GLU A 30 -60.13 -6.53 -3.60
N THR A 31 -58.89 -6.01 -3.43
CA THR A 31 -58.03 -5.33 -4.41
C THR A 31 -56.81 -6.21 -4.76
N PRO A 32 -56.93 -7.26 -5.54
CA PRO A 32 -55.77 -7.74 -6.28
C PRO A 32 -55.54 -6.55 -7.24
N ASN A 33 -54.27 -6.19 -7.45
CA ASN A 33 -53.94 -5.08 -8.37
C ASN A 33 -54.65 -3.69 -8.33
N PRO A 34 -54.51 -2.87 -7.26
CA PRO A 34 -54.99 -1.47 -7.23
C PRO A 34 -54.28 -0.49 -8.17
N GLU A 35 -54.89 0.64 -8.51
CA GLU A 35 -54.22 1.64 -9.33
C GLU A 35 -53.11 2.33 -8.53
N ILE A 36 -52.03 2.80 -9.17
CA ILE A 36 -50.93 3.52 -8.52
C ILE A 36 -50.74 4.69 -9.47
N VAL A 37 -50.48 5.94 -9.06
CA VAL A 37 -50.19 6.95 -10.09
C VAL A 37 -48.69 6.91 -10.17
N ALA A 38 -48.27 6.76 -11.41
CA ALA A 38 -46.91 6.57 -11.83
C ALA A 38 -46.47 7.55 -12.93
N ASN A 39 -45.18 7.76 -13.26
CA ASN A 39 -44.70 8.78 -14.22
C ASN A 39 -45.32 10.16 -13.95
N THR A 40 -45.32 10.45 -12.67
CA THR A 40 -45.74 11.74 -12.17
C THR A 40 -44.51 12.64 -12.15
N ARG A 41 -44.68 13.96 -12.11
CA ARG A 41 -43.51 14.78 -11.99
C ARG A 41 -43.11 14.66 -10.51
N THR A 42 -41.83 14.98 -10.36
CA THR A 42 -41.28 14.96 -9.05
C THR A 42 -41.48 16.31 -8.36
N VAL A 43 -41.98 16.08 -7.16
CA VAL A 43 -42.17 17.09 -6.15
C VAL A 43 -40.80 17.69 -5.68
N PRO A 44 -40.71 19.02 -5.69
CA PRO A 44 -39.49 19.69 -5.28
C PRO A 44 -39.18 19.66 -3.80
N GLY A 45 -37.91 19.35 -3.48
CA GLY A 45 -37.41 19.37 -2.11
C GLY A 45 -37.91 18.25 -1.21
N ILE A 46 -37.84 17.10 -1.83
CA ILE A 46 -38.16 15.81 -1.26
C ILE A 46 -36.94 15.05 -1.82
N ILE A 47 -36.34 14.18 -1.00
CA ILE A 47 -35.12 13.52 -1.48
C ILE A 47 -35.61 12.50 -2.53
N THR A 48 -35.58 12.79 -3.83
CA THR A 48 -35.85 11.73 -4.76
C THR A 48 -34.53 11.42 -5.43
N ALA A 49 -34.48 10.12 -5.72
CA ALA A 49 -33.39 9.42 -6.38
C ALA A 49 -33.41 9.51 -7.90
N ARG A 50 -34.39 10.21 -8.47
CA ARG A 50 -34.58 10.20 -9.90
C ARG A 50 -33.55 11.01 -10.63
N GLY A 51 -33.25 10.61 -11.88
CA GLY A 51 -32.27 11.24 -12.73
C GLY A 51 -32.93 12.11 -13.79
N CYS A 52 -32.31 12.27 -14.95
CA CYS A 52 -32.79 13.12 -16.01
C CYS A 52 -32.85 12.39 -17.33
N ALA A 53 -33.45 13.03 -18.33
CA ALA A 53 -33.60 12.48 -19.67
C ALA A 53 -32.27 12.00 -20.25
N TYR A 54 -31.22 12.82 -20.12
CA TYR A 54 -29.87 12.53 -20.59
C TYR A 54 -29.29 11.28 -19.94
N ALA A 55 -29.51 10.99 -18.67
CA ALA A 55 -29.03 9.79 -18.03
C ALA A 55 -29.59 8.57 -18.74
N GLY A 56 -30.88 8.62 -19.12
CA GLY A 56 -31.60 7.57 -19.80
C GLY A 56 -31.28 7.53 -21.27
N CYS A 57 -31.06 8.63 -21.97
CA CYS A 57 -30.76 8.51 -23.38
C CYS A 57 -29.30 8.26 -23.62
N LYS A 58 -28.44 9.22 -23.24
CA LYS A 58 -27.02 9.06 -23.39
C LYS A 58 -26.44 8.02 -22.43
N GLY A 59 -26.60 8.03 -21.10
CA GLY A 59 -25.90 7.11 -20.21
C GLY A 59 -26.36 5.68 -20.20
N VAL A 60 -27.68 5.46 -20.25
CA VAL A 60 -28.28 4.13 -20.19
C VAL A 60 -28.36 3.38 -21.51
N VAL A 61 -29.15 3.90 -22.46
CA VAL A 61 -29.51 3.15 -23.67
C VAL A 61 -28.45 3.14 -24.77
N MET A 62 -28.06 4.33 -25.21
CA MET A 62 -27.08 4.46 -26.26
C MET A 62 -25.66 4.10 -25.86
N GLY A 63 -25.32 4.52 -24.64
CA GLY A 63 -24.05 4.27 -23.96
C GLY A 63 -23.38 2.95 -24.24
N PRO A 64 -24.03 1.78 -24.01
CA PRO A 64 -23.45 0.48 -24.27
C PRO A 64 -23.00 0.21 -25.71
N ILE A 65 -23.46 0.86 -26.81
CA ILE A 65 -22.95 0.53 -28.15
C ILE A 65 -21.48 0.99 -28.24
N LYS A 66 -20.58 0.01 -28.10
CA LYS A 66 -19.13 0.21 -27.97
C LYS A 66 -18.25 0.71 -29.12
N ASP A 67 -18.71 0.90 -30.36
CA ASP A 67 -17.88 1.50 -31.41
C ASP A 67 -18.46 2.75 -32.09
N MET A 68 -19.17 3.54 -31.31
CA MET A 68 -19.61 4.84 -31.77
C MET A 68 -18.85 5.71 -30.77
N VAL A 69 -18.54 6.96 -31.11
CA VAL A 69 -17.98 7.86 -30.12
C VAL A 69 -19.30 8.52 -29.69
N HIS A 70 -19.63 8.47 -28.39
CA HIS A 70 -20.88 9.08 -27.95
C HIS A 70 -20.41 10.33 -27.26
N ILE A 71 -20.65 11.44 -27.94
CA ILE A 71 -20.21 12.72 -27.47
C ILE A 71 -21.37 13.57 -26.96
N THR A 72 -21.13 13.89 -25.69
CA THR A 72 -21.97 14.75 -24.93
C THR A 72 -21.88 16.19 -25.44
N HIS A 73 -22.94 16.78 -26.00
CA HIS A 73 -22.84 18.19 -26.36
C HIS A 73 -23.33 19.01 -25.17
N GLY A 74 -22.43 19.57 -24.35
CA GLY A 74 -22.81 20.37 -23.20
C GLY A 74 -21.70 20.55 -22.17
N PRO A 75 -21.93 21.11 -20.96
CA PRO A 75 -20.89 21.29 -19.95
C PRO A 75 -20.35 19.97 -19.40
N ILE A 76 -19.18 20.11 -18.80
CA ILE A 76 -18.38 18.96 -18.39
C ILE A 76 -18.95 17.98 -17.39
N GLY A 77 -19.73 18.36 -16.41
CA GLY A 77 -20.30 17.42 -15.49
C GLY A 77 -21.14 16.43 -16.26
N CYS A 78 -21.94 16.78 -17.27
CA CYS A 78 -22.71 15.74 -17.96
C CYS A 78 -21.95 14.61 -18.63
N SER A 79 -20.72 14.89 -19.06
CA SER A 79 -19.87 13.91 -19.68
C SER A 79 -19.13 13.15 -18.58
N PHE A 80 -18.62 13.82 -17.56
CA PHE A 80 -17.88 13.20 -16.48
C PHE A 80 -18.72 12.20 -15.72
N TYR A 81 -20.02 12.41 -15.55
CA TYR A 81 -20.75 11.47 -14.73
C TYR A 81 -21.26 10.22 -15.41
N THR A 82 -20.99 10.11 -16.70
CA THR A 82 -21.20 8.88 -17.43
C THR A 82 -19.82 8.27 -17.76
N TRP A 83 -18.77 8.46 -16.91
CA TRP A 83 -17.44 7.86 -17.09
C TRP A 83 -17.28 6.67 -16.17
N GLY A 84 -17.70 5.53 -16.66
CA GLY A 84 -17.57 4.26 -15.96
C GLY A 84 -18.45 3.93 -14.77
N GLY A 85 -19.41 4.73 -14.33
CA GLY A 85 -20.24 4.34 -13.19
C GLY A 85 -21.32 3.26 -13.46
N ARG A 86 -21.88 3.27 -14.70
CA ARG A 86 -22.89 2.33 -15.20
C ARG A 86 -22.07 1.15 -15.75
N ARG A 87 -22.24 -0.05 -15.23
CA ARG A 87 -21.33 -1.16 -15.47
C ARG A 87 -21.49 -2.09 -16.63
N PHE A 88 -21.74 -1.50 -17.77
CA PHE A 88 -21.84 -2.29 -18.98
C PHE A 88 -20.45 -2.73 -19.42
N LYS A 89 -20.22 -4.05 -19.28
CA LYS A 89 -18.95 -4.62 -19.71
C LYS A 89 -19.06 -4.82 -21.22
N SER A 90 -17.99 -4.44 -21.95
CA SER A 90 -17.92 -4.52 -23.41
C SER A 90 -16.59 -5.27 -23.69
N LYS A 91 -16.31 -5.76 -24.89
CA LYS A 91 -15.09 -6.46 -25.29
C LYS A 91 -15.10 -6.32 -26.82
N PRO A 92 -13.95 -6.00 -27.42
CA PRO A 92 -13.78 -5.80 -28.85
C PRO A 92 -14.31 -6.92 -29.67
N GLU A 93 -15.01 -6.52 -30.69
CA GLU A 93 -15.54 -7.53 -31.57
C GLU A 93 -14.40 -8.32 -32.23
N ASN A 94 -14.36 -9.57 -31.79
CA ASN A 94 -13.44 -10.57 -32.34
C ASN A 94 -11.94 -10.15 -32.36
N GLY A 95 -11.46 -9.50 -31.30
CA GLY A 95 -10.07 -9.06 -31.25
C GLY A 95 -9.85 -7.69 -31.89
N THR A 96 -9.73 -7.60 -33.21
CA THR A 96 -9.59 -6.27 -33.78
C THR A 96 -11.09 -5.93 -33.92
N GLY A 97 -11.55 -5.12 -32.94
CA GLY A 97 -12.88 -4.55 -32.93
C GLY A 97 -12.69 -3.24 -32.18
N LEU A 98 -13.23 -2.10 -32.66
CA LEU A 98 -13.11 -0.86 -31.89
C LEU A 98 -13.95 -1.02 -30.64
N ASN A 99 -13.41 -0.42 -29.58
CA ASN A 99 -14.07 -0.34 -28.27
C ASN A 99 -13.69 1.03 -27.72
N PHE A 100 -14.67 1.88 -27.39
CA PHE A 100 -14.40 3.13 -26.72
C PHE A 100 -14.96 3.14 -25.31
N ASN A 101 -15.25 1.99 -24.65
CA ASN A 101 -15.87 1.95 -23.32
C ASN A 101 -15.15 2.71 -22.20
N GLU A 102 -13.81 2.95 -22.25
CA GLU A 102 -13.06 3.53 -21.11
C GLU A 102 -12.63 5.00 -21.17
N TYR A 103 -13.39 5.62 -22.12
CA TYR A 103 -13.33 7.00 -22.59
C TYR A 103 -14.64 7.78 -22.48
N VAL A 104 -14.60 9.09 -22.34
CA VAL A 104 -15.78 9.91 -22.20
C VAL A 104 -15.48 11.19 -22.95
N PHE A 105 -16.23 11.35 -24.04
CA PHE A 105 -16.05 12.42 -25.02
C PHE A 105 -17.02 13.56 -24.78
N SER A 106 -16.69 14.78 -25.21
CA SER A 106 -17.43 15.99 -24.90
C SER A 106 -17.03 17.16 -25.81
N THR A 107 -17.91 18.13 -26.03
CA THR A 107 -17.44 19.41 -26.54
C THR A 107 -17.55 20.05 -25.17
N ASP A 108 -16.59 20.43 -24.34
CA ASP A 108 -17.00 20.89 -23.02
C ASP A 108 -17.40 22.37 -23.10
N MET A 109 -18.67 22.56 -22.79
CA MET A 109 -19.25 23.86 -22.98
C MET A 109 -18.70 24.77 -21.89
N GLN A 110 -18.69 25.99 -22.43
CA GLN A 110 -18.08 27.17 -21.92
C GLN A 110 -19.05 28.31 -21.88
N GLU A 111 -18.56 29.41 -21.37
CA GLU A 111 -19.28 30.66 -21.25
C GLU A 111 -19.63 31.28 -22.58
N SER A 112 -18.68 31.31 -23.51
CA SER A 112 -18.87 31.99 -24.77
C SER A 112 -19.85 31.22 -25.60
N ASP A 113 -19.84 29.91 -25.36
CA ASP A 113 -20.74 28.95 -25.95
C ASP A 113 -22.17 29.19 -25.50
N ILE A 114 -22.43 29.53 -24.26
CA ILE A 114 -23.78 29.81 -23.86
C ILE A 114 -24.17 31.11 -24.57
N VAL A 115 -23.34 32.17 -24.54
CA VAL A 115 -23.81 33.43 -25.10
C VAL A 115 -23.73 33.46 -26.60
N PHE A 116 -23.01 32.58 -27.25
CA PHE A 116 -22.94 32.57 -28.71
C PHE A 116 -23.22 31.18 -29.32
N GLY A 117 -23.49 30.18 -28.47
CA GLY A 117 -23.80 28.86 -28.96
C GLY A 117 -22.58 28.05 -29.27
N GLY A 118 -22.32 26.96 -28.58
CA GLY A 118 -21.18 26.12 -28.96
C GLY A 118 -21.54 25.18 -30.11
N VAL A 119 -22.31 25.67 -31.09
CA VAL A 119 -22.77 24.86 -32.22
C VAL A 119 -21.59 24.58 -33.13
N ASN A 120 -20.70 25.59 -33.14
CA ASN A 120 -19.51 25.47 -33.92
C ASN A 120 -18.44 24.59 -33.26
N LYS A 121 -18.44 24.47 -31.94
CA LYS A 121 -17.53 23.56 -31.30
C LYS A 121 -17.95 22.13 -31.57
N LEU A 122 -19.26 21.91 -31.69
CA LEU A 122 -19.74 20.58 -31.92
C LEU A 122 -19.31 20.17 -33.32
N LYS A 123 -19.45 21.06 -34.30
CA LYS A 123 -19.00 20.84 -35.67
C LYS A 123 -17.54 20.41 -35.68
N ASP A 124 -16.61 21.12 -35.01
CA ASP A 124 -15.18 20.77 -34.98
C ASP A 124 -14.87 19.57 -34.15
N ALA A 125 -15.44 19.40 -32.97
CA ALA A 125 -15.25 18.18 -32.23
C ALA A 125 -15.67 16.90 -32.96
N ILE A 126 -16.72 16.86 -33.78
CA ILE A 126 -17.09 15.67 -34.55
C ILE A 126 -15.96 15.17 -35.50
N HIS A 127 -15.22 16.09 -36.12
CA HIS A 127 -14.09 15.68 -36.96
C HIS A 127 -12.95 16.35 -36.25
N GLU A 128 -12.61 15.44 -35.33
CA GLU A 128 -11.50 15.44 -34.38
C GLU A 128 -11.72 13.99 -33.98
N ALA A 129 -12.89 13.63 -33.42
CA ALA A 129 -13.28 12.25 -33.06
C ALA A 129 -13.17 11.21 -34.19
N TYR A 130 -13.76 11.52 -35.33
CA TYR A 130 -13.68 10.72 -36.55
C TYR A 130 -12.25 10.54 -37.09
N GLU A 131 -11.46 11.59 -37.01
CA GLU A 131 -10.10 11.70 -37.52
C GLU A 131 -9.10 10.91 -36.70
N MET A 132 -9.22 11.20 -35.41
CA MET A 132 -8.47 10.53 -34.37
C MET A 132 -8.95 9.08 -34.21
N PHE A 133 -10.23 8.79 -34.14
CA PHE A 133 -10.66 7.43 -33.86
C PHE A 133 -11.19 6.61 -35.02
N HIS A 134 -11.91 7.26 -35.94
CA HIS A 134 -12.68 6.65 -37.00
C HIS A 134 -13.60 5.67 -36.31
N PRO A 135 -14.74 6.21 -35.81
CA PRO A 135 -15.91 5.43 -35.39
C PRO A 135 -16.68 4.58 -36.43
N ALA A 136 -17.76 3.88 -36.01
CA ALA A 136 -18.74 3.23 -36.89
C ALA A 136 -19.83 4.27 -37.20
N ALA A 137 -20.33 4.94 -36.15
CA ALA A 137 -21.22 6.06 -36.19
C ALA A 137 -20.67 7.09 -35.21
N ILE A 138 -21.01 8.36 -35.19
CA ILE A 138 -20.64 9.22 -34.08
C ILE A 138 -21.98 9.59 -33.39
N GLY A 139 -22.21 9.79 -32.07
CA GLY A 139 -23.51 10.12 -31.50
C GLY A 139 -23.44 11.47 -30.80
N VAL A 140 -24.44 12.35 -30.92
CA VAL A 140 -24.45 13.70 -30.34
C VAL A 140 -25.46 13.79 -29.22
N TYR A 141 -25.19 14.16 -27.97
CA TYR A 141 -26.24 14.05 -26.98
C TYR A 141 -26.97 15.19 -26.25
N ALA A 142 -26.88 16.49 -26.54
CA ALA A 142 -27.65 17.52 -25.80
C ALA A 142 -28.01 17.55 -24.30
N THR A 143 -27.31 18.37 -23.50
CA THR A 143 -27.65 18.58 -22.09
C THR A 143 -28.61 19.79 -21.84
N CYS A 144 -29.01 20.19 -20.63
CA CYS A 144 -29.87 21.34 -20.37
C CYS A 144 -29.77 22.63 -21.24
N PRO A 145 -28.65 23.35 -21.37
CA PRO A 145 -28.60 24.61 -22.10
C PRO A 145 -28.73 24.46 -23.60
N VAL A 146 -28.45 23.32 -24.18
CA VAL A 146 -28.42 23.17 -25.62
C VAL A 146 -29.80 23.48 -26.24
N GLY A 147 -30.90 23.05 -25.59
CA GLY A 147 -32.26 23.39 -26.01
C GLY A 147 -32.47 24.90 -25.92
N LEU A 148 -32.18 25.44 -24.73
CA LEU A 148 -32.19 26.88 -24.42
C LEU A 148 -31.39 27.79 -25.39
N ILE A 149 -30.18 27.39 -25.72
CA ILE A 149 -29.21 28.18 -26.48
C ILE A 149 -29.43 28.20 -27.99
N GLY A 150 -30.28 27.36 -28.56
CA GLY A 150 -30.50 27.41 -30.01
C GLY A 150 -29.58 26.52 -30.87
N ASP A 151 -28.55 25.84 -30.34
CA ASP A 151 -27.73 25.02 -31.21
C ASP A 151 -28.58 23.84 -31.61
N ASP A 152 -28.85 23.78 -32.91
CA ASP A 152 -29.54 22.64 -33.42
C ASP A 152 -28.55 21.57 -33.92
N ILE A 153 -28.35 20.69 -32.94
CA ILE A 153 -27.45 19.56 -33.04
C ILE A 153 -27.87 18.64 -34.16
N LEU A 154 -29.17 18.58 -34.47
CA LEU A 154 -29.75 17.71 -35.50
C LEU A 154 -29.28 18.06 -36.90
N ALA A 155 -29.31 19.37 -37.14
CA ALA A 155 -28.82 19.90 -38.38
C ALA A 155 -27.28 19.87 -38.38
N VAL A 156 -26.46 20.24 -37.35
CA VAL A 156 -24.98 20.09 -37.46
C VAL A 156 -24.58 18.65 -37.80
N ALA A 157 -25.22 17.72 -37.06
CA ALA A 157 -24.99 16.30 -37.19
C ALA A 157 -25.16 15.82 -38.61
N ALA A 158 -26.36 16.03 -39.15
CA ALA A 158 -26.69 15.61 -40.49
C ALA A 158 -25.70 16.09 -41.55
N THR A 159 -25.30 17.34 -41.44
CA THR A 159 -24.32 17.94 -42.35
C THR A 159 -22.93 17.30 -42.27
N ALA A 160 -22.33 17.30 -41.04
CA ALA A 160 -21.01 16.77 -40.77
C ALA A 160 -20.94 15.33 -41.20
N SER A 161 -22.03 14.59 -40.97
CA SER A 161 -22.22 13.20 -41.36
C SER A 161 -21.95 13.00 -42.86
N LYS A 162 -22.54 13.82 -43.72
CA LYS A 162 -22.32 13.83 -45.17
C LYS A 162 -20.84 14.07 -45.52
N GLU A 163 -20.22 15.03 -44.81
CA GLU A 163 -18.80 15.35 -44.96
C GLU A 163 -17.89 14.18 -44.65
N ILE A 164 -18.11 13.67 -43.45
CA ILE A 164 -17.34 12.63 -42.82
C ILE A 164 -17.57 11.27 -43.47
N GLY A 165 -18.76 11.05 -44.04
CA GLY A 165 -19.14 9.75 -44.56
C GLY A 165 -19.96 9.05 -43.48
N ILE A 166 -19.38 8.65 -42.32
CA ILE A 166 -20.03 8.04 -41.15
C ILE A 166 -21.41 8.59 -40.70
N PRO A 167 -22.31 7.73 -40.16
CA PRO A 167 -23.49 8.11 -39.41
C PRO A 167 -23.39 9.09 -38.24
N VAL A 168 -23.31 10.42 -38.25
CA VAL A 168 -23.40 11.18 -36.98
C VAL A 168 -24.86 11.30 -36.49
N HIS A 169 -25.25 10.73 -35.34
CA HIS A 169 -26.65 10.65 -34.90
C HIS A 169 -27.03 11.61 -33.76
N ALA A 170 -27.69 12.76 -33.96
CA ALA A 170 -28.02 13.64 -32.84
C ALA A 170 -29.29 13.26 -32.06
N PHE A 171 -29.22 13.16 -30.71
CA PHE A 171 -30.26 12.76 -29.77
C PHE A 171 -30.68 13.88 -28.80
N SER A 172 -31.84 14.54 -28.88
CA SER A 172 -32.18 15.55 -27.89
C SER A 172 -32.68 15.02 -26.52
N CYS A 173 -31.77 14.86 -25.55
CA CYS A 173 -32.24 14.47 -24.24
C CYS A 173 -31.91 15.50 -23.17
N GLU A 174 -32.09 16.79 -23.42
CA GLU A 174 -31.81 17.77 -22.41
C GLU A 174 -32.63 17.48 -21.19
N GLY A 175 -31.89 17.13 -20.16
CA GLY A 175 -32.34 16.69 -18.88
C GLY A 175 -33.50 17.41 -18.23
N TYR A 176 -33.95 18.60 -18.67
CA TYR A 176 -35.17 19.22 -18.12
C TYR A 176 -36.44 18.59 -18.73
N LYS A 177 -36.23 17.77 -19.77
CA LYS A 177 -37.21 16.93 -20.43
C LYS A 177 -37.61 15.79 -19.53
N GLY A 178 -38.88 15.44 -19.73
CA GLY A 178 -39.49 14.34 -19.01
C GLY A 178 -39.77 14.72 -17.56
N VAL A 179 -39.72 13.64 -16.75
CA VAL A 179 -39.83 13.70 -15.29
C VAL A 179 -38.78 12.78 -14.65
N SER A 180 -37.94 12.11 -15.47
CA SER A 180 -37.04 11.04 -15.04
C SER A 180 -36.23 10.50 -16.22
N GLN A 181 -35.52 9.42 -15.99
CA GLN A 181 -34.76 8.75 -17.03
C GLN A 181 -35.62 8.09 -18.08
N SER A 182 -36.93 7.88 -17.94
CA SER A 182 -37.80 7.28 -18.96
C SER A 182 -37.88 8.01 -20.30
N ALA A 183 -37.92 9.32 -20.18
CA ALA A 183 -37.96 10.25 -21.28
C ALA A 183 -36.81 10.00 -22.25
N GLY A 184 -35.65 9.66 -21.67
CA GLY A 184 -34.46 9.30 -22.38
C GLY A 184 -34.63 7.98 -23.10
N HIS A 185 -35.29 6.98 -22.48
CA HIS A 185 -35.50 5.69 -23.15
C HIS A 185 -36.50 5.85 -24.28
N HIS A 186 -37.52 6.75 -24.27
CA HIS A 186 -38.37 6.94 -25.43
C HIS A 186 -37.56 7.63 -26.56
N ILE A 187 -36.83 8.74 -26.37
CA ILE A 187 -36.00 9.49 -27.34
C ILE A 187 -34.98 8.67 -28.13
N ALA A 188 -34.22 7.84 -27.42
CA ALA A 188 -33.24 6.92 -27.97
C ALA A 188 -33.85 5.88 -28.88
N ASN A 189 -34.96 5.31 -28.40
CA ASN A 189 -35.71 4.28 -29.08
C ASN A 189 -36.29 4.68 -30.44
N ASN A 190 -36.81 5.90 -30.69
CA ASN A 190 -37.26 6.20 -32.04
C ASN A 190 -36.10 6.26 -33.00
N THR A 191 -35.08 7.10 -32.75
CA THR A 191 -33.93 7.29 -33.61
C THR A 191 -33.15 6.03 -33.99
N VAL A 192 -32.95 5.16 -33.02
CA VAL A 192 -32.26 3.94 -33.33
C VAL A 192 -33.16 3.10 -34.26
N MET A 193 -34.47 3.10 -34.11
CA MET A 193 -35.39 2.32 -34.92
C MET A 193 -35.46 2.83 -36.37
N THR A 194 -35.77 4.10 -36.46
CA THR A 194 -35.92 4.87 -37.67
C THR A 194 -34.66 4.88 -38.56
N ASP A 195 -33.50 5.26 -37.99
CA ASP A 195 -32.29 5.32 -38.78
C ASP A 195 -31.08 4.54 -38.29
N ILE A 196 -31.23 3.45 -37.58
CA ILE A 196 -30.10 2.61 -37.31
C ILE A 196 -30.61 1.22 -37.63
N ILE A 197 -31.59 0.70 -36.89
CA ILE A 197 -32.04 -0.68 -36.93
C ILE A 197 -32.27 -1.52 -38.18
N GLY A 198 -32.84 -1.25 -39.34
CA GLY A 198 -32.99 -2.33 -40.32
C GLY A 198 -32.27 -1.98 -41.59
N LYS A 199 -31.02 -1.59 -41.33
CA LYS A 199 -30.10 -1.02 -42.32
C LYS A 199 -28.94 -1.90 -42.69
N GLY A 200 -28.84 -3.07 -42.06
CA GLY A 200 -27.78 -3.98 -42.37
C GLY A 200 -28.15 -4.83 -43.55
N ASN A 201 -27.24 -5.76 -43.81
CA ASN A 201 -27.42 -6.71 -44.86
C ASN A 201 -26.88 -8.08 -44.48
N LYS A 202 -27.01 -8.51 -43.23
CA LYS A 202 -26.65 -9.89 -42.88
C LYS A 202 -27.76 -10.86 -43.39
N GLU A 203 -27.38 -12.09 -43.74
CA GLU A 203 -28.31 -13.10 -44.22
C GLU A 203 -28.72 -13.80 -42.93
N GLN A 204 -29.83 -13.41 -42.31
CA GLN A 204 -30.38 -14.09 -41.15
C GLN A 204 -30.11 -15.60 -41.02
N LYS A 205 -30.00 -15.94 -39.73
CA LYS A 205 -29.64 -17.26 -39.31
C LYS A 205 -30.70 -18.09 -38.64
N LYS A 206 -30.31 -19.37 -38.58
CA LYS A 206 -31.01 -20.42 -37.85
C LYS A 206 -31.21 -20.01 -36.37
N TYR A 207 -32.49 -19.84 -36.01
CA TYR A 207 -32.92 -19.52 -34.65
C TYR A 207 -32.31 -18.24 -34.11
N SER A 208 -32.33 -17.28 -35.03
CA SER A 208 -31.91 -15.95 -34.71
C SER A 208 -33.00 -15.45 -33.76
N ILE A 209 -32.51 -15.35 -32.54
CA ILE A 209 -33.23 -14.78 -31.45
C ILE A 209 -32.56 -13.40 -31.19
N ASN A 210 -33.05 -12.43 -30.41
CA ASN A 210 -32.38 -11.16 -30.12
C ASN A 210 -32.58 -10.94 -28.64
N VAL A 211 -31.71 -10.36 -27.82
CA VAL A 211 -32.21 -10.00 -26.48
C VAL A 211 -32.34 -8.49 -26.63
N LEU A 212 -33.40 -7.91 -26.11
CA LEU A 212 -33.68 -6.52 -26.28
C LEU A 212 -33.88 -5.98 -24.90
N GLY A 213 -33.18 -4.86 -24.71
CA GLY A 213 -33.19 -4.16 -23.45
C GLY A 213 -32.38 -4.91 -22.44
N GLU A 214 -31.13 -5.11 -22.88
CA GLU A 214 -30.09 -5.75 -22.08
C GLU A 214 -28.82 -5.01 -22.48
N TYR A 215 -28.17 -4.51 -21.43
CA TYR A 215 -27.03 -3.61 -21.53
C TYR A 215 -25.70 -4.20 -21.02
N ASN A 216 -25.76 -5.49 -20.67
CA ASN A 216 -24.66 -6.32 -20.15
C ASN A 216 -23.91 -5.85 -18.88
N ILE A 217 -24.62 -5.66 -17.77
CA ILE A 217 -24.00 -5.18 -16.54
C ILE A 217 -23.37 -6.31 -15.74
N GLY A 218 -22.05 -6.16 -15.72
CA GLY A 218 -21.22 -7.17 -15.15
C GLY A 218 -21.41 -8.46 -15.92
N GLY A 219 -21.41 -8.51 -17.25
CA GLY A 219 -21.38 -9.78 -17.94
C GLY A 219 -22.65 -10.62 -17.89
N ASP A 220 -23.75 -9.96 -17.55
CA ASP A 220 -25.07 -10.57 -17.57
C ASP A 220 -25.50 -11.18 -18.90
N ALA A 221 -25.18 -10.45 -19.97
CA ALA A 221 -25.51 -10.85 -21.31
C ALA A 221 -24.62 -12.00 -21.70
N TRP A 222 -23.36 -11.97 -21.31
CA TRP A 222 -22.43 -13.02 -21.60
C TRP A 222 -22.93 -14.30 -20.94
N GLU A 223 -23.40 -14.30 -19.67
CA GLU A 223 -24.05 -15.49 -19.16
C GLU A 223 -25.34 -15.78 -19.93
N MET A 224 -26.34 -14.90 -20.13
CA MET A 224 -27.52 -15.21 -20.96
C MET A 224 -27.21 -15.95 -22.27
N ASP A 225 -26.33 -15.41 -23.09
CA ASP A 225 -25.89 -16.04 -24.33
C ASP A 225 -25.18 -17.37 -24.06
N ARG A 226 -24.30 -17.65 -23.07
CA ARG A 226 -23.72 -18.99 -22.93
C ARG A 226 -24.76 -20.09 -22.68
N VAL A 227 -25.90 -19.88 -21.99
CA VAL A 227 -26.99 -20.87 -21.88
C VAL A 227 -27.70 -20.99 -23.25
N LEU A 228 -28.10 -19.86 -23.86
CA LEU A 228 -28.78 -19.79 -25.16
C LEU A 228 -27.97 -20.34 -26.35
N GLU A 229 -26.66 -20.26 -26.20
CA GLU A 229 -25.74 -20.68 -27.25
C GLU A 229 -25.57 -22.17 -27.20
N LYS A 230 -25.60 -22.68 -25.97
CA LYS A 230 -25.50 -24.09 -25.69
C LYS A 230 -26.66 -24.75 -26.40
N ILE A 231 -27.89 -24.37 -26.00
CA ILE A 231 -29.14 -24.90 -26.57
C ILE A 231 -29.13 -24.90 -28.11
N GLY A 232 -28.81 -23.82 -28.80
CA GLY A 232 -28.75 -23.87 -30.27
C GLY A 232 -29.28 -22.62 -30.99
N TYR A 233 -29.73 -21.62 -30.20
CA TYR A 233 -30.22 -20.41 -30.81
C TYR A 233 -28.97 -19.60 -31.15
N HIS A 234 -29.17 -18.66 -32.06
CA HIS A 234 -28.13 -17.77 -32.48
C HIS A 234 -28.73 -16.43 -32.08
N VAL A 235 -28.16 -15.84 -31.03
CA VAL A 235 -28.55 -14.52 -30.55
C VAL A 235 -28.05 -13.55 -31.64
N ASN A 236 -28.75 -12.51 -32.10
CA ASN A 236 -28.32 -11.76 -33.28
C ASN A 236 -28.00 -10.29 -33.03
N ALA A 237 -28.68 -9.78 -32.02
CA ALA A 237 -28.49 -8.49 -31.45
C ALA A 237 -28.81 -8.65 -29.96
N THR A 238 -28.09 -8.00 -29.07
CA THR A 238 -28.57 -7.84 -27.69
C THR A 238 -28.77 -6.33 -27.80
N LEU A 239 -29.93 -5.74 -27.43
CA LEU A 239 -30.16 -4.31 -27.65
C LEU A 239 -29.91 -3.39 -26.48
N THR A 240 -28.64 -3.21 -26.91
CA THR A 240 -27.40 -2.46 -26.76
C THR A 240 -26.36 -3.23 -26.01
N GLY A 241 -26.35 -3.85 -24.85
CA GLY A 241 -25.28 -4.75 -24.39
C GLY A 241 -23.83 -4.40 -24.68
N ASP A 242 -23.22 -5.35 -25.38
CA ASP A 242 -21.83 -5.20 -25.87
C ASP A 242 -22.00 -5.10 -27.42
N ALA A 243 -22.88 -4.20 -27.92
CA ALA A 243 -23.28 -4.18 -29.33
C ALA A 243 -22.46 -3.36 -30.24
N THR A 244 -22.21 -3.93 -31.39
CA THR A 244 -21.56 -3.14 -32.38
C THR A 244 -22.73 -2.40 -33.00
N TYR A 245 -22.43 -1.22 -33.54
CA TYR A 245 -23.42 -0.40 -34.21
C TYR A 245 -24.04 -1.23 -35.33
N GLU A 246 -23.16 -2.03 -35.93
CA GLU A 246 -23.46 -2.97 -36.97
C GLU A 246 -24.49 -4.04 -36.59
N LYS A 247 -24.39 -4.84 -35.51
CA LYS A 247 -25.48 -5.76 -35.21
C LYS A 247 -26.73 -5.09 -34.67
N VAL A 248 -26.73 -3.77 -34.44
CA VAL A 248 -27.95 -3.05 -34.13
C VAL A 248 -28.64 -2.76 -35.48
N GLN A 249 -27.87 -2.35 -36.49
CA GLN A 249 -28.42 -2.13 -37.83
C GLN A 249 -29.06 -3.38 -38.42
N ASN A 250 -28.74 -4.52 -37.84
CA ASN A 250 -29.22 -5.81 -38.26
C ASN A 250 -29.99 -6.46 -37.15
N ALA A 251 -30.65 -5.65 -36.29
CA ALA A 251 -31.51 -6.17 -35.22
C ALA A 251 -32.80 -6.86 -35.77
N ASP A 252 -33.11 -6.49 -37.01
CA ASP A 252 -34.24 -6.97 -37.76
C ASP A 252 -34.07 -8.39 -38.29
N LYS A 253 -32.94 -9.08 -38.11
CA LYS A 253 -32.71 -10.39 -38.69
C LYS A 253 -32.80 -11.53 -37.68
N ALA A 254 -33.87 -11.43 -36.91
CA ALA A 254 -34.30 -12.41 -35.92
C ALA A 254 -35.75 -12.80 -36.19
N ASP A 255 -36.06 -13.94 -35.60
CA ASP A 255 -37.41 -14.46 -35.67
C ASP A 255 -38.20 -14.06 -34.42
N LEU A 256 -37.64 -14.13 -33.18
CA LEU A 256 -38.31 -13.88 -31.89
C LEU A 256 -37.52 -12.80 -31.14
N ASN A 257 -38.15 -11.85 -30.42
CA ASN A 257 -37.48 -10.76 -29.69
C ASN A 257 -37.75 -10.98 -28.22
N LEU A 258 -36.69 -11.14 -27.45
CA LEU A 258 -36.83 -11.41 -26.05
C LEU A 258 -36.67 -10.06 -25.40
N VAL A 259 -37.71 -9.47 -24.80
CA VAL A 259 -37.55 -8.22 -24.06
C VAL A 259 -37.25 -8.55 -22.60
N GLN A 260 -36.07 -8.11 -22.13
CA GLN A 260 -35.67 -8.27 -20.76
C GLN A 260 -36.14 -7.00 -20.04
N CYS A 261 -35.60 -5.79 -20.23
CA CYS A 261 -36.21 -4.65 -19.59
C CYS A 261 -37.40 -4.13 -20.42
N HIS A 262 -38.58 -4.23 -19.82
CA HIS A 262 -39.75 -3.70 -20.49
C HIS A 262 -39.73 -2.17 -20.45
N ARG A 263 -39.30 -1.42 -19.43
CA ARG A 263 -39.45 0.02 -19.50
C ARG A 263 -38.56 0.64 -20.55
N SER A 264 -37.36 0.15 -20.73
CA SER A 264 -36.49 0.76 -21.68
C SER A 264 -36.79 0.39 -23.10
N ILE A 265 -36.62 -0.80 -23.68
CA ILE A 265 -36.94 -0.84 -25.10
C ILE A 265 -38.21 -1.58 -25.51
N ASN A 266 -39.31 -1.11 -24.92
CA ASN A 266 -40.63 -1.64 -25.30
C ASN A 266 -41.17 -0.95 -26.56
N TYR A 267 -40.70 0.27 -26.85
CA TYR A 267 -41.01 1.09 -28.00
C TYR A 267 -40.36 0.34 -29.15
N ILE A 268 -39.16 -0.25 -29.05
CA ILE A 268 -38.47 -0.96 -30.14
C ILE A 268 -39.31 -2.18 -30.44
N ALA A 269 -39.68 -2.95 -29.39
CA ALA A 269 -40.36 -4.25 -29.51
C ALA A 269 -41.59 -4.24 -30.36
N GLU A 270 -42.32 -3.18 -30.00
CA GLU A 270 -43.56 -2.68 -30.56
C GLU A 270 -43.31 -2.36 -32.04
N MET A 271 -42.61 -1.28 -32.37
CA MET A 271 -42.40 -0.90 -33.75
C MET A 271 -41.75 -1.92 -34.65
N MET A 272 -40.96 -2.82 -34.06
CA MET A 272 -40.21 -3.87 -34.74
C MET A 272 -41.13 -4.95 -35.25
N GLU A 273 -42.09 -5.37 -34.42
CA GLU A 273 -43.18 -6.29 -34.75
C GLU A 273 -43.95 -5.65 -35.89
N THR A 274 -44.50 -4.48 -35.66
CA THR A 274 -45.27 -3.73 -36.62
C THR A 274 -44.58 -3.38 -37.93
N LYS A 275 -43.28 -3.36 -38.09
CA LYS A 275 -42.70 -3.04 -39.37
C LYS A 275 -42.24 -4.29 -40.11
N TYR A 276 -41.81 -5.31 -39.34
CA TYR A 276 -41.17 -6.52 -39.87
C TYR A 276 -41.88 -7.85 -39.56
N GLY A 277 -42.82 -7.83 -38.65
CA GLY A 277 -43.54 -9.02 -38.24
C GLY A 277 -42.86 -9.83 -37.14
N ILE A 278 -41.86 -9.29 -36.42
CA ILE A 278 -41.14 -10.03 -35.41
C ILE A 278 -41.85 -9.97 -34.04
N PRO A 279 -42.57 -11.03 -33.54
CA PRO A 279 -43.13 -11.07 -32.18
C PRO A 279 -42.10 -11.00 -31.02
N TRP A 280 -42.49 -10.26 -29.97
CA TRP A 280 -41.72 -10.24 -28.74
C TRP A 280 -42.29 -11.12 -27.64
N ILE A 281 -41.49 -11.76 -26.79
CA ILE A 281 -42.03 -12.40 -25.61
C ILE A 281 -41.42 -11.63 -24.44
N LYS A 282 -42.10 -11.71 -23.32
CA LYS A 282 -41.54 -11.13 -22.11
C LYS A 282 -40.60 -12.18 -21.50
N CYS A 283 -39.29 -11.93 -21.59
CA CYS A 283 -38.33 -12.87 -21.05
C CYS A 283 -37.80 -12.36 -19.69
N ASN A 284 -37.17 -13.23 -18.90
CA ASN A 284 -36.59 -12.88 -17.61
C ASN A 284 -35.46 -13.87 -17.31
N PHE A 285 -34.19 -13.52 -17.35
CA PHE A 285 -33.13 -14.48 -17.03
C PHE A 285 -32.52 -14.31 -15.63
N ILE A 286 -33.27 -13.73 -14.68
CA ILE A 286 -32.84 -13.49 -13.31
C ILE A 286 -33.64 -14.49 -12.48
N GLY A 287 -33.01 -15.41 -11.76
CA GLY A 287 -33.76 -16.33 -10.92
C GLY A 287 -33.97 -17.61 -11.69
N VAL A 288 -33.82 -18.78 -11.07
CA VAL A 288 -33.93 -20.04 -11.81
C VAL A 288 -35.34 -20.29 -12.35
N ASP A 289 -36.36 -19.71 -11.71
CA ASP A 289 -37.69 -19.84 -12.22
C ASP A 289 -37.81 -18.98 -13.44
N GLY A 290 -37.41 -17.71 -13.28
CA GLY A 290 -37.47 -16.74 -14.35
C GLY A 290 -36.85 -17.30 -15.62
N ILE A 291 -35.64 -17.85 -15.48
CA ILE A 291 -34.97 -18.35 -16.66
C ILE A 291 -35.56 -19.65 -17.19
N VAL A 292 -35.95 -20.67 -16.41
CA VAL A 292 -36.47 -21.90 -17.03
C VAL A 292 -37.75 -21.70 -17.83
N GLU A 293 -38.69 -20.83 -17.40
CA GLU A 293 -39.93 -20.66 -18.17
C GLU A 293 -39.64 -19.82 -19.41
N THR A 294 -38.87 -18.73 -19.40
CA THR A 294 -38.39 -18.00 -20.57
C THR A 294 -38.02 -18.99 -21.71
N LEU A 295 -37.16 -19.95 -21.32
CA LEU A 295 -36.62 -20.98 -22.19
C LEU A 295 -37.64 -21.91 -22.78
N ARG A 296 -38.55 -22.32 -21.91
CA ARG A 296 -39.64 -23.17 -22.31
C ARG A 296 -40.55 -22.44 -23.28
N ASP A 297 -40.97 -21.20 -23.03
CA ASP A 297 -41.81 -20.40 -23.90
C ASP A 297 -41.12 -20.03 -25.20
N MET A 298 -39.80 -19.88 -25.18
CA MET A 298 -39.01 -19.64 -26.39
C MET A 298 -39.12 -20.85 -27.32
N ALA A 299 -39.11 -22.04 -26.71
CA ALA A 299 -39.23 -23.30 -27.42
C ALA A 299 -40.64 -23.46 -27.94
N LYS A 300 -41.64 -23.02 -27.17
CA LYS A 300 -42.99 -23.01 -27.67
C LYS A 300 -43.07 -22.20 -28.98
N CYS A 301 -42.36 -21.07 -29.12
CA CYS A 301 -42.37 -20.31 -30.38
C CYS A 301 -41.50 -20.85 -31.53
N PHE A 302 -40.30 -21.47 -31.31
CA PHE A 302 -39.51 -22.17 -32.36
C PHE A 302 -39.82 -23.67 -32.19
N ASP A 303 -41.12 -23.99 -32.45
CA ASP A 303 -41.61 -25.33 -32.19
C ASP A 303 -40.89 -26.28 -33.12
N ASP A 304 -39.92 -26.91 -32.43
CA ASP A 304 -38.95 -27.71 -33.11
C ASP A 304 -38.50 -28.80 -32.16
N PRO A 305 -39.05 -30.04 -32.17
CA PRO A 305 -38.60 -31.20 -31.36
C PRO A 305 -37.14 -31.27 -30.84
N GLU A 306 -36.07 -31.29 -31.67
CA GLU A 306 -34.71 -31.25 -31.09
C GLU A 306 -34.53 -29.98 -30.26
N LEU A 307 -34.91 -28.77 -30.69
CA LEU A 307 -34.74 -27.54 -29.96
C LEU A 307 -35.56 -27.61 -28.70
N THR A 308 -36.71 -28.23 -28.78
CA THR A 308 -37.60 -28.25 -27.66
C THR A 308 -37.09 -29.26 -26.62
N LYS A 309 -36.23 -30.20 -26.99
CA LYS A 309 -35.69 -31.10 -25.98
C LYS A 309 -34.28 -30.67 -25.55
N ARG A 310 -33.47 -30.07 -26.46
CA ARG A 310 -32.16 -29.48 -26.20
C ARG A 310 -32.35 -28.52 -25.02
N THR A 311 -33.44 -27.69 -24.97
CA THR A 311 -33.78 -26.78 -23.86
C THR A 311 -33.90 -27.59 -22.55
N GLU A 312 -34.66 -28.66 -22.58
CA GLU A 312 -34.87 -29.58 -21.47
C GLU A 312 -33.60 -30.29 -20.96
N GLU A 313 -32.71 -30.57 -21.89
CA GLU A 313 -31.42 -31.20 -21.66
C GLU A 313 -30.49 -30.27 -20.88
N VAL A 314 -30.23 -29.10 -21.47
CA VAL A 314 -29.38 -28.08 -20.89
C VAL A 314 -29.94 -27.51 -19.58
N ILE A 315 -31.25 -27.20 -19.45
CA ILE A 315 -31.87 -26.77 -18.19
C ILE A 315 -31.46 -27.67 -17.02
N ALA A 316 -31.69 -28.99 -17.13
CA ALA A 316 -31.46 -29.97 -16.09
C ALA A 316 -30.00 -30.18 -15.71
N GLU A 317 -29.15 -30.22 -16.75
CA GLU A 317 -27.74 -30.39 -16.47
C GLU A 317 -27.21 -29.21 -15.70
N GLU A 318 -27.66 -28.00 -16.11
CA GLU A 318 -27.30 -26.72 -15.50
C GLU A 318 -27.86 -26.46 -14.09
N ILE A 319 -29.05 -26.96 -13.74
CA ILE A 319 -29.53 -26.84 -12.39
C ILE A 319 -28.84 -27.84 -11.48
N ALA A 320 -28.48 -29.05 -11.95
CA ALA A 320 -27.65 -29.96 -11.14
C ALA A 320 -26.39 -29.18 -10.75
N ALA A 321 -25.72 -28.60 -11.76
CA ALA A 321 -24.56 -27.72 -11.62
C ALA A 321 -24.69 -26.67 -10.52
N ILE A 322 -25.78 -25.89 -10.36
CA ILE A 322 -25.86 -24.92 -9.25
C ILE A 322 -26.75 -25.37 -8.05
N GLN A 323 -27.11 -26.67 -7.93
CA GLN A 323 -28.10 -27.15 -6.95
C GLN A 323 -27.77 -27.05 -5.47
N ASP A 324 -26.60 -27.62 -5.14
CA ASP A 324 -26.08 -27.75 -3.78
C ASP A 324 -25.91 -26.46 -3.02
N ASP A 325 -25.82 -25.33 -3.71
CA ASP A 325 -25.64 -24.11 -2.99
C ASP A 325 -26.86 -23.23 -3.01
N LEU A 326 -27.69 -23.37 -4.02
CA LEU A 326 -29.03 -22.80 -4.11
C LEU A 326 -29.80 -23.29 -2.88
N ASP A 327 -29.77 -24.58 -2.52
CA ASP A 327 -30.40 -25.00 -1.26
C ASP A 327 -29.48 -24.92 -0.07
N TYR A 328 -28.43 -24.11 -0.12
CA TYR A 328 -27.57 -23.83 1.03
C TYR A 328 -27.98 -22.39 1.30
N PHE A 329 -27.95 -21.56 0.28
CA PHE A 329 -28.40 -20.18 0.30
C PHE A 329 -29.70 -20.14 1.08
N LYS A 330 -30.59 -21.09 0.78
CA LYS A 330 -31.88 -21.17 1.44
C LYS A 330 -31.80 -21.43 2.95
N GLU A 331 -30.96 -22.38 3.38
CA GLU A 331 -30.75 -22.79 4.79
C GLU A 331 -30.50 -21.61 5.79
N LYS A 332 -29.81 -20.66 5.17
CA LYS A 332 -29.36 -19.43 5.79
C LYS A 332 -30.30 -18.27 5.46
N LEU A 333 -30.93 -18.17 4.28
CA LEU A 333 -31.72 -16.98 3.94
C LEU A 333 -33.26 -16.92 4.05
N GLN A 334 -33.94 -18.07 4.20
CA GLN A 334 -35.38 -18.11 4.35
C GLN A 334 -35.71 -17.59 5.72
N GLY A 335 -36.88 -16.98 5.76
CA GLY A 335 -37.36 -16.36 6.98
C GLY A 335 -37.00 -14.88 6.98
N LYS A 336 -36.22 -14.37 6.01
CA LYS A 336 -35.88 -12.96 5.93
C LYS A 336 -36.80 -12.17 5.01
N THR A 337 -36.94 -10.89 5.39
CA THR A 337 -37.80 -9.82 4.89
C THR A 337 -37.02 -8.98 3.89
N ALA A 338 -37.52 -8.54 2.74
CA ALA A 338 -36.78 -7.72 1.81
C ALA A 338 -37.69 -6.59 1.32
N CYS A 339 -37.11 -5.46 0.95
CA CYS A 339 -37.83 -4.35 0.33
C CYS A 339 -37.02 -4.01 -0.90
N LEU A 340 -37.62 -3.67 -2.00
CA LEU A 340 -36.86 -3.35 -3.20
C LEU A 340 -37.24 -1.96 -3.73
N TYR A 341 -36.40 -1.00 -4.07
CA TYR A 341 -36.79 0.20 -4.79
C TYR A 341 -35.65 0.18 -5.81
N VAL A 342 -35.92 0.07 -7.11
CA VAL A 342 -34.86 0.09 -8.12
C VAL A 342 -35.37 1.00 -9.24
N GLY A 343 -34.86 0.92 -10.45
CA GLY A 343 -35.25 1.81 -11.53
C GLY A 343 -36.59 1.49 -12.13
N GLY A 344 -36.74 0.65 -13.15
CA GLY A 344 -38.06 0.37 -13.73
C GLY A 344 -38.30 -1.02 -14.33
N SER A 345 -37.75 -2.02 -13.66
CA SER A 345 -37.74 -3.41 -14.07
C SER A 345 -37.14 -4.25 -12.93
N ARG A 346 -35.93 -4.00 -12.42
CA ARG A 346 -35.32 -4.86 -11.42
C ARG A 346 -36.04 -5.18 -10.14
N SER A 347 -36.79 -4.24 -9.54
CA SER A 347 -37.57 -4.50 -8.32
C SER A 347 -38.54 -5.66 -8.53
N HIS A 348 -38.88 -5.88 -9.77
CA HIS A 348 -39.76 -6.93 -10.15
C HIS A 348 -38.99 -8.22 -10.52
N THR A 349 -37.84 -8.16 -11.19
CA THR A 349 -37.17 -9.37 -11.69
C THR A 349 -36.44 -10.21 -10.65
N TYR A 350 -35.83 -9.51 -9.69
CA TYR A 350 -35.19 -10.10 -8.55
C TYR A 350 -36.20 -10.74 -7.60
N MET A 351 -37.46 -10.28 -7.60
CA MET A 351 -38.54 -10.73 -6.70
C MET A 351 -38.67 -12.24 -6.75
N ASN A 352 -38.51 -12.97 -7.87
CA ASN A 352 -38.59 -14.43 -7.81
C ASN A 352 -37.37 -15.01 -7.12
N MET A 353 -36.17 -14.52 -7.45
CA MET A 353 -34.90 -14.97 -6.88
C MET A 353 -34.85 -14.84 -5.37
N LEU A 354 -35.42 -13.80 -4.81
CA LEU A 354 -35.48 -13.73 -3.37
C LEU A 354 -36.32 -14.89 -2.82
N LYS A 355 -37.44 -15.19 -3.48
CA LYS A 355 -38.42 -16.17 -3.02
C LYS A 355 -37.90 -17.58 -3.07
N SER A 356 -37.23 -17.86 -4.20
CA SER A 356 -36.45 -19.09 -4.43
C SER A 356 -35.59 -19.37 -3.15
N PHE A 357 -35.06 -18.32 -2.49
CA PHE A 357 -34.27 -18.37 -1.28
C PHE A 357 -35.08 -18.52 0.00
N GLY A 358 -36.27 -17.99 0.00
CA GLY A 358 -37.14 -18.07 1.14
C GLY A 358 -37.25 -16.72 1.80
N VAL A 359 -36.66 -15.71 1.13
CA VAL A 359 -36.64 -14.31 1.59
C VAL A 359 -37.94 -13.70 1.06
N ASP A 360 -38.84 -13.09 1.81
CA ASP A 360 -40.04 -12.50 1.22
C ASP A 360 -39.92 -11.02 0.87
N SER A 361 -40.44 -10.53 -0.25
CA SER A 361 -40.49 -9.12 -0.47
C SER A 361 -41.76 -8.62 0.16
N LEU A 362 -41.62 -7.46 0.81
CA LEU A 362 -42.62 -6.80 1.64
C LEU A 362 -43.16 -5.46 1.15
N VAL A 363 -42.26 -4.65 0.64
CA VAL A 363 -42.51 -3.33 0.08
C VAL A 363 -41.68 -3.30 -1.22
N ALA A 364 -42.13 -2.70 -2.32
CA ALA A 364 -41.33 -2.54 -3.51
C ALA A 364 -41.90 -1.50 -4.46
N GLY A 365 -41.00 -0.67 -4.95
CA GLY A 365 -41.30 0.42 -5.81
C GLY A 365 -40.25 0.52 -6.90
N PHE A 366 -40.44 1.60 -7.60
CA PHE A 366 -39.67 1.94 -8.76
C PHE A 366 -39.55 3.47 -8.79
N GLU A 367 -38.38 3.83 -9.30
CA GLU A 367 -37.95 5.19 -9.49
C GLU A 367 -38.82 5.95 -10.50
N PHE A 368 -38.75 5.55 -11.76
CA PHE A 368 -39.38 6.25 -12.86
C PHE A 368 -40.32 5.34 -13.64
N ALA A 369 -40.66 4.12 -13.17
CA ALA A 369 -41.53 3.26 -13.99
C ALA A 369 -42.95 3.83 -14.17
N HIS A 370 -43.75 3.21 -15.05
CA HIS A 370 -45.10 3.67 -15.36
C HIS A 370 -46.14 2.64 -14.89
N ARG A 371 -47.39 2.98 -15.20
CA ARG A 371 -48.51 2.11 -14.91
C ARG A 371 -48.50 0.71 -15.55
N ASP A 372 -48.13 0.53 -16.80
CA ASP A 372 -47.97 -0.82 -17.35
C ASP A 372 -46.90 -1.70 -16.66
N ASP A 373 -46.05 -1.10 -15.83
CA ASP A 373 -44.94 -1.80 -15.25
C ASP A 373 -45.25 -2.30 -13.85
N TYR A 374 -45.95 -1.45 -13.07
CA TYR A 374 -46.57 -1.83 -11.80
C TYR A 374 -47.77 -2.72 -12.09
N GLU A 375 -48.69 -2.24 -12.96
CA GLU A 375 -49.97 -2.86 -13.28
C GLU A 375 -50.25 -3.81 -14.45
N GLY A 376 -49.43 -3.99 -15.49
CA GLY A 376 -49.74 -4.82 -16.64
C GLY A 376 -49.94 -3.95 -17.89
N ARG A 377 -49.40 -4.38 -19.03
CA ARG A 377 -49.48 -3.70 -20.30
C ARG A 377 -50.89 -3.38 -20.79
N GLU A 378 -51.86 -4.14 -20.30
CA GLU A 378 -53.26 -3.91 -20.54
C GLU A 378 -53.83 -2.53 -20.22
N VAL A 379 -53.41 -1.84 -19.13
CA VAL A 379 -53.94 -0.52 -18.75
C VAL A 379 -53.42 0.56 -19.67
N ILE A 380 -52.57 0.22 -20.63
CA ILE A 380 -52.03 1.16 -21.60
C ILE A 380 -53.10 1.95 -22.35
N PRO A 381 -54.29 1.41 -22.73
CA PRO A 381 -55.49 2.20 -23.00
C PRO A 381 -55.99 3.11 -21.88
N THR A 382 -55.95 2.69 -20.61
CA THR A 382 -56.40 3.53 -19.51
C THR A 382 -55.37 4.64 -19.22
N ILE A 383 -54.08 4.59 -19.56
CA ILE A 383 -53.23 5.72 -19.19
C ILE A 383 -53.38 6.96 -20.06
N LYS A 384 -53.35 8.16 -19.45
CA LYS A 384 -53.24 9.41 -20.24
C LYS A 384 -52.12 10.34 -19.68
N ILE A 385 -51.52 11.23 -20.52
CA ILE A 385 -50.30 11.95 -20.14
C ILE A 385 -50.07 13.48 -20.08
N ASP A 386 -49.21 13.70 -19.07
CA ASP A 386 -48.44 14.87 -18.65
C ASP A 386 -48.31 14.68 -17.15
N ALA A 387 -47.13 14.92 -16.63
CA ALA A 387 -46.84 14.87 -15.19
C ALA A 387 -46.44 16.33 -14.84
N ASP A 388 -45.54 16.88 -15.63
CA ASP A 388 -45.40 18.30 -15.95
C ASP A 388 -44.83 17.93 -17.39
N SER A 389 -43.85 17.02 -17.51
CA SER A 389 -43.50 16.18 -18.65
C SER A 389 -43.44 16.13 -20.20
N LYS A 390 -44.58 15.61 -20.76
CA LYS A 390 -44.60 14.99 -22.08
C LYS A 390 -44.92 15.67 -23.42
N ASN A 391 -43.78 16.05 -23.98
CA ASN A 391 -43.65 16.62 -25.32
C ASN A 391 -42.52 15.79 -25.93
N ILE A 392 -42.74 14.47 -25.83
CA ILE A 392 -41.78 13.47 -26.36
C ILE A 392 -42.44 12.83 -27.60
N PRO A 393 -41.81 13.08 -28.76
CA PRO A 393 -41.97 12.34 -30.00
C PRO A 393 -42.49 10.93 -29.90
N GLU A 394 -43.69 10.85 -30.45
CA GLU A 394 -44.44 9.61 -30.53
C GLU A 394 -44.15 9.23 -31.97
N ILE A 395 -43.19 8.33 -32.21
CA ILE A 395 -42.86 7.93 -33.58
C ILE A 395 -43.96 6.93 -33.98
N THR A 396 -44.08 6.75 -35.29
CA THR A 396 -45.11 5.92 -35.85
C THR A 396 -44.48 5.22 -37.10
N VAL A 397 -44.82 3.94 -37.37
CA VAL A 397 -44.24 3.17 -38.47
C VAL A 397 -45.28 2.45 -39.33
N THR A 398 -44.83 2.12 -40.54
CA THR A 398 -45.58 1.28 -41.46
C THR A 398 -44.80 -0.01 -41.82
N PRO A 399 -45.48 -1.17 -41.91
CA PRO A 399 -44.87 -2.47 -42.22
C PRO A 399 -44.26 -2.38 -43.58
N ASP A 400 -43.18 -3.12 -43.72
CA ASP A 400 -42.32 -2.92 -44.86
C ASP A 400 -42.81 -3.21 -46.28
N GLU A 401 -43.94 -3.90 -46.47
CA GLU A 401 -44.41 -4.40 -47.77
C GLU A 401 -43.43 -5.49 -48.24
N GLN A 402 -42.24 -5.04 -48.67
CA GLN A 402 -41.27 -5.98 -49.15
C GLN A 402 -40.50 -6.58 -47.98
N LYS A 403 -40.56 -6.16 -46.71
CA LYS A 403 -39.80 -6.94 -45.73
C LYS A 403 -40.58 -7.37 -44.49
N TYR A 404 -41.91 -7.14 -44.47
CA TYR A 404 -42.64 -7.61 -43.31
C TYR A 404 -42.83 -9.13 -43.51
N ARG A 405 -42.85 -9.97 -42.46
CA ARG A 405 -43.18 -11.40 -42.54
C ARG A 405 -43.91 -12.01 -41.36
N VAL A 406 -44.75 -13.02 -41.60
CA VAL A 406 -45.49 -13.71 -40.55
C VAL A 406 -44.46 -14.74 -40.08
N VAL A 407 -43.89 -14.46 -38.88
CA VAL A 407 -42.93 -15.37 -38.27
C VAL A 407 -43.85 -16.40 -37.64
N ILE A 408 -44.72 -16.12 -36.67
CA ILE A 408 -45.63 -17.17 -36.21
C ILE A 408 -46.85 -16.94 -37.07
N PRO A 409 -47.55 -17.89 -37.74
CA PRO A 409 -48.94 -17.73 -38.13
C PRO A 409 -49.77 -17.42 -36.90
N GLU A 410 -51.07 -17.13 -37.05
CA GLU A 410 -51.99 -16.97 -35.91
C GLU A 410 -51.96 -18.06 -34.79
N ASP A 411 -51.06 -19.06 -34.89
CA ASP A 411 -50.63 -20.03 -33.87
C ASP A 411 -50.37 -19.21 -32.62
N LYS A 412 -49.89 -17.96 -32.81
CA LYS A 412 -49.71 -17.03 -31.74
C LYS A 412 -50.91 -17.04 -30.81
N VAL A 413 -52.18 -16.93 -31.23
CA VAL A 413 -53.28 -16.90 -30.24
C VAL A 413 -53.56 -18.29 -29.60
N GLU A 414 -53.08 -19.36 -30.25
CA GLU A 414 -53.08 -20.68 -29.66
C GLU A 414 -52.28 -20.51 -28.39
N GLU A 415 -51.07 -19.92 -28.49
CA GLU A 415 -50.09 -19.77 -27.42
C GLU A 415 -50.46 -18.75 -26.41
N LEU A 416 -51.14 -17.67 -26.78
CA LEU A 416 -51.51 -16.69 -25.76
C LEU A 416 -52.57 -17.22 -24.79
N LYS A 417 -53.15 -18.35 -25.21
CA LYS A 417 -54.10 -19.07 -24.38
C LYS A 417 -53.28 -20.23 -23.81
N LYS A 418 -52.55 -20.93 -24.69
CA LYS A 418 -51.76 -22.11 -24.42
C LYS A 418 -50.62 -21.77 -23.49
N ALA A 419 -51.04 -21.88 -22.22
CA ALA A 419 -50.19 -21.59 -21.10
C ALA A 419 -49.61 -20.16 -21.18
N GLY A 420 -50.48 -19.30 -21.77
CA GLY A 420 -50.27 -17.87 -22.00
C GLY A 420 -48.80 -17.39 -22.15
N VAL A 421 -48.08 -17.95 -23.15
CA VAL A 421 -46.69 -17.59 -23.47
C VAL A 421 -46.80 -16.08 -23.69
N PRO A 422 -46.01 -15.19 -23.01
CA PRO A 422 -46.27 -13.76 -22.81
C PRO A 422 -45.74 -13.06 -24.04
N LEU A 423 -46.43 -13.45 -25.08
CA LEU A 423 -46.06 -13.17 -26.44
C LEU A 423 -46.79 -11.84 -26.58
N SER A 424 -45.98 -10.80 -26.78
CA SER A 424 -46.43 -9.43 -27.07
C SER A 424 -47.38 -8.82 -26.04
N SER A 425 -47.11 -9.27 -24.82
CA SER A 425 -47.76 -8.86 -23.57
C SER A 425 -46.80 -8.95 -22.35
N TYR A 426 -47.20 -8.20 -21.31
CA TYR A 426 -46.49 -8.14 -20.03
C TYR A 426 -47.46 -7.83 -18.88
N GLY A 427 -47.51 -8.68 -17.86
CA GLY A 427 -48.31 -8.47 -16.67
C GLY A 427 -47.25 -8.02 -15.68
N GLY A 428 -47.46 -6.81 -15.20
CA GLY A 428 -46.42 -6.19 -14.42
C GLY A 428 -46.07 -6.90 -13.15
N MET A 429 -45.66 -5.98 -12.31
CA MET A 429 -45.16 -6.30 -11.00
C MET A 429 -46.23 -6.79 -10.05
N MET A 430 -47.34 -6.08 -9.82
CA MET A 430 -48.30 -6.37 -8.76
C MET A 430 -48.86 -7.74 -8.65
N LYS A 431 -48.66 -8.60 -9.63
CA LYS A 431 -49.29 -9.87 -9.69
C LYS A 431 -48.34 -11.01 -9.50
N GLU A 432 -47.06 -10.66 -9.26
CA GLU A 432 -46.07 -11.60 -8.72
C GLU A 432 -45.96 -11.40 -7.18
N MET A 433 -46.38 -10.20 -6.81
CA MET A 433 -46.39 -9.60 -5.49
C MET A 433 -47.44 -10.29 -4.65
N HIS A 434 -47.32 -10.47 -3.33
CA HIS A 434 -48.42 -11.11 -2.60
C HIS A 434 -49.29 -10.11 -1.81
N ASP A 435 -50.26 -10.54 -1.00
CA ASP A 435 -51.27 -9.66 -0.42
C ASP A 435 -50.80 -8.91 0.82
N GLY A 436 -51.28 -7.70 1.07
CA GLY A 436 -50.83 -6.91 2.18
C GLY A 436 -49.44 -6.30 2.01
N THR A 437 -48.94 -6.34 0.76
CA THR A 437 -47.67 -5.78 0.32
C THR A 437 -47.85 -4.28 -0.01
N ILE A 438 -46.78 -3.51 -0.15
CA ILE A 438 -46.87 -2.10 -0.49
C ILE A 438 -46.08 -1.90 -1.78
N LEU A 439 -46.53 -0.98 -2.59
CA LEU A 439 -45.85 -0.55 -3.78
C LEU A 439 -45.78 0.94 -3.53
N ILE A 440 -44.72 1.56 -4.01
CA ILE A 440 -44.43 2.95 -3.69
C ILE A 440 -43.65 3.52 -4.87
N ASP A 441 -44.39 4.25 -5.71
CA ASP A 441 -43.89 4.87 -6.92
C ASP A 441 -43.24 6.15 -6.46
N ASP A 442 -41.99 6.26 -6.90
CA ASP A 442 -41.10 7.38 -6.61
C ASP A 442 -40.91 7.66 -5.12
N MET A 443 -40.21 6.73 -4.46
CA MET A 443 -39.92 6.83 -3.06
C MET A 443 -38.88 7.91 -2.72
N ASN A 444 -39.20 8.56 -1.61
CA ASN A 444 -38.45 9.66 -1.01
C ASN A 444 -37.56 9.05 0.05
N HIS A 445 -36.67 9.85 0.66
CA HIS A 445 -35.87 9.39 1.83
C HIS A 445 -36.81 9.26 3.05
N HIS A 446 -37.87 10.10 3.20
CA HIS A 446 -38.91 10.01 4.22
C HIS A 446 -39.69 8.70 4.22
N ASP A 447 -39.97 8.20 3.03
CA ASP A 447 -40.73 6.97 2.87
C ASP A 447 -39.94 5.73 3.27
N MET A 448 -38.72 5.62 2.73
CA MET A 448 -37.79 4.57 3.03
C MET A 448 -37.65 4.47 4.54
N GLU A 449 -37.33 5.58 5.23
CA GLU A 449 -37.19 5.69 6.67
C GLU A 449 -38.47 5.17 7.33
N VAL A 450 -39.68 5.74 7.29
CA VAL A 450 -40.93 5.09 7.79
C VAL A 450 -41.05 3.58 7.54
N VAL A 451 -40.79 3.10 6.33
CA VAL A 451 -40.82 1.69 5.95
C VAL A 451 -39.81 0.91 6.75
N LEU A 452 -38.63 1.49 6.81
CA LEU A 452 -37.46 0.88 7.40
C LEU A 452 -37.69 0.76 8.91
N GLU A 453 -38.24 1.79 9.54
CA GLU A 453 -38.39 1.83 10.97
C GLU A 453 -39.68 1.15 11.43
N LYS A 454 -40.66 0.93 10.55
CA LYS A 454 -41.89 0.27 10.92
C LYS A 454 -41.91 -1.21 10.67
N LEU A 455 -41.21 -1.59 9.61
CA LEU A 455 -41.15 -2.94 9.14
C LEU A 455 -39.90 -3.73 9.39
N LYS A 456 -38.88 -2.93 9.70
CA LYS A 456 -37.51 -3.37 9.99
C LYS A 456 -37.11 -4.62 9.22
N PRO A 457 -36.76 -4.42 7.95
CA PRO A 457 -36.41 -5.49 7.05
C PRO A 457 -35.07 -6.12 7.43
N ASP A 458 -34.64 -7.07 6.60
CA ASP A 458 -33.36 -7.69 6.88
C ASP A 458 -32.34 -7.26 5.83
N MET A 459 -32.89 -7.08 4.63
CA MET A 459 -32.13 -6.48 3.57
C MET A 459 -33.07 -5.47 2.97
N PHE A 460 -32.56 -4.50 2.23
CA PHE A 460 -33.33 -3.53 1.50
C PHE A 460 -32.44 -3.35 0.30
N PHE A 461 -32.97 -3.58 -0.89
CA PHE A 461 -32.20 -3.44 -2.12
C PHE A 461 -32.61 -2.09 -2.65
N ALA A 462 -31.58 -1.46 -3.17
CA ALA A 462 -31.64 -0.10 -3.70
C ALA A 462 -30.32 0.18 -4.45
N GLY A 463 -29.73 1.37 -4.27
CA GLY A 463 -28.56 1.79 -5.03
C GLY A 463 -27.69 2.67 -4.21
N ILE A 464 -26.64 3.20 -4.84
CA ILE A 464 -25.57 3.91 -4.17
C ILE A 464 -25.95 4.97 -3.16
N LYS A 465 -26.90 5.87 -3.40
CA LYS A 465 -27.20 6.82 -2.35
C LYS A 465 -28.04 6.22 -1.22
N GLU A 466 -28.89 5.20 -1.48
CA GLU A 466 -29.73 4.61 -0.44
C GLU A 466 -28.91 3.66 0.43
N LYS A 467 -28.06 2.90 -0.25
CA LYS A 467 -27.14 1.91 0.26
C LYS A 467 -26.54 2.26 1.59
N PHE A 468 -26.02 3.49 1.63
CA PHE A 468 -25.35 4.02 2.82
C PHE A 468 -26.24 4.60 3.91
N VAL A 469 -27.43 5.10 3.58
CA VAL A 469 -28.37 5.55 4.61
C VAL A 469 -28.81 4.26 5.34
N ILE A 470 -29.43 3.32 4.61
CA ILE A 470 -29.88 2.03 5.13
C ILE A 470 -28.78 1.34 5.98
N GLN A 471 -27.52 1.14 5.62
CA GLN A 471 -26.53 0.44 6.47
C GLN A 471 -25.88 1.23 7.60
N LYS A 472 -26.07 2.54 7.66
CA LYS A 472 -25.50 3.34 8.74
C LYS A 472 -26.44 3.17 9.90
N GLY A 473 -27.69 2.96 9.53
CA GLY A 473 -28.70 2.59 10.47
C GLY A 473 -28.54 1.12 10.77
N GLY A 474 -27.49 0.43 10.25
CA GLY A 474 -27.21 -0.95 10.56
C GLY A 474 -28.12 -2.02 9.97
N VAL A 475 -28.58 -2.02 8.70
CA VAL A 475 -29.40 -3.06 8.08
C VAL A 475 -28.70 -3.38 6.75
N LEU A 476 -28.66 -4.60 6.21
CA LEU A 476 -27.92 -4.83 4.99
C LEU A 476 -28.57 -4.15 3.75
N SER A 477 -27.86 -3.46 2.85
CA SER A 477 -28.42 -2.98 1.62
C SER A 477 -27.37 -3.45 0.64
N LYS A 478 -27.79 -4.14 -0.42
CA LYS A 478 -26.94 -4.58 -1.50
C LYS A 478 -27.48 -3.78 -2.69
N GLN A 479 -26.73 -3.67 -3.77
CA GLN A 479 -27.15 -2.83 -4.88
C GLN A 479 -27.48 -3.63 -6.09
N LEU A 480 -28.70 -3.32 -6.51
CA LEU A 480 -29.40 -3.95 -7.62
C LEU A 480 -29.19 -3.38 -9.01
N HIS A 481 -28.62 -2.18 -9.03
CA HIS A 481 -28.20 -1.50 -10.24
C HIS A 481 -26.78 -1.96 -10.58
N SER A 482 -25.81 -1.60 -9.75
CA SER A 482 -24.39 -1.91 -9.91
C SER A 482 -23.94 -3.31 -9.52
N TYR A 483 -24.85 -4.11 -8.90
CA TYR A 483 -24.53 -5.44 -8.47
C TYR A 483 -23.45 -5.54 -7.40
N ASP A 484 -23.01 -4.41 -6.85
CA ASP A 484 -21.94 -4.26 -5.88
C ASP A 484 -20.66 -4.80 -6.49
N TYR A 485 -20.50 -4.42 -7.77
CA TYR A 485 -19.30 -4.60 -8.59
C TYR A 485 -18.80 -6.03 -8.74
N ASN A 486 -19.80 -6.90 -8.87
CA ASN A 486 -19.60 -8.34 -9.13
C ASN A 486 -20.78 -8.74 -10.01
N GLY A 487 -20.75 -9.92 -10.57
CA GLY A 487 -21.81 -10.34 -11.41
C GLY A 487 -21.21 -11.20 -12.49
N PRO A 488 -21.98 -11.95 -13.27
CA PRO A 488 -23.42 -11.80 -13.41
C PRO A 488 -24.33 -12.14 -12.25
N TYR A 489 -25.41 -11.41 -12.06
CA TYR A 489 -26.45 -11.86 -11.12
C TYR A 489 -27.58 -12.57 -11.90
N ALA A 490 -27.47 -12.45 -13.22
CA ALA A 490 -28.39 -13.08 -14.11
C ALA A 490 -27.67 -14.25 -14.73
N GLY A 491 -28.43 -15.29 -14.95
CA GLY A 491 -27.96 -16.44 -15.64
C GLY A 491 -28.20 -17.60 -14.76
N PHE A 492 -27.50 -18.68 -15.08
CA PHE A 492 -27.50 -19.82 -14.20
C PHE A 492 -26.32 -19.68 -13.24
N ARG A 493 -25.08 -19.63 -13.72
CA ARG A 493 -23.91 -19.32 -12.91
C ARG A 493 -24.06 -18.02 -12.11
N GLY A 494 -24.83 -17.08 -12.70
CA GLY A 494 -25.22 -15.81 -12.14
C GLY A 494 -26.13 -15.91 -10.94
N VAL A 495 -26.85 -17.01 -10.64
CA VAL A 495 -27.70 -17.17 -9.43
C VAL A 495 -26.84 -17.18 -8.18
N VAL A 496 -25.75 -17.97 -8.36
CA VAL A 496 -24.79 -18.34 -7.34
C VAL A 496 -23.97 -17.20 -6.81
N ASN A 497 -23.75 -16.25 -7.72
CA ASN A 497 -23.05 -15.02 -7.46
C ASN A 497 -23.93 -14.23 -6.53
N PHE A 498 -25.21 -14.00 -6.86
CA PHE A 498 -26.11 -13.28 -5.96
C PHE A 498 -26.24 -13.95 -4.58
N GLY A 499 -26.53 -15.25 -4.58
CA GLY A 499 -26.76 -15.97 -3.35
C GLY A 499 -25.59 -15.85 -2.40
N HIS A 500 -24.37 -16.09 -2.89
CA HIS A 500 -23.21 -16.05 -2.03
C HIS A 500 -22.95 -14.66 -1.61
N GLU A 501 -22.87 -13.70 -2.49
CA GLU A 501 -22.75 -12.30 -2.12
C GLU A 501 -23.74 -11.91 -1.01
N LEU A 502 -25.00 -12.20 -1.24
CA LEU A 502 -26.06 -11.88 -0.33
C LEU A 502 -25.91 -12.58 1.01
N VAL A 503 -25.63 -13.88 1.10
CA VAL A 503 -25.51 -14.57 2.40
C VAL A 503 -24.27 -14.11 3.15
N ASN A 504 -23.20 -13.77 2.41
CA ASN A 504 -21.97 -13.21 2.96
C ASN A 504 -22.18 -11.79 3.41
N GLY A 505 -23.22 -11.13 2.88
CA GLY A 505 -23.68 -9.84 3.31
C GLY A 505 -24.38 -9.98 4.62
N ILE A 506 -25.35 -10.86 4.75
CA ILE A 506 -26.11 -11.04 6.00
C ILE A 506 -25.26 -11.52 7.21
N TYR A 507 -24.29 -12.37 6.93
CA TYR A 507 -23.46 -13.01 7.93
C TYR A 507 -22.13 -12.33 8.25
N THR A 508 -22.00 -11.08 7.83
CA THR A 508 -20.87 -10.23 8.13
C THR A 508 -20.86 -9.89 9.63
N PRO A 509 -19.74 -10.07 10.40
CA PRO A 509 -19.77 -9.97 11.84
C PRO A 509 -19.80 -8.56 12.33
N ALA A 510 -19.35 -7.52 11.64
CA ALA A 510 -19.41 -6.16 12.20
C ALA A 510 -20.83 -5.62 12.42
N TRP A 511 -21.83 -6.30 11.82
CA TRP A 511 -23.24 -5.99 12.01
C TRP A 511 -23.64 -6.10 13.49
N LYS A 512 -23.08 -7.19 14.02
CA LYS A 512 -23.31 -7.61 15.38
C LYS A 512 -22.37 -6.95 16.38
N MET A 513 -21.44 -6.10 15.92
CA MET A 513 -20.41 -5.45 16.72
C MET A 513 -20.52 -3.94 16.73
N ILE A 514 -21.69 -3.38 16.44
CA ILE A 514 -21.85 -1.94 16.35
C ILE A 514 -21.93 -1.30 17.73
N THR A 515 -22.43 -1.99 18.74
CA THR A 515 -22.55 -1.39 20.07
C THR A 515 -21.33 -1.67 20.93
N PRO A 516 -20.65 -0.64 21.44
CA PRO A 516 -19.50 -0.82 22.28
C PRO A 516 -19.95 -1.33 23.64
N PRO A 517 -19.22 -2.28 24.22
CA PRO A 517 -19.59 -3.00 25.45
C PRO A 517 -19.93 -2.07 26.62
N TRP A 518 -19.43 -0.84 26.59
CA TRP A 518 -19.75 0.08 27.63
C TRP A 518 -21.15 0.66 27.35
N LYS A 519 -21.52 1.41 26.32
CA LYS A 519 -22.91 1.84 26.19
C LYS A 519 -23.74 0.74 25.49
N LYS A 520 -23.91 -0.16 26.41
CA LYS A 520 -24.66 -1.39 26.41
C LYS A 520 -24.88 -1.44 27.95
N ALA A 521 -25.08 -2.59 28.66
CA ALA A 521 -25.12 -2.55 30.14
C ALA A 521 -23.70 -2.99 30.53
N SER A 522 -22.95 -1.86 30.72
CA SER A 522 -21.54 -1.74 31.18
C SER A 522 -20.97 -0.29 31.04
N SER A 523 -21.71 0.82 31.29
CA SER A 523 -21.14 2.18 31.23
C SER A 523 -21.91 3.22 32.03
N GLU A 524 -22.64 2.75 33.03
CA GLU A 524 -23.32 3.59 34.07
C GLU A 524 -23.35 2.71 35.36
N SER A 525 -22.31 1.84 35.30
CA SER A 525 -21.94 0.67 36.10
C SER A 525 -21.30 -0.12 34.91
N LEU B 2 -5.63 -1.12 -22.65
CA LEU B 2 -6.70 -0.29 -22.12
C LEU B 2 -6.44 0.92 -23.08
N ASP B 3 -6.92 0.53 -24.27
CA ASP B 3 -6.69 1.01 -25.64
C ASP B 3 -6.93 2.39 -26.27
N ALA B 4 -7.00 2.42 -27.64
CA ALA B 4 -7.31 3.51 -28.60
C ALA B 4 -6.54 4.83 -28.69
N THR B 5 -5.74 5.24 -27.69
CA THR B 5 -4.92 6.45 -27.68
C THR B 5 -3.78 6.32 -28.69
N PRO B 6 -3.64 7.25 -29.65
CA PRO B 6 -2.45 7.40 -30.46
C PRO B 6 -1.14 7.58 -29.70
N LYS B 7 -0.04 7.14 -30.31
CA LYS B 7 1.29 7.47 -29.82
C LYS B 7 1.50 8.88 -30.31
N GLU B 8 1.18 9.05 -31.63
CA GLU B 8 1.34 10.31 -32.39
C GLU B 8 0.30 11.36 -32.05
N ILE B 9 0.82 12.30 -31.28
CA ILE B 9 0.05 13.35 -30.63
C ILE B 9 -0.81 14.25 -31.52
N VAL B 10 -2.03 14.33 -31.01
CA VAL B 10 -3.14 15.01 -31.64
C VAL B 10 -3.62 16.02 -30.58
N GLU B 11 -3.09 17.21 -30.86
CA GLU B 11 -3.47 18.38 -30.04
C GLU B 11 -4.84 19.00 -30.47
N ARG B 12 -5.86 18.57 -29.69
CA ARG B 12 -7.25 18.92 -29.94
C ARG B 12 -7.65 20.30 -29.44
N LYS B 13 -8.55 20.92 -30.19
CA LYS B 13 -9.06 22.21 -29.76
C LYS B 13 -10.52 22.21 -29.36
N ALA B 14 -11.23 21.13 -29.73
CA ALA B 14 -12.67 21.02 -29.48
C ALA B 14 -13.11 19.79 -28.73
N LEU B 15 -12.59 18.61 -29.05
CA LEU B 15 -12.95 17.36 -28.42
C LEU B 15 -12.25 17.23 -27.07
N ARG B 16 -13.01 17.28 -25.98
CA ARG B 16 -12.48 17.02 -24.65
C ARG B 16 -12.62 15.51 -24.45
N ILE B 17 -11.67 14.78 -23.89
CA ILE B 17 -11.70 13.34 -23.76
C ILE B 17 -11.16 13.04 -22.37
N ASN B 18 -11.86 12.35 -21.48
CA ASN B 18 -11.31 11.90 -20.19
C ASN B 18 -10.78 13.02 -19.33
N PRO B 19 -11.61 13.88 -18.76
CA PRO B 19 -11.24 15.20 -18.37
C PRO B 19 -10.55 15.23 -17.03
N ALA B 20 -9.86 16.33 -16.80
CA ALA B 20 -9.27 16.41 -15.47
C ALA B 20 -10.08 17.40 -14.64
N LYS B 21 -11.41 17.25 -14.55
CA LYS B 21 -12.28 18.13 -13.78
C LYS B 21 -13.75 17.74 -13.94
N THR B 22 -14.55 18.29 -13.05
CA THR B 22 -15.98 18.28 -13.18
C THR B 22 -16.37 19.75 -12.99
N CYS B 23 -17.62 20.00 -13.35
CA CYS B 23 -18.32 21.26 -13.17
C CYS B 23 -18.48 21.69 -11.69
N GLN B 24 -18.94 22.95 -11.64
CA GLN B 24 -19.14 23.62 -10.37
C GLN B 24 -19.94 22.97 -9.26
N PRO B 25 -21.20 22.56 -9.41
CA PRO B 25 -22.04 22.14 -8.30
C PRO B 25 -21.51 21.20 -7.19
N VAL B 26 -20.58 20.26 -7.41
CA VAL B 26 -20.19 19.28 -6.38
C VAL B 26 -19.35 19.86 -5.25
N GLY B 27 -18.39 20.76 -5.57
CA GLY B 27 -17.57 21.41 -4.55
C GLY B 27 -18.45 22.30 -3.67
N ALA B 28 -19.50 22.89 -4.29
CA ALA B 28 -20.46 23.70 -3.57
C ALA B 28 -21.33 22.81 -2.68
N MET B 29 -21.56 21.55 -3.06
CA MET B 29 -22.41 20.62 -2.36
C MET B 29 -21.75 20.13 -1.11
N TYR B 30 -20.49 19.74 -1.38
CA TYR B 30 -19.44 19.33 -0.44
C TYR B 30 -19.27 20.38 0.64
N ALA B 31 -18.95 21.64 0.23
CA ALA B 31 -18.83 22.86 1.06
C ALA B 31 -20.01 23.11 1.99
N ALA B 32 -21.22 22.94 1.45
CA ALA B 32 -22.44 23.00 2.23
C ALA B 32 -22.49 21.90 3.28
N LEU B 33 -21.97 20.69 3.06
CA LEU B 33 -21.97 19.65 4.07
C LEU B 33 -20.99 19.93 5.22
N GLY B 34 -20.15 20.97 5.05
CA GLY B 34 -19.25 21.50 6.05
C GLY B 34 -19.95 22.52 6.95
N ILE B 35 -21.26 22.77 6.81
CA ILE B 35 -22.06 23.59 7.72
C ILE B 35 -22.89 22.57 8.49
N HIS B 36 -23.07 22.78 9.80
CA HIS B 36 -23.77 21.83 10.65
C HIS B 36 -25.25 21.98 10.38
N ASN B 37 -26.01 20.88 10.23
CA ASN B 37 -27.47 20.90 10.11
C ASN B 37 -28.04 21.70 8.92
N CYS B 38 -27.31 21.59 7.81
CA CYS B 38 -27.52 22.25 6.52
C CYS B 38 -27.73 21.13 5.57
N LEU B 39 -28.72 21.32 4.68
CA LEU B 39 -29.02 20.38 3.62
C LEU B 39 -28.62 21.10 2.36
N PRO B 40 -27.69 20.60 1.53
CA PRO B 40 -27.41 21.14 0.20
C PRO B 40 -28.58 21.13 -0.77
N HIS B 41 -28.82 22.12 -1.64
CA HIS B 41 -29.92 21.97 -2.56
C HIS B 41 -29.47 22.31 -3.98
N SER B 42 -29.66 21.45 -5.01
CA SER B 42 -29.36 21.77 -6.42
C SER B 42 -30.55 22.57 -6.92
N HIS B 43 -30.38 23.88 -7.09
CA HIS B 43 -31.48 24.62 -7.63
C HIS B 43 -31.36 24.45 -9.14
N GLY B 44 -32.08 23.49 -9.67
CA GLY B 44 -32.04 23.28 -11.08
C GLY B 44 -32.50 21.89 -11.35
N SER B 45 -31.89 21.49 -12.45
CA SER B 45 -32.05 20.21 -13.08
C SER B 45 -32.04 19.03 -12.10
N GLN B 46 -32.91 18.09 -12.31
CA GLN B 46 -33.06 16.94 -11.41
C GLN B 46 -31.88 15.96 -11.25
N GLY B 47 -31.35 15.49 -12.37
CA GLY B 47 -30.35 14.45 -12.47
C GLY B 47 -28.96 14.84 -12.05
N CYS B 48 -28.72 16.15 -12.03
CA CYS B 48 -27.53 16.79 -11.49
C CYS B 48 -27.39 16.45 -10.04
N CYS B 49 -28.36 16.74 -9.19
CA CYS B 49 -28.27 16.47 -7.77
C CYS B 49 -27.83 15.04 -7.52
N SER B 50 -28.55 14.10 -8.11
CA SER B 50 -28.33 12.68 -8.05
C SER B 50 -26.90 12.35 -8.46
N TYR B 51 -26.39 12.71 -9.67
CA TYR B 51 -25.02 12.47 -10.11
C TYR B 51 -23.96 13.01 -9.12
N HIS B 52 -24.13 14.24 -8.62
CA HIS B 52 -23.26 14.93 -7.65
C HIS B 52 -23.27 14.29 -6.24
N ARG B 53 -24.42 13.90 -5.71
CA ARG B 53 -24.53 13.16 -4.48
C ARG B 53 -23.96 11.79 -4.70
N THR B 54 -23.87 11.26 -5.92
CA THR B 54 -23.28 9.97 -6.11
C THR B 54 -21.76 10.05 -6.11
N VAL B 55 -21.02 11.00 -6.73
CA VAL B 55 -19.55 11.06 -6.53
C VAL B 55 -19.16 11.19 -5.05
N LEU B 56 -19.89 11.87 -4.13
CA LEU B 56 -19.52 11.90 -2.71
C LEU B 56 -19.80 10.56 -2.05
N SER B 57 -20.96 9.94 -2.24
CA SER B 57 -21.21 8.60 -1.72
C SER B 57 -20.22 7.55 -2.26
N ARG B 58 -19.70 7.61 -3.49
CA ARG B 58 -18.75 6.65 -4.04
C ARG B 58 -17.27 6.95 -3.75
N HIS B 59 -16.89 8.13 -3.25
CA HIS B 59 -15.53 8.46 -2.84
C HIS B 59 -15.25 8.07 -1.40
N PHE B 60 -16.11 8.60 -0.52
CA PHE B 60 -16.11 8.45 0.93
C PHE B 60 -16.83 7.23 1.52
N LYS B 61 -17.67 6.55 0.70
CA LYS B 61 -18.49 5.43 1.11
C LYS B 61 -19.35 5.87 2.30
N GLU B 62 -20.05 6.98 2.08
CA GLU B 62 -20.89 7.71 3.04
C GLU B 62 -22.03 8.41 2.27
N PRO B 63 -23.19 8.67 2.87
CA PRO B 63 -24.26 9.42 2.23
C PRO B 63 -23.93 10.88 2.02
N ALA B 64 -24.45 11.51 0.98
CA ALA B 64 -24.28 12.93 0.76
C ALA B 64 -25.72 13.28 0.51
N MET B 65 -26.37 13.99 1.43
CA MET B 65 -27.78 14.33 1.24
C MET B 65 -27.98 15.64 0.50
N ALA B 66 -28.97 15.75 -0.39
CA ALA B 66 -29.28 16.99 -1.06
C ALA B 66 -30.71 16.96 -1.61
N SER B 67 -31.35 18.11 -1.80
CA SER B 67 -32.67 18.11 -2.37
C SER B 67 -32.68 18.74 -3.78
N THR B 68 -33.64 18.55 -4.72
CA THR B 68 -33.65 19.28 -6.00
C THR B 68 -34.90 20.11 -6.19
N SER B 69 -34.75 21.21 -6.94
CA SER B 69 -35.93 21.96 -7.39
C SER B 69 -36.74 21.16 -8.48
N SER B 70 -36.12 20.08 -9.00
CA SER B 70 -36.75 19.11 -9.88
C SER B 70 -37.50 19.75 -11.06
N PHE B 71 -36.74 20.73 -11.61
CA PHE B 71 -37.15 21.44 -12.82
C PHE B 71 -37.57 20.44 -13.89
N THR B 72 -38.50 20.99 -14.66
CA THR B 72 -39.11 20.38 -15.81
C THR B 72 -38.98 21.38 -16.97
N GLU B 73 -39.55 20.94 -18.10
CA GLU B 73 -39.77 21.73 -19.30
C GLU B 73 -40.49 23.04 -18.95
N GLY B 74 -41.49 23.04 -18.07
CA GLY B 74 -42.26 24.22 -17.68
C GLY B 74 -41.47 25.27 -16.92
N ALA B 75 -40.38 24.92 -16.20
CA ALA B 75 -39.52 25.87 -15.48
C ALA B 75 -38.66 26.61 -16.52
N SER B 76 -38.55 26.02 -17.69
CA SER B 76 -37.82 26.58 -18.80
C SER B 76 -38.69 27.55 -19.57
N VAL B 77 -39.78 28.02 -19.00
CA VAL B 77 -40.66 29.00 -19.61
C VAL B 77 -40.95 30.02 -18.48
N PHE B 78 -41.52 29.51 -17.36
CA PHE B 78 -42.03 30.25 -16.22
C PHE B 78 -41.11 30.43 -15.00
N GLY B 79 -39.83 30.09 -15.13
CA GLY B 79 -38.88 30.18 -14.04
C GLY B 79 -38.91 28.94 -13.12
N GLY B 80 -37.84 28.93 -12.37
CA GLY B 80 -37.63 27.91 -11.37
C GLY B 80 -37.93 28.39 -9.96
N GLY B 81 -38.74 29.46 -9.88
CA GLY B 81 -39.08 30.10 -8.62
C GLY B 81 -40.06 29.31 -7.78
N SER B 82 -41.14 28.96 -8.46
CA SER B 82 -42.23 28.16 -7.93
C SER B 82 -41.71 26.82 -7.44
N ASN B 83 -40.70 26.30 -8.16
CA ASN B 83 -40.06 25.03 -7.92
C ASN B 83 -39.28 25.14 -6.64
N ILE B 84 -38.46 26.20 -6.40
CA ILE B 84 -37.73 26.34 -5.14
C ILE B 84 -38.68 26.69 -4.02
N LYS B 85 -39.71 27.53 -4.22
CA LYS B 85 -40.67 27.85 -3.18
C LYS B 85 -41.37 26.62 -2.62
N THR B 86 -41.69 25.61 -3.45
CA THR B 86 -42.32 24.37 -2.97
C THR B 86 -41.29 23.52 -2.23
N ALA B 87 -40.09 23.46 -2.80
CA ALA B 87 -39.00 22.75 -2.20
C ALA B 87 -38.73 23.36 -0.84
N VAL B 88 -38.72 24.68 -0.58
CA VAL B 88 -38.37 25.19 0.75
C VAL B 88 -39.35 24.68 1.77
N LYS B 89 -40.61 24.57 1.35
CA LYS B 89 -41.65 24.11 2.26
C LYS B 89 -41.49 22.64 2.65
N ASN B 90 -41.25 21.84 1.62
CA ASN B 90 -41.17 20.41 1.82
C ASN B 90 -39.94 19.98 2.54
N ILE B 91 -38.87 20.76 2.38
CA ILE B 91 -37.59 20.60 3.08
C ILE B 91 -37.79 20.89 4.56
N PHE B 92 -38.39 22.00 4.98
CA PHE B 92 -38.56 22.31 6.40
C PHE B 92 -39.52 21.44 7.20
N SER B 93 -40.61 21.02 6.57
CA SER B 93 -41.65 20.15 7.13
C SER B 93 -41.20 18.70 7.31
N LEU B 94 -40.59 18.12 6.28
CA LEU B 94 -40.17 16.74 6.31
C LEU B 94 -38.78 16.42 6.80
N TYR B 95 -37.80 17.28 6.50
CA TYR B 95 -36.42 16.95 6.84
C TYR B 95 -35.73 17.94 7.81
N ASN B 96 -36.39 19.09 8.00
CA ASN B 96 -36.09 20.17 8.96
C ASN B 96 -34.66 20.67 9.13
N PRO B 97 -34.00 21.23 8.12
CA PRO B 97 -32.73 21.87 8.34
C PRO B 97 -32.81 23.20 9.05
N ASP B 98 -31.73 23.51 9.72
CA ASP B 98 -31.52 24.77 10.38
C ASP B 98 -31.28 25.83 9.31
N ILE B 99 -30.58 25.41 8.25
CA ILE B 99 -30.19 26.25 7.15
C ILE B 99 -30.31 25.38 5.91
N ILE B 100 -30.61 25.97 4.77
CA ILE B 100 -30.60 25.25 3.52
C ILE B 100 -29.60 26.07 2.72
N ALA B 101 -28.64 25.37 2.10
CA ALA B 101 -27.64 26.01 1.31
C ALA B 101 -27.97 25.69 -0.13
N VAL B 102 -28.36 26.74 -0.83
CA VAL B 102 -28.73 26.61 -2.22
C VAL B 102 -27.54 26.97 -3.07
N HIS B 103 -27.35 26.27 -4.20
CA HIS B 103 -26.34 26.59 -5.21
C HIS B 103 -26.99 26.13 -6.53
N THR B 104 -26.52 26.60 -7.69
CA THR B 104 -27.16 26.39 -8.99
C THR B 104 -26.43 25.51 -9.97
N THR B 105 -27.09 25.36 -11.12
CA THR B 105 -26.71 24.45 -12.17
C THR B 105 -26.71 25.24 -13.47
N CYS B 106 -26.22 24.75 -14.62
CA CYS B 106 -26.34 25.43 -15.93
C CYS B 106 -27.75 25.76 -16.39
N LEU B 107 -28.76 24.94 -16.06
CA LEU B 107 -30.14 25.18 -16.45
C LEU B 107 -30.56 26.45 -15.79
N SER B 108 -30.73 26.58 -14.48
CA SER B 108 -31.10 27.82 -13.87
C SER B 108 -30.16 28.93 -14.26
N GLU B 109 -28.86 28.68 -14.39
CA GLU B 109 -27.92 29.73 -14.75
C GLU B 109 -28.07 30.22 -16.18
N THR B 110 -28.44 29.37 -17.13
CA THR B 110 -28.70 29.77 -18.50
C THR B 110 -30.09 30.42 -18.46
N LEU B 111 -31.08 29.91 -17.70
CA LEU B 111 -32.38 30.51 -17.58
C LEU B 111 -32.27 31.87 -16.97
N GLY B 112 -31.18 32.17 -16.24
CA GLY B 112 -30.97 33.45 -15.57
C GLY B 112 -31.82 33.62 -14.31
N ASP B 113 -32.06 32.50 -13.63
CA ASP B 113 -32.99 32.48 -12.52
C ASP B 113 -32.60 33.18 -11.24
N ASP B 114 -33.21 34.36 -11.07
CA ASP B 114 -32.98 35.26 -9.93
C ASP B 114 -33.30 34.76 -8.50
N LEU B 115 -32.39 33.97 -7.93
CA LEU B 115 -32.50 33.44 -6.57
C LEU B 115 -32.71 34.48 -5.50
N PRO B 116 -31.85 35.46 -5.23
CA PRO B 116 -32.13 36.49 -4.24
C PRO B 116 -33.55 37.07 -4.27
N THR B 117 -34.29 37.26 -5.37
CA THR B 117 -35.66 37.74 -5.25
C THR B 117 -36.67 36.66 -4.82
N TYR B 118 -36.45 35.37 -5.14
CA TYR B 118 -37.30 34.28 -4.69
C TYR B 118 -37.11 34.12 -3.20
N ILE B 119 -35.85 34.22 -2.75
CA ILE B 119 -35.47 34.10 -1.35
C ILE B 119 -36.24 35.17 -0.57
N SER B 120 -36.13 36.43 -1.02
CA SER B 120 -36.78 37.58 -0.41
C SER B 120 -38.28 37.35 -0.24
N GLN B 121 -38.85 36.84 -1.33
CA GLN B 121 -40.24 36.51 -1.42
C GLN B 121 -40.60 35.51 -0.38
N MET B 122 -39.87 34.43 -0.22
CA MET B 122 -40.23 33.47 0.79
C MET B 122 -40.37 34.08 2.17
N GLU B 123 -39.43 34.62 2.96
CA GLU B 123 -39.88 35.09 4.25
C GLU B 123 -40.46 36.50 4.30
N ASP B 124 -40.54 37.31 3.19
CA ASP B 124 -41.39 38.53 3.22
C ASP B 124 -42.84 37.95 3.11
N ALA B 125 -43.06 36.78 2.49
CA ALA B 125 -44.34 36.12 2.50
C ALA B 125 -44.33 34.98 3.54
N GLY B 126 -43.71 35.20 4.71
CA GLY B 126 -43.62 34.25 5.83
C GLY B 126 -43.25 32.77 5.57
N SER B 127 -42.50 32.39 4.51
CA SER B 127 -42.26 30.98 4.19
C SER B 127 -41.15 30.21 4.90
N ILE B 128 -40.04 30.91 5.26
CA ILE B 128 -38.86 30.30 5.89
C ILE B 128 -39.10 30.61 7.37
N PRO B 129 -39.34 29.66 8.30
CA PRO B 129 -39.51 29.95 9.73
C PRO B 129 -38.35 30.64 10.49
N GLU B 130 -38.65 30.84 11.76
CA GLU B 130 -37.82 31.57 12.72
C GLU B 130 -36.73 30.58 13.08
N GLY B 131 -35.48 31.12 13.05
CA GLY B 131 -34.22 30.42 13.31
C GLY B 131 -33.75 29.57 12.13
N LYS B 132 -34.42 29.68 10.97
CA LYS B 132 -34.12 28.91 9.76
C LYS B 132 -33.57 29.89 8.74
N LEU B 133 -32.87 29.42 7.71
CA LEU B 133 -32.27 30.32 6.74
C LEU B 133 -32.09 29.54 5.50
N VAL B 134 -32.19 30.23 4.39
CA VAL B 134 -31.80 29.60 3.15
C VAL B 134 -30.68 30.57 2.77
N ILE B 135 -29.49 30.05 2.41
CA ILE B 135 -28.41 30.91 1.94
C ILE B 135 -28.18 30.52 0.48
N HIS B 136 -27.29 31.13 -0.31
CA HIS B 136 -27.18 30.77 -1.73
C HIS B 136 -25.88 31.12 -2.42
N THR B 137 -25.46 30.44 -3.47
CA THR B 137 -24.39 30.90 -4.36
C THR B 137 -24.73 30.58 -5.78
N ASN B 138 -24.31 31.46 -6.68
CA ASN B 138 -24.48 31.22 -8.11
C ASN B 138 -23.30 30.41 -8.67
N THR B 139 -23.63 29.21 -9.12
CA THR B 139 -22.72 28.18 -9.56
C THR B 139 -22.87 27.73 -11.04
N PRO B 140 -22.50 28.52 -12.04
CA PRO B 140 -22.60 28.14 -13.43
C PRO B 140 -21.67 27.02 -13.82
N SER B 141 -22.13 25.79 -13.85
CA SER B 141 -21.32 24.67 -14.27
C SER B 141 -20.46 24.76 -15.52
N TYR B 142 -20.76 25.65 -16.50
CA TYR B 142 -19.95 25.90 -17.70
C TYR B 142 -18.90 26.98 -17.44
N VAL B 143 -18.44 27.03 -16.18
CA VAL B 143 -17.40 27.87 -15.64
C VAL B 143 -16.66 27.01 -14.57
N GLY B 144 -15.33 27.15 -14.68
CA GLY B 144 -14.35 26.64 -13.73
C GLY B 144 -14.41 25.15 -13.48
N SER B 145 -14.57 24.79 -12.21
CA SER B 145 -14.69 23.41 -11.83
C SER B 145 -15.25 23.38 -10.43
N HIS B 146 -15.35 22.16 -9.93
CA HIS B 146 -15.68 21.88 -8.55
C HIS B 146 -14.88 22.64 -7.53
N VAL B 147 -13.65 23.15 -7.77
CA VAL B 147 -12.92 23.98 -6.79
C VAL B 147 -13.50 25.38 -6.76
N THR B 148 -13.96 25.89 -7.92
CA THR B 148 -14.66 27.16 -8.18
C THR B 148 -16.00 27.15 -7.47
N GLY B 149 -16.68 25.99 -7.53
CA GLY B 149 -17.89 25.72 -6.80
C GLY B 149 -17.59 25.92 -5.32
N PHE B 150 -16.63 25.22 -4.70
CA PHE B 150 -16.25 25.34 -3.30
C PHE B 150 -15.93 26.79 -2.93
N ALA B 151 -15.17 27.45 -3.80
CA ALA B 151 -14.83 28.87 -3.70
C ALA B 151 -16.04 29.79 -3.56
N ASN B 152 -17.00 29.47 -4.43
CA ASN B 152 -18.25 30.17 -4.45
C ASN B 152 -19.10 29.80 -3.24
N MET B 153 -19.21 28.55 -2.75
CA MET B 153 -20.08 28.36 -1.62
C MET B 153 -19.55 29.10 -0.42
N VAL B 154 -18.22 29.08 -0.19
CA VAL B 154 -17.55 29.75 0.94
C VAL B 154 -17.69 31.24 0.79
N GLN B 155 -17.69 31.87 -0.38
CA GLN B 155 -17.94 33.29 -0.30
C GLN B 155 -19.44 33.57 -0.09
N GLY B 156 -20.43 32.77 -0.60
CA GLY B 156 -21.86 32.91 -0.24
C GLY B 156 -22.05 32.79 1.29
N ILE B 157 -21.42 31.82 1.95
CA ILE B 157 -21.43 31.69 3.40
C ILE B 157 -20.80 32.91 4.03
N VAL B 158 -19.73 33.64 3.59
CA VAL B 158 -19.35 34.85 4.33
C VAL B 158 -20.45 35.91 4.10
N ASN B 159 -20.88 36.08 2.84
CA ASN B 159 -21.92 37.05 2.44
C ASN B 159 -23.18 37.03 3.30
N TYR B 160 -23.72 35.86 3.63
CA TYR B 160 -24.95 35.76 4.43
C TYR B 160 -24.76 35.68 5.93
N LEU B 161 -23.59 35.23 6.38
CA LEU B 161 -23.39 34.95 7.79
C LEU B 161 -22.34 35.74 8.54
N SER B 162 -21.09 35.80 8.07
CA SER B 162 -20.02 36.32 8.90
C SER B 162 -20.10 37.82 9.20
N GLU B 163 -20.80 38.15 10.29
CA GLU B 163 -21.03 39.51 10.66
C GLU B 163 -20.19 39.93 11.84
N ASN B 164 -19.92 41.23 11.74
CA ASN B 164 -19.16 41.92 12.75
C ASN B 164 -20.09 42.60 13.76
N THR B 165 -20.27 42.05 14.95
CA THR B 165 -21.06 42.73 15.98
C THR B 165 -20.21 43.57 16.93
N GLY B 166 -18.90 43.77 16.66
CA GLY B 166 -17.99 44.45 17.59
C GLY B 166 -17.45 43.52 18.68
N ALA B 167 -18.29 42.62 19.31
CA ALA B 167 -17.87 41.65 20.35
C ALA B 167 -16.90 40.60 19.83
N LYS B 168 -15.66 41.11 19.77
CA LYS B 168 -14.56 40.37 19.17
C LYS B 168 -13.87 39.36 20.09
N ASN B 169 -13.85 38.19 19.41
CA ASN B 169 -13.22 36.95 19.88
C ASN B 169 -11.68 37.09 19.80
N GLY B 170 -10.90 36.06 20.15
CA GLY B 170 -9.46 36.18 19.97
C GLY B 170 -8.99 35.15 18.97
N LYS B 171 -9.84 34.93 17.97
CA LYS B 171 -9.64 33.79 17.10
C LYS B 171 -9.09 34.18 15.76
N ILE B 172 -8.48 33.18 15.15
CA ILE B 172 -8.07 33.31 13.77
C ILE B 172 -9.04 32.28 13.10
N ASN B 173 -9.46 32.60 11.90
CA ASN B 173 -10.37 31.78 11.11
C ASN B 173 -9.47 31.04 10.14
N VAL B 174 -9.81 29.86 9.69
CA VAL B 174 -8.94 29.16 8.76
C VAL B 174 -9.92 28.53 7.80
N ILE B 175 -9.67 28.77 6.52
CA ILE B 175 -10.43 28.16 5.45
C ILE B 175 -9.51 27.08 4.87
N PRO B 176 -9.84 25.78 4.97
CA PRO B 176 -8.94 24.70 4.63
C PRO B 176 -8.77 24.35 3.15
N GLY B 177 -9.59 24.96 2.30
CA GLY B 177 -9.58 24.66 0.88
C GLY B 177 -10.44 23.45 0.57
N PHE B 178 -10.42 23.02 -0.69
CA PHE B 178 -11.16 21.84 -1.07
C PHE B 178 -10.17 20.70 -0.80
N VAL B 179 -10.17 20.35 0.51
CA VAL B 179 -9.39 19.25 1.09
C VAL B 179 -10.38 18.36 1.83
N GLY B 180 -9.97 17.15 2.09
CA GLY B 180 -10.82 16.16 2.69
C GLY B 180 -11.08 16.31 4.18
N PRO B 181 -12.13 15.66 4.69
CA PRO B 181 -12.41 15.67 6.10
C PRO B 181 -11.23 15.27 7.03
N ALA B 182 -10.25 14.44 6.63
CA ALA B 182 -9.04 14.06 7.38
C ALA B 182 -7.99 15.15 7.31
N ASP B 183 -8.02 15.91 6.25
CA ASP B 183 -7.13 17.03 6.07
C ASP B 183 -7.66 18.13 6.97
N MET B 184 -8.96 18.43 6.96
CA MET B 184 -9.58 19.39 7.85
C MET B 184 -9.36 19.02 9.29
N ARG B 185 -9.27 17.74 9.65
CA ARG B 185 -8.99 17.26 11.01
C ARG B 185 -7.56 17.45 11.53
N GLU B 186 -6.62 17.35 10.61
CA GLU B 186 -5.22 17.51 10.88
C GLU B 186 -4.93 18.98 11.02
N ILE B 187 -5.47 19.87 10.15
CA ILE B 187 -5.24 21.30 10.27
C ILE B 187 -5.87 21.84 11.54
N LYS B 188 -6.93 21.27 12.08
CA LYS B 188 -7.44 21.68 13.38
C LYS B 188 -6.46 21.25 14.48
N ARG B 189 -5.88 20.08 14.30
CA ARG B 189 -5.06 19.49 15.33
C ARG B 189 -3.69 20.10 15.45
N LEU B 190 -3.06 20.60 14.39
CA LEU B 190 -1.83 21.34 14.55
C LEU B 190 -2.18 22.59 15.34
N PHE B 191 -3.34 23.23 15.15
CA PHE B 191 -3.83 24.37 15.93
C PHE B 191 -4.02 24.04 17.38
N GLU B 192 -4.47 22.84 17.64
CA GLU B 192 -4.58 22.38 19.02
C GLU B 192 -3.18 22.20 19.59
N ALA B 193 -2.20 21.66 18.85
CA ALA B 193 -0.84 21.54 19.34
C ALA B 193 -0.30 22.94 19.59
N MET B 194 -0.73 23.97 18.84
CA MET B 194 -0.36 25.35 19.10
C MET B 194 -1.15 26.17 20.11
N ASP B 195 -2.35 25.88 20.65
CA ASP B 195 -3.14 26.71 21.58
C ASP B 195 -3.90 27.85 20.86
N ILE B 196 -3.72 28.03 19.56
CA ILE B 196 -4.40 29.11 18.85
C ILE B 196 -5.93 28.85 18.76
N PRO B 197 -6.82 29.79 19.15
CA PRO B 197 -8.26 29.60 19.11
C PRO B 197 -8.70 29.86 17.68
N TYR B 198 -9.56 29.05 17.09
CA TYR B 198 -9.88 29.26 15.69
C TYR B 198 -11.32 28.90 15.41
N ILE B 199 -11.63 29.21 14.17
CA ILE B 199 -12.87 28.83 13.56
C ILE B 199 -12.43 28.39 12.16
N MET B 200 -12.72 27.12 11.88
CA MET B 200 -12.48 26.54 10.56
C MET B 200 -13.87 26.35 9.97
N PHE B 201 -14.07 26.85 8.73
CA PHE B 201 -15.27 26.68 7.94
C PHE B 201 -14.83 26.56 6.45
N PRO B 202 -15.36 25.63 5.62
CA PRO B 202 -16.24 24.52 6.01
C PRO B 202 -15.50 23.46 6.84
N ASP B 203 -16.21 22.54 7.49
CA ASP B 203 -15.57 21.44 8.18
C ASP B 203 -16.35 20.14 7.95
N THR B 204 -15.96 19.30 6.98
CA THR B 204 -16.65 18.05 6.75
C THR B 204 -16.10 16.96 7.68
N SER B 205 -15.50 17.28 8.81
CA SER B 205 -14.91 16.31 9.71
C SER B 205 -15.90 15.42 10.41
N GLY B 206 -16.83 15.79 11.25
CA GLY B 206 -17.64 14.72 11.80
C GLY B 206 -18.75 14.26 10.88
N VAL B 207 -18.60 14.48 9.56
CA VAL B 207 -19.63 14.31 8.52
C VAL B 207 -19.40 13.27 7.38
N LEU B 208 -18.52 13.57 6.42
CA LEU B 208 -18.32 12.71 5.27
C LEU B 208 -17.37 11.59 5.54
N ASP B 209 -16.84 11.53 6.74
CA ASP B 209 -16.14 10.38 7.26
C ASP B 209 -16.85 10.31 8.59
N GLY B 210 -17.10 9.14 9.12
CA GLY B 210 -17.96 9.11 10.29
C GLY B 210 -18.14 7.67 10.68
N PRO B 211 -18.61 7.42 11.93
CA PRO B 211 -18.74 6.12 12.59
C PRO B 211 -20.07 5.36 12.46
N THR B 212 -20.27 4.05 12.18
CA THR B 212 -21.63 3.49 12.25
C THR B 212 -21.96 3.32 13.74
N THR B 213 -22.91 4.24 13.99
CA THR B 213 -23.63 4.42 15.25
C THR B 213 -24.55 3.24 15.40
N GLY B 214 -25.12 2.83 14.26
CA GLY B 214 -26.19 1.85 14.22
C GLY B 214 -27.53 2.58 14.37
N GLU B 215 -27.52 3.90 14.08
CA GLU B 215 -28.60 4.87 14.08
C GLU B 215 -28.28 5.70 12.84
N TYR B 216 -29.25 6.13 12.03
CA TYR B 216 -28.92 7.04 10.95
C TYR B 216 -29.54 8.36 11.34
N LYS B 217 -28.63 9.35 11.28
CA LYS B 217 -28.93 10.74 11.55
C LYS B 217 -28.71 11.46 10.21
N MET B 218 -29.70 12.23 9.71
CA MET B 218 -29.61 12.91 8.41
C MET B 218 -28.65 14.06 8.57
N TYR B 219 -28.51 14.62 9.78
CA TYR B 219 -27.54 15.68 10.01
C TYR B 219 -26.57 15.08 11.01
N PRO B 220 -25.40 14.67 10.50
CA PRO B 220 -24.27 14.25 11.31
C PRO B 220 -23.72 15.40 12.13
N GLU B 221 -23.04 14.97 13.19
CA GLU B 221 -22.60 15.89 14.20
C GLU B 221 -21.49 16.91 13.91
N GLY B 222 -20.56 16.64 12.99
CA GLY B 222 -19.52 17.58 12.63
C GLY B 222 -20.03 18.75 11.79
N GLY B 223 -19.14 19.56 11.20
CA GLY B 223 -19.59 20.76 10.46
C GLY B 223 -19.58 22.03 11.32
N THR B 224 -19.33 23.19 10.65
CA THR B 224 -19.23 24.49 11.33
C THR B 224 -20.60 24.95 11.84
N LYS B 225 -20.64 25.33 13.12
CA LYS B 225 -21.88 25.71 13.72
C LYS B 225 -22.28 27.09 13.19
N ILE B 226 -23.59 27.37 13.13
CA ILE B 226 -24.08 28.61 12.54
C ILE B 226 -23.77 29.77 13.46
N GLU B 227 -23.68 29.55 14.78
CA GLU B 227 -23.25 30.60 15.72
C GLU B 227 -21.75 30.91 15.57
N ASP B 228 -20.98 29.96 15.03
CA ASP B 228 -19.56 30.14 14.85
C ASP B 228 -19.27 30.84 13.56
N LEU B 229 -20.04 30.50 12.50
CA LEU B 229 -19.95 31.16 11.19
C LEU B 229 -20.33 32.62 11.30
N LYS B 230 -21.26 32.98 12.23
CA LYS B 230 -21.57 34.38 12.52
C LYS B 230 -20.39 35.16 13.13
N ASP B 231 -19.57 34.59 14.03
CA ASP B 231 -18.50 35.31 14.68
C ASP B 231 -17.16 35.24 13.96
N THR B 232 -17.26 34.78 12.72
CA THR B 232 -16.23 34.81 11.70
C THR B 232 -16.08 36.30 11.27
N GLY B 233 -16.97 37.24 11.62
CA GLY B 233 -16.80 38.65 11.27
C GLY B 233 -15.93 39.43 12.24
N ASN B 234 -15.79 39.01 13.49
CA ASN B 234 -14.95 39.70 14.44
C ASN B 234 -13.94 38.78 15.14
N SER B 235 -13.01 38.37 14.29
CA SER B 235 -11.86 37.60 14.65
C SER B 235 -10.64 38.34 14.18
N ASP B 236 -9.48 37.99 14.76
CA ASP B 236 -8.17 38.67 14.56
C ASP B 236 -7.46 38.52 13.19
N LEU B 237 -7.70 37.41 12.46
CA LEU B 237 -7.09 37.15 11.18
C LEU B 237 -7.85 36.01 10.52
N THR B 238 -7.81 35.92 9.18
CA THR B 238 -8.32 34.80 8.42
C THR B 238 -7.21 34.19 7.56
N LEU B 239 -6.82 32.92 7.71
CA LEU B 239 -5.80 32.31 6.86
C LEU B 239 -6.61 31.52 5.84
N SER B 240 -6.22 31.53 4.57
CA SER B 240 -6.92 30.79 3.56
C SER B 240 -5.92 29.87 2.84
N LEU B 241 -6.07 28.57 3.12
CA LEU B 241 -5.22 27.51 2.61
C LEU B 241 -5.46 27.10 1.15
N GLY B 242 -4.76 27.77 0.25
CA GLY B 242 -4.85 27.50 -1.19
C GLY B 242 -5.70 28.50 -1.95
N SER B 243 -5.10 29.27 -2.86
CA SER B 243 -5.74 30.33 -3.62
C SER B 243 -7.10 30.06 -4.26
N TYR B 244 -7.17 29.14 -5.24
CA TYR B 244 -8.36 28.82 -6.06
C TYR B 244 -9.59 28.44 -5.23
N ALA B 245 -9.38 27.72 -4.13
CA ALA B 245 -10.48 27.37 -3.25
C ALA B 245 -10.78 28.36 -2.12
N SER B 246 -9.72 28.83 -1.49
CA SER B 246 -9.86 29.59 -0.28
C SER B 246 -9.83 31.11 -0.35
N ASP B 247 -9.17 31.76 -1.32
CA ASP B 247 -9.08 33.21 -1.30
C ASP B 247 -10.37 33.97 -1.36
N LEU B 248 -11.32 33.50 -2.18
CA LEU B 248 -12.57 34.20 -2.35
C LEU B 248 -13.31 34.49 -1.03
N GLY B 249 -13.59 33.53 -0.15
CA GLY B 249 -14.29 33.89 1.07
C GLY B 249 -13.45 34.85 1.93
N ALA B 250 -12.13 34.64 1.90
CA ALA B 250 -11.20 35.39 2.71
C ALA B 250 -11.14 36.86 2.37
N LYS B 251 -11.18 37.17 1.07
CA LYS B 251 -11.11 38.55 0.64
C LYS B 251 -12.47 39.18 0.92
N THR B 252 -13.57 38.48 0.64
CA THR B 252 -14.93 39.01 0.81
C THR B 252 -15.29 39.28 2.26
N LEU B 253 -14.73 38.47 3.16
CA LEU B 253 -14.91 38.63 4.58
C LEU B 253 -14.17 39.89 4.95
N GLU B 254 -12.88 39.93 4.64
CA GLU B 254 -12.03 41.09 4.78
C GLU B 254 -12.70 42.36 4.30
N LYS B 255 -13.55 42.24 3.27
CA LYS B 255 -14.30 43.42 2.85
C LYS B 255 -15.51 43.78 3.66
N LYS B 256 -16.43 42.88 3.95
CA LYS B 256 -17.55 43.34 4.74
C LYS B 256 -17.20 43.78 6.14
N CYS B 257 -16.36 43.03 6.82
CA CYS B 257 -15.88 43.29 8.18
C CYS B 257 -14.41 43.48 7.89
N LYS B 258 -13.62 44.56 8.05
CA LYS B 258 -12.22 44.43 7.64
C LYS B 258 -11.51 43.59 8.69
N VAL B 259 -11.39 42.31 8.31
CA VAL B 259 -10.72 41.26 9.05
C VAL B 259 -9.61 40.96 8.08
N PRO B 260 -8.35 40.95 8.46
CA PRO B 260 -7.26 40.57 7.56
C PRO B 260 -7.39 39.14 7.06
N PHE B 261 -6.64 38.91 6.00
CA PHE B 261 -6.61 37.57 5.49
C PHE B 261 -5.24 37.42 4.94
N LYS B 262 -4.91 36.17 4.99
CA LYS B 262 -3.59 35.72 4.69
C LYS B 262 -3.75 34.51 3.80
N THR B 263 -3.07 34.57 2.67
CA THR B 263 -3.06 33.49 1.72
C THR B 263 -1.70 32.74 1.74
N LEU B 264 -1.80 31.47 2.17
CA LEU B 264 -0.70 30.52 2.27
C LEU B 264 -1.07 29.24 1.54
N ARG B 265 -0.14 28.44 1.05
CA ARG B 265 -0.50 27.26 0.26
C ARG B 265 -1.10 26.09 1.01
N THR B 266 -1.67 25.06 0.37
CA THR B 266 -2.18 23.93 1.14
C THR B 266 -0.98 23.17 1.74
N PRO B 267 -0.91 22.95 3.06
CA PRO B 267 0.27 22.42 3.76
C PRO B 267 0.65 20.98 3.46
N ILE B 268 1.30 20.71 2.33
CA ILE B 268 1.67 19.37 1.93
C ILE B 268 3.18 19.32 1.91
N GLY B 269 3.80 18.46 2.72
CA GLY B 269 5.27 18.38 2.71
C GLY B 269 6.04 19.48 3.48
N VAL B 270 7.37 19.66 3.33
CA VAL B 270 8.12 20.64 4.14
C VAL B 270 7.78 22.15 3.98
N SER B 271 7.80 22.80 2.80
CA SER B 271 7.60 24.23 2.64
C SER B 271 6.26 24.72 3.09
N ALA B 272 5.23 24.11 2.50
CA ALA B 272 3.87 24.49 2.73
C ALA B 272 3.40 24.30 4.19
N THR B 273 3.90 23.21 4.83
CA THR B 273 3.58 22.97 6.22
C THR B 273 4.39 23.88 7.10
N ASP B 274 5.73 23.95 6.97
CA ASP B 274 6.55 24.85 7.74
C ASP B 274 5.98 26.23 7.77
N GLU B 275 5.56 26.66 6.57
CA GLU B 275 5.00 27.98 6.38
C GLU B 275 3.68 28.16 7.04
N PHE B 276 2.77 27.19 6.97
CA PHE B 276 1.50 27.26 7.63
C PHE B 276 1.83 27.51 9.10
N ILE B 277 2.59 26.61 9.69
CA ILE B 277 3.10 26.65 11.07
C ILE B 277 3.74 28.00 11.45
N MET B 278 4.64 28.48 10.61
CA MET B 278 5.30 29.74 10.78
C MET B 278 4.34 30.90 10.80
N ALA B 279 3.32 30.81 9.95
CA ALA B 279 2.32 31.82 9.83
C ALA B 279 1.55 31.92 11.13
N LEU B 280 1.14 30.79 11.71
CA LEU B 280 0.44 30.78 12.98
C LEU B 280 1.30 31.34 14.08
N SER B 281 2.56 31.02 14.07
CA SER B 281 3.54 31.58 14.97
C SER B 281 3.76 33.09 14.91
N GLU B 282 4.22 33.58 13.75
CA GLU B 282 4.45 34.99 13.42
C GLU B 282 3.32 35.91 13.82
N ALA B 283 2.13 35.47 13.35
CA ALA B 283 0.89 36.14 13.62
C ALA B 283 0.57 36.08 15.10
N THR B 284 0.53 34.94 15.84
CA THR B 284 0.12 34.91 17.26
C THR B 284 1.16 35.16 18.36
N GLY B 285 2.44 35.24 17.94
CA GLY B 285 3.58 35.49 18.80
C GLY B 285 4.12 34.22 19.41
N LYS B 286 3.34 33.11 19.41
CA LYS B 286 3.75 31.89 20.09
C LYS B 286 4.62 30.94 19.29
N GLU B 287 5.37 30.20 20.11
CA GLU B 287 6.37 29.28 19.57
C GLU B 287 5.88 27.85 19.40
N VAL B 288 6.49 27.30 18.33
CA VAL B 288 6.32 25.92 17.89
C VAL B 288 6.69 24.82 18.89
N PRO B 289 5.76 23.89 19.23
CA PRO B 289 5.96 22.81 20.17
C PRO B 289 6.80 21.66 19.64
N ALA B 290 7.41 21.01 20.62
CA ALA B 290 8.21 19.82 20.42
C ALA B 290 7.54 18.70 19.63
N SER B 291 6.21 18.55 19.79
CA SER B 291 5.39 17.57 19.07
C SER B 291 5.51 17.73 17.56
N ILE B 292 5.59 19.01 17.19
CA ILE B 292 5.71 19.40 15.80
C ILE B 292 7.16 19.31 15.36
N GLU B 293 8.15 19.76 16.17
CA GLU B 293 9.59 19.62 15.85
C GLU B 293 9.99 18.18 15.50
N GLU B 294 9.30 17.29 16.21
CA GLU B 294 9.51 15.87 16.15
C GLU B 294 8.78 15.24 14.98
N GLU B 295 7.53 15.65 14.69
CA GLU B 295 6.83 15.20 13.48
C GLU B 295 7.67 15.66 12.29
N ARG B 296 8.24 16.87 12.44
CA ARG B 296 9.10 17.43 11.43
C ARG B 296 10.38 16.63 11.29
N GLY B 297 11.02 16.24 12.40
CA GLY B 297 12.27 15.52 12.34
C GLY B 297 12.15 14.17 11.70
N GLN B 298 11.07 13.49 12.08
CA GLN B 298 10.74 12.16 11.58
C GLN B 298 10.45 12.25 10.09
N LEU B 299 9.80 13.30 9.61
CA LEU B 299 9.64 13.47 8.18
C LEU B 299 10.99 13.59 7.46
N ILE B 300 11.89 14.53 7.82
CA ILE B 300 13.21 14.73 7.21
C ILE B 300 14.00 13.43 7.32
N ASP B 301 14.00 12.78 8.45
CA ASP B 301 14.62 11.50 8.60
C ASP B 301 14.06 10.50 7.61
N LEU B 302 12.75 10.41 7.32
CA LEU B 302 12.15 9.41 6.41
C LEU B 302 12.50 9.75 4.98
N MET B 303 12.48 11.02 4.60
CA MET B 303 12.90 11.40 3.28
C MET B 303 14.40 11.15 3.04
N ILE B 304 15.24 11.25 4.11
CA ILE B 304 16.66 10.95 4.09
C ILE B 304 16.89 9.45 4.06
N ASP B 305 16.21 8.59 4.80
CA ASP B 305 16.38 7.13 4.71
C ASP B 305 15.92 6.48 3.37
N ALA B 306 14.76 6.89 2.82
CA ALA B 306 14.23 6.47 1.52
C ALA B 306 14.85 7.17 0.34
N GLN B 307 15.76 8.12 0.57
CA GLN B 307 16.41 8.97 -0.41
C GLN B 307 16.97 8.21 -1.57
N GLN B 308 17.43 6.97 -1.37
CA GLN B 308 18.03 6.13 -2.40
C GLN B 308 17.16 5.94 -3.66
N TYR B 309 15.88 5.81 -3.30
CA TYR B 309 14.83 5.48 -4.21
C TYR B 309 14.27 6.71 -4.86
N LEU B 310 14.01 7.72 -4.04
CA LEU B 310 13.48 8.98 -4.48
C LEU B 310 14.19 9.77 -5.58
N GLN B 311 15.52 9.71 -5.65
CA GLN B 311 16.29 10.63 -6.45
C GLN B 311 16.23 10.37 -7.92
N GLY B 312 15.74 11.37 -8.67
CA GLY B 312 15.61 11.35 -10.11
C GLY B 312 14.44 10.51 -10.63
N LYS B 313 13.35 10.29 -9.91
CA LYS B 313 12.17 9.63 -10.45
C LYS B 313 11.38 10.63 -11.23
N LYS B 314 11.05 10.45 -12.50
CA LYS B 314 10.12 11.31 -13.24
C LYS B 314 8.64 11.14 -12.82
N VAL B 315 7.84 12.14 -12.50
CA VAL B 315 6.46 11.94 -12.06
C VAL B 315 5.44 12.63 -13.01
N ALA B 316 4.32 11.94 -13.25
CA ALA B 316 3.15 12.47 -13.93
C ALA B 316 2.11 12.76 -12.86
N LEU B 317 1.79 14.06 -12.72
CA LEU B 317 0.85 14.58 -11.74
C LEU B 317 -0.45 15.00 -12.39
N LEU B 318 -1.63 14.60 -11.89
CA LEU B 318 -2.91 15.07 -12.40
C LEU B 318 -3.91 15.24 -11.28
N GLY B 319 -4.33 16.48 -11.11
CA GLY B 319 -5.24 16.80 -10.05
C GLY B 319 -5.59 18.26 -10.14
N ASP B 320 -5.89 18.73 -8.95
CA ASP B 320 -6.37 20.08 -8.77
C ASP B 320 -5.36 21.17 -8.61
N PRO B 321 -5.60 22.45 -9.01
CA PRO B 321 -4.56 23.47 -9.10
C PRO B 321 -3.81 23.67 -7.77
N ASP B 322 -4.53 24.05 -6.70
CA ASP B 322 -4.03 24.29 -5.35
C ASP B 322 -3.24 23.17 -4.72
N GLU B 323 -3.68 21.93 -4.83
CA GLU B 323 -2.91 20.87 -4.25
C GLU B 323 -1.80 20.43 -5.20
N ILE B 324 -1.96 20.38 -6.54
CA ILE B 324 -0.84 19.94 -7.34
C ILE B 324 0.27 20.98 -7.23
N ILE B 325 -0.01 22.29 -6.97
CA ILE B 325 1.02 23.31 -6.69
C ILE B 325 1.83 22.86 -5.47
N ALA B 326 1.17 22.57 -4.35
CA ALA B 326 1.87 22.11 -3.14
C ALA B 326 2.56 20.74 -3.32
N LEU B 327 1.96 19.81 -4.08
CA LEU B 327 2.49 18.47 -4.23
C LEU B 327 3.70 18.50 -5.14
N SER B 328 3.75 19.21 -6.27
CA SER B 328 4.93 19.23 -7.16
C SER B 328 6.19 19.75 -6.46
N LYS B 329 6.00 20.73 -5.59
CA LYS B 329 7.05 21.29 -4.76
C LYS B 329 7.57 20.14 -3.86
N PHE B 330 6.71 19.33 -3.24
CA PHE B 330 7.10 18.20 -2.40
C PHE B 330 7.73 17.05 -3.19
N ILE B 331 7.47 16.76 -4.47
CA ILE B 331 8.28 15.77 -5.19
C ILE B 331 9.58 16.43 -5.59
N ILE B 332 9.61 17.75 -5.69
CA ILE B 332 10.81 18.49 -5.98
C ILE B 332 11.72 18.43 -4.76
N GLU B 333 11.17 18.50 -3.55
CA GLU B 333 12.00 18.32 -2.39
C GLU B 333 12.21 16.88 -2.00
N LEU B 334 11.64 15.93 -2.73
CA LEU B 334 11.89 14.53 -2.40
C LEU B 334 13.08 14.05 -3.20
N GLY B 335 13.34 14.82 -4.26
CA GLY B 335 14.41 14.56 -5.17
C GLY B 335 13.91 14.08 -6.52
N ALA B 336 12.60 13.90 -6.71
CA ALA B 336 12.03 13.47 -7.97
C ALA B 336 11.83 14.68 -8.86
N ILE B 337 11.64 14.38 -10.13
CA ILE B 337 11.39 15.37 -11.17
C ILE B 337 9.87 15.31 -11.33
N PRO B 338 9.07 16.39 -11.23
CA PRO B 338 7.88 16.61 -12.08
C PRO B 338 8.03 16.81 -13.60
N LYS B 339 7.74 15.71 -14.28
CA LYS B 339 7.72 15.67 -15.72
C LYS B 339 6.42 16.15 -16.40
N TYR B 340 5.22 15.72 -15.99
CA TYR B 340 3.99 16.01 -16.68
C TYR B 340 3.07 16.53 -15.61
N VAL B 341 2.79 17.83 -15.51
CA VAL B 341 1.94 18.38 -14.46
C VAL B 341 0.78 19.07 -15.17
N VAL B 342 -0.41 18.50 -15.02
CA VAL B 342 -1.63 18.92 -15.66
C VAL B 342 -2.69 19.31 -14.66
N THR B 343 -3.51 20.32 -14.88
CA THR B 343 -4.71 20.48 -14.08
C THR B 343 -5.86 20.67 -15.08
N GLY B 344 -7.06 20.24 -14.82
CA GLY B 344 -8.08 20.45 -15.81
C GLY B 344 -8.76 21.81 -15.60
N THR B 345 -8.58 22.27 -14.38
CA THR B 345 -9.32 23.42 -14.01
C THR B 345 -8.53 24.69 -14.40
N PRO B 346 -9.17 25.60 -15.18
CA PRO B 346 -8.66 26.90 -15.63
C PRO B 346 -7.88 27.77 -14.65
N GLY B 347 -6.92 28.60 -15.11
CA GLY B 347 -6.19 29.50 -14.20
C GLY B 347 -4.72 29.65 -14.53
N MET B 348 -4.27 30.90 -14.60
CA MET B 348 -2.88 31.28 -14.96
C MET B 348 -1.80 30.92 -13.93
N LYS B 349 -2.18 31.17 -12.68
CA LYS B 349 -1.41 30.94 -11.47
C LYS B 349 -0.74 29.60 -11.55
N PHE B 350 -1.50 28.51 -11.69
CA PHE B 350 -0.96 27.16 -11.80
C PHE B 350 0.17 27.15 -12.85
N GLN B 351 -0.04 27.74 -14.04
CA GLN B 351 1.03 27.83 -15.04
C GLN B 351 2.28 28.44 -14.42
N LYS B 352 2.08 29.65 -13.95
CA LYS B 352 3.10 30.50 -13.37
C LYS B 352 3.92 30.01 -12.16
N GLU B 353 3.25 29.53 -11.11
CA GLU B 353 3.83 29.02 -9.87
C GLU B 353 4.67 27.77 -10.01
N ILE B 354 4.21 26.74 -10.70
CA ILE B 354 4.94 25.49 -10.79
C ILE B 354 5.93 25.69 -11.90
N ASP B 355 5.83 26.77 -12.64
CA ASP B 355 6.81 27.10 -13.66
C ASP B 355 8.12 27.54 -13.02
N ALA B 356 7.97 28.54 -12.14
CA ALA B 356 9.03 29.12 -11.31
C ALA B 356 9.77 28.06 -10.50
N MET B 357 8.95 27.21 -9.91
CA MET B 357 9.35 26.04 -9.16
C MET B 357 10.34 25.10 -9.86
N LEU B 358 10.29 25.00 -11.18
CA LEU B 358 11.22 24.15 -11.88
C LEU B 358 12.42 24.91 -12.42
N ALA B 359 12.35 26.24 -12.58
CA ALA B 359 13.47 27.10 -12.95
C ALA B 359 14.34 27.14 -11.71
N GLU B 360 13.93 27.65 -10.55
CA GLU B 360 14.72 27.54 -9.32
C GLU B 360 14.65 26.09 -8.78
N ALA B 361 15.29 25.18 -9.49
CA ALA B 361 15.33 23.76 -9.20
C ALA B 361 16.14 23.15 -10.31
N GLY B 362 16.13 23.80 -11.49
CA GLY B 362 16.96 23.43 -12.63
C GLY B 362 16.44 22.23 -13.39
N ILE B 363 15.11 22.02 -13.29
CA ILE B 363 14.41 20.91 -13.94
C ILE B 363 13.89 21.38 -15.32
N GLU B 364 14.23 20.50 -16.26
CA GLU B 364 13.96 20.68 -17.67
C GLU B 364 13.18 19.45 -18.17
N GLY B 365 12.69 19.66 -19.41
CA GLY B 365 11.96 18.61 -20.11
C GLY B 365 10.52 18.47 -19.66
N SER B 366 10.03 19.36 -18.79
CA SER B 366 8.66 19.31 -18.27
C SER B 366 7.50 19.88 -19.12
N LYS B 367 6.40 19.14 -19.16
CA LYS B 367 5.18 19.60 -19.76
C LYS B 367 4.20 19.80 -18.64
N VAL B 368 4.03 21.07 -18.39
CA VAL B 368 3.07 21.56 -17.41
C VAL B 368 1.93 22.09 -18.31
N LYS B 369 0.69 21.84 -17.94
CA LYS B 369 -0.41 22.19 -18.80
C LYS B 369 -1.63 22.52 -17.96
N VAL B 370 -2.14 23.76 -18.08
CA VAL B 370 -3.37 24.17 -17.44
C VAL B 370 -4.49 23.89 -18.42
N GLU B 371 -5.57 23.31 -17.92
CA GLU B 371 -6.77 22.96 -18.64
C GLU B 371 -6.47 21.88 -19.69
N GLY B 372 -5.94 20.79 -19.17
CA GLY B 372 -5.65 19.63 -19.99
C GLY B 372 -6.54 18.47 -19.57
N ASP B 373 -6.28 17.26 -20.05
CA ASP B 373 -7.08 16.10 -19.69
C ASP B 373 -6.21 14.87 -19.59
N PHE B 374 -6.82 13.74 -19.26
CA PHE B 374 -6.12 12.50 -19.11
C PHE B 374 -5.59 11.95 -20.40
N PHE B 375 -6.23 12.16 -21.55
CA PHE B 375 -5.76 11.68 -22.85
C PHE B 375 -4.35 12.20 -23.24
N ASP B 376 -4.18 13.50 -22.90
CA ASP B 376 -2.98 14.31 -23.10
C ASP B 376 -1.86 13.68 -22.33
N VAL B 377 -1.94 13.49 -21.00
CA VAL B 377 -0.83 12.88 -20.23
C VAL B 377 -0.54 11.47 -20.76
N HIS B 378 -1.50 10.61 -21.11
CA HIS B 378 -1.19 9.26 -21.58
C HIS B 378 -0.42 9.30 -22.91
N GLN B 379 -0.78 10.23 -23.83
CA GLN B 379 -0.10 10.41 -25.12
C GLN B 379 1.30 10.83 -24.86
N TRP B 380 1.56 11.76 -23.93
CA TRP B 380 2.92 12.19 -23.58
C TRP B 380 3.74 11.00 -23.12
N ILE B 381 3.23 10.18 -22.20
CA ILE B 381 3.84 8.98 -21.64
C ILE B 381 4.09 8.00 -22.78
N LYS B 382 3.29 7.97 -23.85
CA LYS B 382 3.57 7.12 -25.01
C LYS B 382 4.90 7.48 -25.70
N ASN B 383 5.34 8.72 -25.56
CA ASN B 383 6.56 9.28 -26.14
C ASN B 383 7.83 9.20 -25.28
N GLU B 384 7.71 9.45 -23.96
CA GLU B 384 8.73 9.19 -22.95
C GLU B 384 8.07 9.13 -21.58
N GLY B 385 8.29 7.90 -21.10
CA GLY B 385 7.67 7.36 -19.91
C GLY B 385 8.08 8.05 -18.64
N VAL B 386 7.19 7.88 -17.68
CA VAL B 386 7.34 8.51 -16.40
C VAL B 386 7.47 7.37 -15.37
N ASP B 387 7.95 7.64 -14.16
CA ASP B 387 8.22 6.63 -13.15
C ASP B 387 7.12 6.42 -12.11
N LEU B 388 6.22 7.38 -11.94
CA LEU B 388 5.19 7.35 -10.92
C LEU B 388 4.08 8.21 -11.50
N LEU B 389 2.83 7.88 -11.14
CA LEU B 389 1.61 8.56 -11.51
C LEU B 389 0.88 8.83 -10.22
N ILE B 390 0.46 10.07 -10.03
CA ILE B 390 -0.26 10.50 -8.84
C ILE B 390 -1.38 11.35 -9.38
N SER B 391 -2.54 10.69 -9.51
CA SER B 391 -3.77 11.25 -10.05
C SER B 391 -4.93 10.71 -9.23
N ASN B 392 -6.21 10.98 -9.53
CA ASN B 392 -7.37 10.32 -8.91
C ASN B 392 -7.51 8.88 -9.44
N THR B 393 -8.67 8.24 -9.27
CA THR B 393 -8.96 6.91 -9.77
C THR B 393 -8.84 6.70 -11.28
N TYR B 394 -9.06 7.62 -12.20
CA TYR B 394 -9.00 7.32 -13.62
C TYR B 394 -7.63 7.25 -14.26
N GLY B 395 -6.61 7.69 -13.53
CA GLY B 395 -5.23 7.58 -13.94
C GLY B 395 -4.78 6.11 -13.89
N LYS B 396 -5.63 5.26 -13.28
CA LYS B 396 -5.37 3.85 -13.09
C LYS B 396 -5.43 3.10 -14.39
N PHE B 397 -6.15 3.66 -15.34
CA PHE B 397 -6.20 3.10 -16.66
C PHE B 397 -4.84 3.33 -17.35
N ILE B 398 -4.16 4.46 -17.08
CA ILE B 398 -2.83 4.73 -17.64
C ILE B 398 -1.80 3.85 -16.94
N ALA B 399 -1.89 3.76 -15.61
CA ALA B 399 -1.09 2.89 -14.81
C ALA B 399 -1.08 1.46 -15.36
N ARG B 400 -2.23 0.79 -15.46
CA ARG B 400 -2.28 -0.60 -15.82
C ARG B 400 -1.78 -0.84 -17.20
N GLU B 401 -2.30 -0.01 -18.07
CA GLU B 401 -1.93 -0.10 -19.45
C GLU B 401 -0.41 0.03 -19.55
N GLU B 402 0.11 1.17 -19.12
CA GLU B 402 1.52 1.48 -19.24
C GLU B 402 2.45 1.07 -18.12
N ASN B 403 2.10 0.13 -17.24
CA ASN B 403 2.86 -0.31 -16.06
C ASN B 403 3.72 0.76 -15.36
N ILE B 404 2.98 1.74 -14.81
CA ILE B 404 3.52 2.86 -14.08
C ILE B 404 3.07 2.70 -12.63
N PRO B 405 3.89 2.76 -11.56
CA PRO B 405 3.45 2.93 -10.18
C PRO B 405 2.45 4.08 -10.03
N PHE B 406 1.43 3.91 -9.22
CA PHE B 406 0.40 4.91 -9.14
C PHE B 406 -0.06 5.05 -7.71
N VAL B 407 -0.14 6.29 -7.21
CA VAL B 407 -0.76 6.52 -5.92
C VAL B 407 -1.89 7.49 -6.27
N ARG B 408 -3.06 7.14 -5.77
CA ARG B 408 -4.31 7.87 -5.91
C ARG B 408 -4.28 9.10 -5.03
N PHE B 409 -4.79 10.23 -5.52
CA PHE B 409 -4.71 11.46 -4.78
C PHE B 409 -5.64 12.47 -5.42
N GLY B 410 -6.47 13.10 -4.60
CA GLY B 410 -7.35 14.12 -5.09
C GLY B 410 -8.80 13.64 -5.04
N PHE B 411 -9.60 14.25 -5.92
CA PHE B 411 -11.02 13.94 -6.09
C PHE B 411 -11.02 13.26 -7.44
N PRO B 412 -11.69 12.14 -7.70
CA PRO B 412 -12.18 11.22 -6.72
C PRO B 412 -11.55 9.84 -6.87
N ILE B 413 -11.33 9.33 -5.68
CA ILE B 413 -10.75 8.02 -5.42
C ILE B 413 -11.97 7.25 -4.98
N MET B 414 -12.41 6.40 -5.88
CA MET B 414 -13.60 5.61 -5.68
C MET B 414 -13.37 4.09 -5.58
N ASP B 415 -12.10 3.63 -5.71
CA ASP B 415 -11.70 2.22 -5.66
C ASP B 415 -11.36 1.65 -4.31
N ARG B 416 -11.10 2.48 -3.33
CA ARG B 416 -10.51 1.90 -2.16
C ARG B 416 -11.25 2.33 -0.95
N TYR B 417 -10.88 1.63 0.12
CA TYR B 417 -11.51 1.83 1.38
C TYR B 417 -10.46 2.49 2.29
N GLY B 418 -10.94 3.30 3.21
CA GLY B 418 -10.10 3.89 4.21
C GLY B 418 -9.41 5.17 3.83
N HIS B 419 -8.97 5.40 2.58
CA HIS B 419 -8.25 6.62 2.20
C HIS B 419 -8.59 7.96 2.89
N TYR B 420 -9.90 8.10 3.08
CA TYR B 420 -10.62 9.28 3.55
C TYR B 420 -10.34 9.67 5.00
N TYR B 421 -9.78 8.71 5.76
CA TYR B 421 -9.46 8.82 7.18
C TYR B 421 -7.98 9.16 7.47
N ASN B 422 -7.14 9.44 6.49
CA ASN B 422 -5.79 9.85 6.77
C ASN B 422 -5.41 10.96 5.83
N PRO B 423 -4.56 11.88 6.29
CA PRO B 423 -4.36 13.12 5.63
C PRO B 423 -3.33 12.99 4.55
N LYS B 424 -3.14 14.13 3.94
CA LYS B 424 -2.07 14.39 2.98
C LYS B 424 -1.44 15.73 3.36
N VAL B 425 -1.74 16.18 4.55
CA VAL B 425 -1.43 17.51 4.96
C VAL B 425 -0.73 17.33 6.29
N GLY B 426 0.25 18.22 6.38
CA GLY B 426 1.12 18.36 7.53
C GLY B 426 2.36 17.52 7.30
N TYR B 427 2.90 17.23 8.48
CA TYR B 427 4.08 16.41 8.60
C TYR B 427 3.65 14.96 8.49
N LYS B 428 2.58 14.59 9.18
CA LYS B 428 1.95 13.28 9.12
C LYS B 428 1.63 12.77 7.72
N GLY B 429 0.85 13.57 6.99
CA GLY B 429 0.47 13.27 5.62
C GLY B 429 1.61 13.33 4.62
N ALA B 430 2.75 13.92 4.99
CA ALA B 430 3.93 13.92 4.16
C ALA B 430 4.66 12.63 4.48
N ILE B 431 4.68 12.17 5.73
CA ILE B 431 5.32 10.88 6.14
C ILE B 431 4.61 9.75 5.40
N ARG B 432 3.30 9.85 5.51
CA ARG B 432 2.39 8.97 4.85
C ARG B 432 2.60 8.90 3.37
N LEU B 433 2.69 10.07 2.71
CA LEU B 433 3.00 10.12 1.28
C LEU B 433 4.39 9.59 0.98
N VAL B 434 5.48 9.92 1.69
CA VAL B 434 6.78 9.33 1.41
C VAL B 434 6.66 7.80 1.54
N GLU B 435 5.86 7.33 2.47
CA GLU B 435 5.67 5.92 2.66
C GLU B 435 5.04 5.33 1.45
N GLU B 436 3.88 5.82 0.98
CA GLU B 436 3.20 5.18 -0.13
C GLU B 436 3.90 5.32 -1.46
N ILE B 437 4.61 6.39 -1.82
CA ILE B 437 5.27 6.43 -3.13
C ILE B 437 6.45 5.45 -3.16
N THR B 438 7.07 5.28 -2.02
CA THR B 438 8.19 4.41 -1.84
C THR B 438 7.61 3.02 -1.92
N ASN B 439 6.55 2.58 -1.25
CA ASN B 439 6.16 1.17 -1.32
C ASN B 439 5.80 0.77 -2.72
N VAL B 440 5.02 1.56 -3.44
CA VAL B 440 4.63 1.45 -4.85
C VAL B 440 5.82 1.25 -5.80
N ILE B 441 6.93 1.94 -5.54
CA ILE B 441 8.19 1.82 -6.26
C ILE B 441 8.92 0.57 -5.76
N LEU B 442 9.01 0.26 -4.50
CA LEU B 442 9.68 -0.97 -4.11
C LEU B 442 8.92 -2.21 -4.54
N ASP B 443 7.60 -2.24 -4.44
CA ASP B 443 6.72 -3.35 -4.78
C ASP B 443 6.87 -3.68 -6.24
N LYS B 444 6.85 -2.65 -7.09
CA LYS B 444 7.11 -2.80 -8.52
C LYS B 444 8.40 -3.56 -8.80
N ILE B 445 9.52 -3.07 -8.27
CA ILE B 445 10.81 -3.64 -8.57
C ILE B 445 10.89 -5.02 -7.96
N GLU B 446 10.35 -5.25 -6.76
CA GLU B 446 10.27 -6.58 -6.17
C GLU B 446 9.50 -7.59 -7.02
N ARG B 447 8.55 -7.07 -7.81
CA ARG B 447 7.71 -7.87 -8.65
C ARG B 447 8.41 -8.16 -9.96
N GLU B 448 9.00 -7.15 -10.59
CA GLU B 448 9.55 -7.31 -11.93
C GLU B 448 11.05 -7.64 -11.95
N CYS B 449 11.80 -7.79 -10.85
CA CYS B 449 13.20 -8.19 -10.94
C CYS B 449 13.39 -9.69 -11.28
N THR B 450 14.63 -10.14 -11.49
CA THR B 450 14.82 -11.52 -11.82
C THR B 450 15.01 -12.26 -10.48
N GLU B 451 14.94 -13.59 -10.38
CA GLU B 451 14.91 -14.23 -9.08
C GLU B 451 16.21 -14.18 -8.24
N GLU B 452 17.33 -13.90 -8.93
CA GLU B 452 18.65 -13.70 -8.34
C GLU B 452 18.81 -12.23 -8.07
N ASP B 453 17.86 -11.37 -8.40
CA ASP B 453 17.90 -9.94 -8.14
C ASP B 453 16.87 -9.65 -7.06
N PHE B 454 16.32 -10.67 -6.45
CA PHE B 454 15.34 -10.50 -5.42
C PHE B 454 16.19 -10.28 -4.17
N GLU B 455 15.85 -9.27 -3.37
CA GLU B 455 16.59 -8.87 -2.20
C GLU B 455 15.83 -9.16 -0.93
N VAL B 456 16.41 -9.07 0.26
CA VAL B 456 15.65 -9.30 1.49
C VAL B 456 15.67 -8.05 2.36
N VAL B 457 16.79 -7.33 2.47
CA VAL B 457 16.82 -6.05 3.19
C VAL B 457 16.86 -5.11 1.99
N ARG B 458 16.23 -3.96 2.11
CA ARG B 458 16.09 -3.05 1.01
C ARG B 458 16.06 -1.63 1.57
N SER C 1 52.64 11.92 11.57
CA SER C 1 52.23 13.02 12.44
C SER C 1 51.64 12.30 13.67
N GLU C 2 51.14 13.05 14.67
CA GLU C 2 50.67 12.42 15.90
C GLU C 2 49.51 13.21 16.51
N ASN C 3 49.17 14.39 15.97
CA ASN C 3 48.25 15.28 16.66
C ASN C 3 46.80 14.85 16.79
N LEU C 4 46.22 14.21 15.75
CA LEU C 4 44.85 13.67 15.93
C LEU C 4 44.86 12.45 16.87
N LYS C 5 45.96 11.67 16.97
CA LYS C 5 46.04 10.57 17.92
C LYS C 5 45.75 11.03 19.33
N ASP C 6 46.15 12.24 19.66
CA ASP C 6 45.91 12.81 20.97
C ASP C 6 44.49 13.28 21.21
N GLU C 7 43.80 13.73 20.18
CA GLU C 7 42.41 14.11 20.28
C GLU C 7 41.54 12.84 20.52
N ILE C 8 41.84 11.77 19.77
CA ILE C 8 41.13 10.53 19.94
C ILE C 8 41.53 9.92 21.27
N LEU C 9 42.81 9.68 21.56
CA LEU C 9 43.28 9.03 22.80
C LEU C 9 43.06 9.76 24.11
N GLU C 10 42.78 11.07 24.02
CA GLU C 10 42.56 11.96 25.16
C GLU C 10 41.60 11.39 26.17
N LYS C 11 40.47 10.89 25.66
CA LYS C 11 39.40 10.40 26.52
C LYS C 11 39.54 9.02 27.16
N TYR C 12 40.40 8.16 26.60
CA TYR C 12 40.48 6.80 27.06
C TYR C 12 41.15 6.66 28.42
N ILE C 13 40.69 5.69 29.19
CA ILE C 13 41.35 5.42 30.45
C ILE C 13 42.62 4.70 30.03
N PRO C 14 43.72 5.01 30.73
CA PRO C 14 45.10 4.84 30.29
C PRO C 14 45.60 3.48 29.84
N LYS C 15 45.00 2.46 30.43
CA LYS C 15 45.22 1.04 30.13
C LYS C 15 44.68 0.70 28.72
N THR C 16 43.52 1.30 28.37
CA THR C 16 42.88 1.23 27.06
C THR C 16 43.64 2.23 26.20
N LYS C 17 43.99 3.42 26.68
CA LYS C 17 44.83 4.36 25.96
C LYS C 17 46.13 3.73 25.48
N LYS C 18 46.76 2.89 26.28
CA LYS C 18 47.99 2.26 25.88
C LYS C 18 47.75 1.27 24.75
N THR C 19 46.82 0.32 24.94
CA THR C 19 46.49 -0.74 23.98
C THR C 19 46.04 -0.15 22.64
N ARG C 20 45.09 0.78 22.75
CA ARG C 20 44.52 1.40 21.59
C ARG C 20 45.52 2.06 20.74
N SER C 21 46.41 2.86 21.32
CA SER C 21 47.45 3.60 20.64
C SER C 21 48.10 2.99 19.38
N GLY C 22 48.57 1.74 19.33
CA GLY C 22 49.26 1.23 18.15
C GLY C 22 48.39 1.04 16.93
N HIS C 23 47.08 1.03 17.16
CA HIS C 23 46.07 0.81 16.13
C HIS C 23 45.75 2.07 15.29
N ILE C 24 46.03 3.26 15.84
CA ILE C 24 45.85 4.53 15.16
C ILE C 24 47.28 4.87 14.67
N VAL C 25 47.60 4.85 13.39
CA VAL C 25 48.88 5.28 12.86
C VAL C 25 48.62 6.50 11.93
N ILE C 26 49.41 7.61 11.88
CA ILE C 26 49.17 8.69 10.91
C ILE C 26 50.32 8.59 9.91
N LYS C 27 50.11 8.56 8.59
CA LYS C 27 51.24 8.48 7.66
C LYS C 27 51.90 9.85 7.42
N THR C 28 53.24 9.82 7.48
CA THR C 28 54.08 10.99 7.26
C THR C 28 55.13 10.49 6.27
N GLU C 29 55.66 11.37 5.39
CA GLU C 29 56.74 11.03 4.41
C GLU C 29 57.98 10.65 5.21
N GLU C 30 57.97 11.49 6.24
CA GLU C 30 58.84 11.42 7.36
C GLU C 30 59.08 9.99 7.88
N THR C 31 57.92 9.32 8.00
CA THR C 31 57.79 7.98 8.53
C THR C 31 57.04 7.32 7.37
N PRO C 32 57.80 6.96 6.35
CA PRO C 32 57.43 7.03 4.91
C PRO C 32 56.25 6.21 4.37
N ASN C 33 55.73 5.52 5.38
CA ASN C 33 54.68 4.56 5.45
C ASN C 33 55.16 3.74 6.71
N PRO C 34 54.35 3.65 7.81
CA PRO C 34 54.63 2.96 9.09
C PRO C 34 53.97 1.61 9.51
N GLU C 35 54.01 1.25 10.81
CA GLU C 35 53.43 0.01 11.31
C GLU C 35 52.27 0.33 12.23
N ILE C 36 51.20 -0.43 11.97
CA ILE C 36 49.92 -0.35 12.67
C ILE C 36 49.87 -1.65 13.49
N VAL C 37 49.00 -1.70 14.49
CA VAL C 37 48.84 -2.90 15.26
C VAL C 37 47.40 -3.33 14.99
N ALA C 38 47.41 -4.41 14.24
CA ALA C 38 46.22 -5.06 13.78
C ALA C 38 46.07 -6.46 14.39
N ASN C 39 44.85 -7.03 14.46
CA ASN C 39 44.60 -8.43 14.88
C ASN C 39 45.00 -9.13 16.23
N THR C 40 44.46 -8.43 17.24
CA THR C 40 44.50 -8.75 18.66
C THR C 40 43.06 -8.72 19.25
N ARG C 41 42.86 -9.03 20.53
CA ARG C 41 41.59 -8.87 21.21
C ARG C 41 40.92 -7.53 20.91
N THR C 42 39.60 -7.57 20.85
CA THR C 42 38.82 -6.34 20.88
C THR C 42 38.81 -6.02 22.38
N VAL C 43 38.78 -4.72 22.71
CA VAL C 43 38.73 -4.27 24.11
C VAL C 43 37.29 -4.38 24.60
N PRO C 44 36.89 -5.04 25.70
CA PRO C 44 35.53 -5.05 26.16
C PRO C 44 34.98 -3.66 26.45
N GLY C 45 33.66 -3.53 26.21
CA GLY C 45 32.93 -2.30 26.48
C GLY C 45 33.25 -1.12 25.56
N ILE C 46 34.16 -1.30 24.61
CA ILE C 46 34.42 -0.34 23.55
C ILE C 46 33.26 -0.81 22.63
N ILE C 47 32.73 0.11 21.82
CA ILE C 47 31.74 -0.30 20.81
C ILE C 47 32.52 -0.58 19.48
N THR C 48 32.77 -1.84 19.04
CA THR C 48 33.47 -2.10 17.78
C THR C 48 32.44 -2.55 16.74
N ALA C 49 32.92 -2.70 15.48
CA ALA C 49 32.19 -3.15 14.30
C ALA C 49 32.21 -4.67 14.01
N ARG C 50 33.24 -5.30 14.59
CA ARG C 50 33.70 -6.68 14.45
C ARG C 50 32.76 -7.85 14.80
N GLY C 51 33.05 -9.05 14.27
CA GLY C 51 32.26 -10.27 14.47
C GLY C 51 32.97 -11.45 15.16
N CYS C 52 32.50 -12.65 14.83
CA CYS C 52 32.87 -13.92 15.43
C CYS C 52 33.56 -14.84 14.42
N ALA C 53 34.23 -15.94 14.77
CA ALA C 53 34.88 -16.79 13.80
C ALA C 53 33.94 -17.39 12.77
N TYR C 54 32.77 -17.90 13.19
CA TYR C 54 31.66 -18.41 12.36
C TYR C 54 31.16 -17.43 11.32
N ALA C 55 31.18 -16.14 11.59
CA ALA C 55 30.81 -15.12 10.64
C ALA C 55 31.79 -15.12 9.47
N GLY C 56 33.05 -15.47 9.57
CA GLY C 56 33.89 -15.52 8.40
C GLY C 56 33.86 -16.86 7.71
N CYS C 57 33.31 -17.91 8.32
CA CYS C 57 33.39 -19.25 7.77
C CYS C 57 32.07 -19.67 7.14
N LYS C 58 30.97 -19.68 7.87
CA LYS C 58 29.66 -19.96 7.33
C LYS C 58 29.21 -18.67 6.65
N GLY C 59 29.40 -17.52 7.32
CA GLY C 59 28.96 -16.25 6.81
C GLY C 59 29.52 -15.93 5.46
N VAL C 60 30.83 -15.67 5.41
CA VAL C 60 31.43 -15.27 4.16
C VAL C 60 32.21 -16.27 3.26
N VAL C 61 32.95 -17.29 3.64
CA VAL C 61 33.70 -18.05 2.64
C VAL C 61 32.83 -19.19 2.19
N MET C 62 32.24 -19.92 3.15
CA MET C 62 31.49 -21.10 2.80
C MET C 62 30.09 -20.88 2.33
N GLY C 63 29.34 -20.00 2.95
CA GLY C 63 27.99 -19.62 2.58
C GLY C 63 27.69 -19.46 1.08
N PRO C 64 28.34 -18.59 0.30
CA PRO C 64 28.31 -18.58 -1.17
C PRO C 64 28.17 -19.81 -2.08
N ILE C 65 28.72 -21.00 -1.81
CA ILE C 65 28.62 -22.18 -2.68
C ILE C 65 27.17 -22.58 -2.63
N LYS C 66 26.61 -22.52 -3.83
CA LYS C 66 25.21 -22.64 -4.16
C LYS C 66 24.49 -23.99 -4.13
N ASP C 67 25.15 -25.11 -4.35
CA ASP C 67 24.46 -26.40 -4.24
C ASP C 67 24.86 -27.35 -3.07
N MET C 68 25.34 -26.79 -1.96
CA MET C 68 25.62 -27.54 -0.77
C MET C 68 24.62 -27.00 0.25
N VAL C 69 23.90 -27.83 0.99
CA VAL C 69 23.08 -27.37 2.08
C VAL C 69 24.11 -26.97 3.14
N HIS C 70 24.03 -25.76 3.67
CA HIS C 70 24.97 -25.35 4.71
C HIS C 70 24.19 -25.28 6.03
N ILE C 71 24.40 -26.24 6.92
CA ILE C 71 23.68 -26.28 8.17
C ILE C 71 24.56 -25.90 9.36
N THR C 72 23.92 -25.10 10.20
CA THR C 72 24.40 -24.52 11.43
C THR C 72 24.19 -25.44 12.64
N HIS C 73 25.20 -25.73 13.46
CA HIS C 73 24.94 -26.48 14.65
C HIS C 73 24.93 -25.54 15.88
N GLY C 74 23.80 -25.29 16.52
CA GLY C 74 23.76 -24.34 17.60
C GLY C 74 22.39 -23.65 17.72
N PRO C 75 22.12 -22.71 18.64
CA PRO C 75 20.79 -22.10 18.83
C PRO C 75 20.24 -21.37 17.59
N ILE C 76 19.02 -20.84 17.50
CA ILE C 76 18.55 -20.35 16.21
C ILE C 76 19.20 -19.11 15.62
N GLY C 77 19.56 -18.06 16.36
CA GLY C 77 20.05 -16.82 15.80
C GLY C 77 21.32 -16.92 14.96
N CYS C 78 22.13 -17.97 15.07
CA CYS C 78 23.32 -18.01 14.23
C CYS C 78 22.85 -18.27 12.83
N SER C 79 21.78 -19.05 12.63
CA SER C 79 21.21 -19.28 11.28
C SER C 79 20.37 -18.10 10.85
N PHE C 80 19.44 -17.66 11.67
CA PHE C 80 18.62 -16.51 11.37
C PHE C 80 19.37 -15.33 10.82
N TYR C 81 20.48 -14.95 11.44
CA TYR C 81 21.21 -13.76 11.05
C TYR C 81 22.13 -13.96 9.86
N THR C 82 22.20 -15.15 9.28
CA THR C 82 22.86 -15.40 8.01
C THR C 82 21.85 -15.43 6.82
N TRP C 83 20.52 -15.41 7.09
CA TRP C 83 19.40 -15.51 6.14
C TRP C 83 19.21 -14.27 5.26
N GLY C 84 19.93 -14.18 4.15
CA GLY C 84 19.87 -13.00 3.28
C GLY C 84 20.56 -11.69 3.78
N GLY C 85 21.28 -11.63 4.94
CA GLY C 85 22.05 -10.47 5.38
C GLY C 85 23.16 -10.00 4.41
N ARG C 86 24.16 -10.85 4.08
CA ARG C 86 25.20 -10.55 3.07
C ARG C 86 24.70 -11.08 1.73
N ARG C 87 24.65 -10.17 0.78
CA ARG C 87 23.99 -10.43 -0.47
C ARG C 87 24.83 -10.85 -1.65
N PHE C 88 25.14 -12.15 -1.63
CA PHE C 88 25.88 -12.83 -2.69
C PHE C 88 24.80 -13.51 -3.52
N LYS C 89 25.03 -13.37 -4.79
CA LYS C 89 24.07 -13.71 -5.77
C LYS C 89 24.39 -15.00 -6.45
N SER C 90 23.42 -15.88 -6.38
CA SER C 90 23.46 -17.04 -7.23
C SER C 90 22.23 -17.16 -8.16
N LYS C 91 22.37 -17.97 -9.19
CA LYS C 91 21.33 -18.36 -10.11
C LYS C 91 21.70 -19.81 -10.40
N PRO C 92 20.88 -20.86 -10.53
CA PRO C 92 21.32 -22.22 -10.76
C PRO C 92 22.13 -22.39 -12.02
N GLU C 93 23.00 -23.37 -11.85
CA GLU C 93 23.88 -23.63 -12.93
C GLU C 93 23.15 -24.14 -14.11
N ASN C 94 23.31 -23.23 -15.05
CA ASN C 94 22.75 -23.32 -16.37
C ASN C 94 21.27 -23.78 -16.42
N GLY C 95 20.44 -23.02 -15.65
CA GLY C 95 18.97 -23.16 -15.59
C GLY C 95 18.41 -24.34 -14.78
N THR C 96 19.22 -25.38 -14.79
CA THR C 96 19.00 -26.64 -14.09
C THR C 96 19.83 -26.50 -12.79
N GLY C 97 20.13 -27.54 -12.03
CA GLY C 97 20.99 -27.40 -10.87
C GLY C 97 20.24 -26.81 -9.68
N LEU C 98 20.97 -26.88 -8.59
CA LEU C 98 20.47 -26.50 -7.28
C LEU C 98 20.94 -25.08 -6.96
N ASN C 99 20.20 -24.51 -6.04
CA ASN C 99 20.42 -23.17 -5.55
C ASN C 99 19.64 -23.20 -4.24
N PHE C 100 20.43 -22.91 -3.20
CA PHE C 100 19.96 -22.91 -1.82
C PHE C 100 20.11 -21.57 -1.14
N ASN C 101 20.44 -20.48 -1.85
CA ASN C 101 20.58 -19.10 -1.30
C ASN C 101 19.47 -18.52 -0.45
N GLU C 102 18.30 -19.13 -0.70
CA GLU C 102 17.04 -18.70 -0.15
C GLU C 102 16.68 -19.35 1.16
N TYR C 103 17.40 -20.37 1.61
CA TYR C 103 17.06 -21.03 2.84
C TYR C 103 18.22 -21.04 3.81
N VAL C 104 17.89 -21.28 5.10
CA VAL C 104 18.86 -21.42 6.18
C VAL C 104 18.42 -22.66 6.91
N PHE C 105 19.36 -23.56 7.09
CA PHE C 105 19.21 -24.87 7.73
C PHE C 105 19.99 -24.90 9.07
N SER C 106 19.39 -25.47 10.09
CA SER C 106 19.88 -25.36 11.44
C SER C 106 19.51 -26.64 12.10
N THR C 107 19.97 -26.72 13.34
CA THR C 107 19.68 -27.84 14.22
C THR C 107 18.93 -27.34 15.45
N ASP C 108 18.56 -26.04 15.38
CA ASP C 108 17.87 -25.28 16.41
C ASP C 108 18.10 -25.87 17.79
N MET C 109 19.31 -25.74 18.38
CA MET C 109 19.58 -26.33 19.68
C MET C 109 18.72 -25.70 20.74
N GLN C 110 18.43 -26.71 21.56
CA GLN C 110 17.53 -26.66 22.70
C GLN C 110 18.35 -27.01 23.90
N GLU C 111 17.76 -26.78 25.06
CA GLU C 111 18.40 -27.12 26.32
C GLU C 111 18.82 -28.58 26.44
N SER C 112 18.08 -29.62 26.11
CA SER C 112 18.59 -30.97 26.21
C SER C 112 19.83 -31.20 25.33
N ASP C 113 20.05 -30.43 24.28
CA ASP C 113 21.20 -30.61 23.41
C ASP C 113 22.41 -29.96 24.03
N ILE C 114 22.15 -29.00 24.89
CA ILE C 114 23.19 -28.27 25.53
C ILE C 114 23.68 -29.08 26.72
N VAL C 115 22.83 -29.95 27.26
CA VAL C 115 23.20 -30.73 28.43
C VAL C 115 23.61 -32.15 28.08
N PHE C 116 23.00 -32.63 27.00
CA PHE C 116 23.27 -33.92 26.39
C PHE C 116 23.43 -33.52 24.91
N GLY C 117 24.65 -33.07 24.59
CA GLY C 117 25.07 -32.59 23.28
C GLY C 117 24.36 -33.17 22.08
N GLY C 118 23.72 -32.31 21.29
CA GLY C 118 22.92 -32.72 20.16
C GLY C 118 23.71 -33.24 19.00
N VAL C 119 24.24 -34.46 19.07
CA VAL C 119 24.98 -35.11 17.98
C VAL C 119 24.09 -36.07 17.23
N ASN C 120 22.99 -36.65 17.76
CA ASN C 120 22.12 -37.40 16.86
C ASN C 120 21.23 -36.38 16.18
N LYS C 121 20.87 -35.22 16.77
CA LYS C 121 20.06 -34.21 16.09
C LYS C 121 20.83 -33.64 14.90
N LEU C 122 22.14 -33.83 14.87
CA LEU C 122 22.95 -33.49 13.71
C LEU C 122 22.86 -34.71 12.81
N LYS C 123 23.12 -35.95 13.26
CA LYS C 123 23.03 -37.16 12.45
C LYS C 123 21.70 -37.20 11.70
N ASP C 124 20.61 -37.03 12.44
CA ASP C 124 19.26 -36.92 11.94
C ASP C 124 19.15 -35.73 10.98
N ALA C 125 19.35 -34.46 11.36
CA ALA C 125 19.26 -33.33 10.46
C ALA C 125 20.12 -33.46 9.21
N ILE C 126 21.26 -34.18 9.27
CA ILE C 126 22.16 -34.43 8.15
C ILE C 126 21.40 -35.38 7.27
N HIS C 127 20.95 -36.55 7.72
CA HIS C 127 20.23 -37.50 6.88
C HIS C 127 18.96 -36.88 6.26
N GLU C 128 18.21 -36.06 7.04
CA GLU C 128 17.03 -35.28 6.62
C GLU C 128 17.27 -34.29 5.47
N ALA C 129 18.31 -33.46 5.59
CA ALA C 129 18.71 -32.52 4.56
C ALA C 129 19.06 -33.23 3.27
N TYR C 130 19.65 -34.42 3.39
CA TYR C 130 20.05 -35.20 2.25
C TYR C 130 18.85 -35.84 1.54
N GLU C 131 17.87 -36.33 2.31
CA GLU C 131 16.74 -37.00 1.73
C GLU C 131 15.74 -36.15 0.96
N MET C 132 15.66 -34.96 1.52
CA MET C 132 14.77 -33.94 1.06
C MET C 132 15.36 -33.27 -0.16
N PHE C 133 16.55 -32.71 0.01
CA PHE C 133 17.22 -31.97 -1.05
C PHE C 133 18.33 -32.97 -1.33
N HIS C 134 18.78 -33.44 -2.49
CA HIS C 134 19.83 -34.45 -2.43
C HIS C 134 21.01 -33.66 -2.91
N PRO C 135 21.80 -32.94 -2.10
CA PRO C 135 22.61 -31.85 -2.57
C PRO C 135 23.98 -32.36 -3.04
N ALA C 136 24.87 -31.47 -3.44
CA ALA C 136 26.23 -31.79 -3.88
C ALA C 136 27.12 -32.20 -2.74
N ALA C 137 27.13 -31.46 -1.65
CA ALA C 137 27.73 -31.91 -0.41
C ALA C 137 26.87 -31.25 0.67
N ILE C 138 27.09 -31.53 1.96
CA ILE C 138 26.40 -30.87 3.07
C ILE C 138 27.53 -30.28 3.89
N GLY C 139 27.44 -29.06 4.40
CA GLY C 139 28.45 -28.51 5.28
C GLY C 139 27.85 -28.24 6.66
N VAL C 140 28.46 -28.81 7.69
CA VAL C 140 28.10 -28.64 9.11
C VAL C 140 28.99 -27.53 9.71
N TYR C 141 28.49 -26.46 10.33
CA TYR C 141 29.29 -25.36 10.86
C TYR C 141 29.10 -25.28 12.35
N ALA C 142 30.16 -25.07 13.16
CA ALA C 142 30.04 -24.96 14.60
C ALA C 142 29.87 -23.54 15.19
N THR C 143 29.01 -23.46 16.19
CA THR C 143 28.57 -22.27 16.87
C THR C 143 29.09 -22.36 18.31
N CYS C 144 29.27 -21.27 19.10
CA CYS C 144 29.78 -21.32 20.47
C CYS C 144 29.47 -22.51 21.37
N PRO C 145 28.25 -23.04 21.62
CA PRO C 145 28.03 -24.18 22.50
C PRO C 145 28.51 -25.54 22.00
N VAL C 146 28.76 -25.81 20.72
CA VAL C 146 29.14 -27.13 20.20
C VAL C 146 30.47 -27.60 20.80
N GLY C 147 31.43 -26.67 20.75
CA GLY C 147 32.78 -26.84 21.30
C GLY C 147 32.80 -27.21 22.77
N LEU C 148 32.23 -26.36 23.61
CA LEU C 148 32.10 -26.62 25.03
C LEU C 148 31.26 -27.84 25.35
N ILE C 149 30.07 -28.10 24.80
CA ILE C 149 29.29 -29.31 25.10
C ILE C 149 29.95 -30.58 24.51
N GLY C 150 31.13 -30.47 23.88
CA GLY C 150 31.97 -31.59 23.51
C GLY C 150 31.55 -32.31 22.24
N ASP C 151 30.62 -31.72 21.47
CA ASP C 151 30.14 -32.35 20.27
C ASP C 151 31.24 -32.38 19.24
N ASP C 152 31.56 -33.59 18.84
CA ASP C 152 32.56 -33.76 17.83
C ASP C 152 31.87 -33.79 16.50
N ILE C 153 31.59 -32.59 16.02
CA ILE C 153 30.92 -32.47 14.74
C ILE C 153 31.75 -33.08 13.60
N LEU C 154 33.02 -33.34 13.84
CA LEU C 154 33.90 -33.91 12.84
C LEU C 154 33.68 -35.40 12.56
N ALA C 155 33.44 -36.14 13.65
CA ALA C 155 33.25 -37.58 13.57
C ALA C 155 31.89 -37.87 12.97
N VAL C 156 30.87 -37.14 13.46
CA VAL C 156 29.51 -37.25 13.00
C VAL C 156 29.60 -37.02 11.51
N ALA C 157 30.26 -36.02 10.92
CA ALA C 157 30.28 -35.87 9.47
C ALA C 157 30.89 -37.05 8.68
N ALA C 158 31.80 -37.79 9.31
CA ALA C 158 32.53 -38.94 8.75
C ALA C 158 31.74 -40.22 8.59
N THR C 159 30.86 -40.45 9.56
CA THR C 159 29.90 -41.55 9.58
C THR C 159 28.83 -41.22 8.52
N ALA C 160 28.32 -39.99 8.70
CA ALA C 160 27.34 -39.33 7.87
C ALA C 160 27.77 -39.50 6.43
N SER C 161 28.99 -39.15 6.08
CA SER C 161 29.49 -39.26 4.73
C SER C 161 29.30 -40.67 4.16
N LYS C 162 29.61 -41.69 4.94
CA LYS C 162 29.59 -43.05 4.48
C LYS C 162 28.19 -43.65 4.42
N GLU C 163 27.21 -43.30 5.27
CA GLU C 163 25.90 -43.91 5.13
C GLU C 163 25.18 -43.19 3.99
N ILE C 164 25.29 -41.85 4.06
CA ILE C 164 24.57 -40.92 3.21
C ILE C 164 25.13 -40.83 1.83
N GLY C 165 26.43 -41.15 1.64
CA GLY C 165 27.08 -41.10 0.33
C GLY C 165 26.85 -39.76 -0.40
N ILE C 166 27.62 -38.77 0.04
CA ILE C 166 27.63 -37.35 -0.37
C ILE C 166 28.83 -36.92 0.49
N PRO C 167 29.63 -35.96 0.08
CA PRO C 167 30.57 -35.30 0.97
C PRO C 167 29.85 -34.58 2.10
N VAL C 168 30.16 -34.79 3.38
CA VAL C 168 29.57 -34.01 4.45
C VAL C 168 30.74 -33.27 5.13
N HIS C 169 30.96 -31.96 4.99
CA HIS C 169 32.13 -31.27 5.56
C HIS C 169 31.90 -30.56 6.91
N ALA C 170 32.56 -30.93 8.03
CA ALA C 170 32.43 -30.29 9.35
C ALA C 170 33.43 -29.15 9.53
N PHE C 171 33.00 -27.99 10.05
CA PHE C 171 33.82 -26.78 10.20
C PHE C 171 33.71 -26.27 11.60
N SER C 172 34.81 -26.25 12.34
CA SER C 172 34.78 -25.76 13.69
C SER C 172 35.05 -24.25 13.72
N CYS C 173 34.03 -23.40 13.85
CA CYS C 173 34.20 -21.98 13.77
C CYS C 173 33.47 -21.36 14.93
N GLU C 174 33.66 -21.85 16.16
CA GLU C 174 32.87 -21.40 17.30
C GLU C 174 33.16 -19.95 17.47
N GLY C 175 32.17 -19.09 17.58
CA GLY C 175 32.36 -17.67 17.61
C GLY C 175 33.38 -17.14 18.59
N TYR C 176 33.83 -17.91 19.60
CA TYR C 176 34.85 -17.47 20.57
C TYR C 176 36.26 -17.78 20.05
N LYS C 177 36.48 -17.96 18.75
CA LYS C 177 37.81 -18.17 18.22
C LYS C 177 38.32 -16.96 17.48
N GLY C 178 39.66 -16.86 17.64
CA GLY C 178 40.48 -15.75 17.17
C GLY C 178 40.07 -14.51 17.95
N VAL C 179 39.93 -13.44 17.18
CA VAL C 179 39.51 -12.12 17.65
C VAL C 179 38.45 -11.46 16.77
N SER C 180 38.12 -12.01 15.60
CA SER C 180 37.23 -11.43 14.61
C SER C 180 36.99 -12.50 13.57
N GLN C 181 36.14 -12.20 12.60
CA GLN C 181 35.91 -13.07 11.47
C GLN C 181 37.09 -13.34 10.55
N SER C 182 38.29 -12.73 10.67
CA SER C 182 39.46 -13.00 9.85
C SER C 182 40.00 -14.40 10.06
N ALA C 183 39.77 -14.88 11.29
CA ALA C 183 40.08 -16.20 11.84
C ALA C 183 39.26 -17.32 11.25
N GLY C 184 38.02 -16.90 10.90
CA GLY C 184 36.98 -17.72 10.32
C GLY C 184 37.31 -18.12 8.91
N HIS C 185 38.01 -17.21 8.20
CA HIS C 185 38.44 -17.36 6.80
C HIS C 185 39.51 -18.42 6.66
N HIS C 186 40.45 -18.32 7.60
CA HIS C 186 41.51 -19.28 7.80
C HIS C 186 40.92 -20.67 8.08
N ILE C 187 40.04 -20.86 9.06
CA ILE C 187 39.40 -22.14 9.33
C ILE C 187 38.76 -22.70 8.07
N ALA C 188 38.00 -21.93 7.28
CA ALA C 188 37.32 -22.45 6.09
C ALA C 188 38.20 -22.80 4.91
N ASN C 189 39.18 -21.93 4.67
CA ASN C 189 40.19 -22.08 3.62
C ASN C 189 40.96 -23.37 3.72
N ASN C 190 41.10 -23.89 4.94
CA ASN C 190 41.83 -25.12 5.12
C ASN C 190 41.05 -26.32 4.64
N THR C 191 39.82 -26.56 5.10
CA THR C 191 39.04 -27.71 4.65
C THR C 191 38.80 -27.71 3.12
N VAL C 192 38.47 -26.56 2.50
CA VAL C 192 38.37 -26.46 1.05
C VAL C 192 39.65 -26.97 0.39
N MET C 193 40.75 -26.27 0.66
CA MET C 193 42.07 -26.60 0.15
C MET C 193 42.39 -28.08 0.24
N THR C 194 42.27 -28.70 1.43
CA THR C 194 42.52 -30.12 1.53
C THR C 194 41.45 -30.90 0.75
N ASP C 195 40.27 -31.02 1.34
CA ASP C 195 39.38 -32.00 0.85
C ASP C 195 38.35 -31.55 -0.17
N ILE C 196 38.53 -30.47 -0.92
CA ILE C 196 37.64 -30.30 -2.05
C ILE C 196 38.45 -29.78 -3.26
N ILE C 197 39.39 -28.82 -3.23
CA ILE C 197 40.11 -28.45 -4.45
C ILE C 197 40.95 -29.64 -4.83
N GLY C 198 41.00 -29.97 -6.09
CA GLY C 198 41.90 -31.01 -6.53
C GLY C 198 41.20 -32.30 -6.72
N LYS C 199 40.25 -32.60 -5.83
CA LYS C 199 39.45 -33.80 -5.98
C LYS C 199 38.60 -33.48 -7.24
N GLY C 200 38.42 -34.34 -8.24
CA GLY C 200 37.70 -33.92 -9.42
C GLY C 200 38.46 -34.31 -10.70
N ASN C 201 37.75 -34.13 -11.83
CA ASN C 201 38.23 -34.60 -13.12
C ASN C 201 38.29 -33.60 -14.28
N LYS C 202 37.22 -32.75 -14.43
CA LYS C 202 37.00 -31.81 -15.54
C LYS C 202 38.28 -31.24 -16.14
N GLU C 203 38.73 -31.75 -17.30
CA GLU C 203 39.97 -31.27 -17.90
C GLU C 203 39.93 -29.80 -18.31
N GLN C 204 41.10 -29.19 -18.29
CA GLN C 204 41.25 -27.75 -18.40
C GLN C 204 41.08 -27.16 -19.79
N LYS C 205 40.67 -25.88 -19.90
CA LYS C 205 40.64 -25.21 -21.20
C LYS C 205 41.78 -24.17 -21.23
N LYS C 206 41.96 -23.59 -22.40
CA LYS C 206 42.98 -22.59 -22.67
C LYS C 206 42.49 -21.32 -22.03
N TYR C 207 43.47 -20.57 -21.52
CA TYR C 207 43.29 -19.30 -20.82
C TYR C 207 42.47 -19.45 -19.53
N SER C 208 42.55 -20.60 -18.87
CA SER C 208 41.78 -20.81 -17.66
C SER C 208 42.40 -19.93 -16.59
N ILE C 209 41.49 -19.11 -16.05
CA ILE C 209 41.71 -18.07 -15.07
C ILE C 209 40.92 -18.50 -13.85
N ASN C 210 41.22 -18.20 -12.60
CA ASN C 210 40.25 -18.43 -11.51
C ASN C 210 40.10 -17.11 -10.84
N VAL C 211 38.99 -16.50 -10.46
CA VAL C 211 39.10 -15.29 -9.62
C VAL C 211 38.86 -15.82 -8.22
N LEU C 212 39.88 -15.63 -7.35
CA LEU C 212 39.87 -16.14 -6.00
C LEU C 212 39.53 -15.06 -5.03
N GLY C 213 38.61 -15.42 -4.16
CA GLY C 213 38.12 -14.50 -3.15
C GLY C 213 37.17 -13.49 -3.73
N GLU C 214 36.07 -13.92 -4.36
CA GLU C 214 35.08 -12.98 -4.87
C GLU C 214 33.69 -13.60 -4.67
N TYR C 215 33.02 -13.13 -3.62
CA TYR C 215 31.78 -13.71 -3.15
C TYR C 215 30.54 -13.22 -3.91
N ASN C 216 30.76 -12.55 -5.07
CA ASN C 216 29.76 -11.98 -5.97
C ASN C 216 28.67 -11.29 -5.18
N ILE C 217 29.03 -10.21 -4.49
CA ILE C 217 28.06 -9.49 -3.72
C ILE C 217 27.49 -8.56 -4.75
N GLY C 218 26.15 -8.48 -4.82
CA GLY C 218 25.43 -7.62 -5.74
C GLY C 218 25.84 -7.79 -7.18
N GLY C 219 26.10 -9.00 -7.63
CA GLY C 219 26.42 -9.21 -9.02
C GLY C 219 27.86 -9.01 -9.47
N ASP C 220 28.74 -8.33 -8.72
CA ASP C 220 30.13 -8.13 -9.09
C ASP C 220 30.86 -9.15 -9.93
N ALA C 221 30.85 -10.44 -9.57
CA ALA C 221 31.58 -11.41 -10.35
C ALA C 221 30.97 -11.57 -11.74
N TRP C 222 29.64 -11.58 -11.90
CA TRP C 222 29.02 -11.73 -13.21
C TRP C 222 29.51 -10.61 -14.14
N GLU C 223 29.82 -9.47 -13.55
CA GLU C 223 30.37 -8.31 -14.20
C GLU C 223 31.86 -8.47 -14.61
N MET C 224 32.73 -9.06 -13.78
CA MET C 224 34.13 -9.17 -14.12
C MET C 224 34.19 -10.17 -15.29
N ASP C 225 33.58 -11.34 -15.03
CA ASP C 225 33.50 -12.48 -15.93
C ASP C 225 32.79 -12.05 -17.23
N ARG C 226 31.88 -11.06 -17.32
CA ARG C 226 31.45 -10.45 -18.57
C ARG C 226 32.62 -9.93 -19.43
N VAL C 227 33.53 -9.09 -18.87
CA VAL C 227 34.68 -8.43 -19.54
C VAL C 227 35.76 -9.46 -19.89
N LEU C 228 35.89 -10.53 -19.13
CA LEU C 228 36.94 -11.52 -19.36
C LEU C 228 36.50 -12.56 -20.35
N GLU C 229 35.23 -12.95 -20.36
CA GLU C 229 34.60 -13.84 -21.34
C GLU C 229 34.89 -13.23 -22.73
N LYS C 230 34.71 -11.89 -22.69
CA LYS C 230 35.02 -10.88 -23.70
C LYS C 230 36.49 -10.80 -24.15
N ILE C 231 37.47 -11.33 -23.44
CA ILE C 231 38.83 -11.34 -23.97
C ILE C 231 39.18 -12.75 -24.46
N GLY C 232 38.60 -13.80 -23.91
CA GLY C 232 38.92 -15.15 -24.40
C GLY C 232 39.50 -16.05 -23.36
N TYR C 233 39.38 -15.51 -22.15
CA TYR C 233 39.84 -16.15 -20.96
C TYR C 233 38.66 -17.00 -20.60
N HIS C 234 39.07 -18.11 -20.04
CA HIS C 234 38.17 -19.06 -19.48
C HIS C 234 38.21 -18.97 -17.93
N VAL C 235 37.32 -18.23 -17.26
CA VAL C 235 37.35 -18.25 -15.81
C VAL C 235 36.69 -19.55 -15.43
N ASN C 236 37.59 -20.40 -14.94
CA ASN C 236 37.34 -21.77 -14.47
C ASN C 236 36.52 -21.86 -13.16
N ALA C 237 36.90 -21.01 -12.20
CA ALA C 237 36.22 -20.88 -10.92
C ALA C 237 36.37 -19.48 -10.32
N THR C 238 35.21 -18.92 -9.94
CA THR C 238 35.24 -17.75 -9.07
C THR C 238 35.22 -18.45 -7.72
N LEU C 239 36.09 -18.17 -6.75
CA LEU C 239 35.95 -18.84 -5.50
C LEU C 239 35.14 -17.95 -4.61
N THR C 240 33.95 -18.52 -4.90
CA THR C 240 32.54 -18.49 -4.47
C THR C 240 31.42 -17.61 -5.18
N GLY C 241 30.51 -16.96 -4.49
CA GLY C 241 29.41 -16.27 -5.12
C GLY C 241 28.29 -17.17 -5.64
N ASP C 242 28.58 -17.63 -6.86
CA ASP C 242 27.72 -18.46 -7.63
C ASP C 242 28.62 -19.63 -7.95
N ALA C 243 29.25 -20.25 -6.97
CA ALA C 243 30.18 -21.30 -7.27
C ALA C 243 29.51 -22.62 -7.02
N THR C 244 29.69 -23.55 -7.95
CA THR C 244 29.16 -24.89 -7.82
C THR C 244 30.15 -25.68 -6.99
N TYR C 245 29.84 -26.71 -6.20
CA TYR C 245 30.81 -27.46 -5.40
C TYR C 245 31.77 -28.12 -6.34
N GLU C 246 31.21 -28.51 -7.46
CA GLU C 246 31.89 -29.18 -8.53
C GLU C 246 32.86 -28.26 -9.22
N LYS C 247 32.68 -26.96 -9.15
CA LYS C 247 33.54 -25.97 -9.81
C LYS C 247 34.66 -25.58 -8.85
N VAL C 248 34.41 -25.59 -7.53
CA VAL C 248 35.46 -25.39 -6.54
C VAL C 248 36.40 -26.59 -6.61
N GLN C 249 35.88 -27.82 -6.52
CA GLN C 249 36.61 -29.06 -6.69
C GLN C 249 37.58 -29.04 -7.82
N ASN C 250 37.26 -28.45 -8.97
CA ASN C 250 38.19 -28.40 -10.10
C ASN C 250 38.78 -27.00 -10.27
N ALA C 251 39.10 -26.31 -9.18
CA ALA C 251 39.68 -24.97 -9.22
C ALA C 251 41.16 -25.03 -9.64
N ASP C 252 41.71 -26.22 -9.88
CA ASP C 252 43.09 -26.35 -10.36
C ASP C 252 43.19 -26.46 -11.89
N LYS C 253 42.09 -26.23 -12.57
CA LYS C 253 42.06 -26.28 -14.00
C LYS C 253 42.12 -24.83 -14.50
N ALA C 254 43.22 -24.20 -14.05
CA ALA C 254 43.53 -22.81 -14.20
C ALA C 254 44.98 -22.55 -14.60
N ASP C 255 45.53 -21.36 -14.50
CA ASP C 255 46.77 -21.02 -15.17
C ASP C 255 47.38 -19.92 -14.32
N LEU C 256 46.53 -19.02 -13.85
CA LEU C 256 46.83 -17.91 -12.95
C LEU C 256 45.72 -17.96 -11.90
N ASN C 257 45.91 -17.48 -10.67
CA ASN C 257 44.80 -17.30 -9.71
C ASN C 257 44.74 -15.78 -9.56
N LEU C 258 43.58 -15.15 -9.52
CA LEU C 258 43.53 -13.70 -9.39
C LEU C 258 42.85 -13.31 -8.09
N VAL C 259 43.63 -13.18 -7.03
CA VAL C 259 43.15 -12.85 -5.70
C VAL C 259 42.60 -11.44 -5.72
N GLN C 260 41.31 -11.31 -5.57
CA GLN C 260 40.64 -10.03 -5.49
C GLN C 260 40.66 -9.64 -4.03
N CYS C 261 40.13 -10.48 -3.15
CA CYS C 261 40.20 -10.19 -1.75
C CYS C 261 41.40 -10.96 -1.17
N HIS C 262 42.47 -10.27 -0.77
CA HIS C 262 43.62 -10.96 -0.25
C HIS C 262 43.38 -11.51 1.14
N ARG C 263 42.68 -10.82 2.05
CA ARG C 263 42.54 -11.25 3.44
C ARG C 263 41.76 -12.54 3.66
N SER C 264 40.87 -12.90 2.75
CA SER C 264 40.16 -14.14 2.94
C SER C 264 40.66 -15.33 2.17
N ILE C 265 41.42 -15.21 1.05
CA ILE C 265 41.76 -16.35 0.20
C ILE C 265 43.24 -16.54 -0.08
N ASN C 266 44.10 -15.77 0.56
CA ASN C 266 45.55 -15.84 0.37
C ASN C 266 46.25 -17.18 0.75
N TYR C 267 45.57 -17.94 1.63
CA TYR C 267 45.96 -19.23 2.19
C TYR C 267 45.85 -20.22 1.07
N ILE C 268 44.77 -20.14 0.29
CA ILE C 268 44.62 -20.97 -0.89
C ILE C 268 45.52 -20.48 -2.02
N ALA C 269 45.53 -19.17 -2.34
CA ALA C 269 46.44 -18.59 -3.33
C ALA C 269 47.87 -19.15 -3.20
N GLU C 270 48.34 -19.24 -1.94
CA GLU C 270 49.63 -19.80 -1.51
C GLU C 270 49.81 -21.31 -1.59
N MET C 271 48.85 -22.05 -1.06
CA MET C 271 48.91 -23.49 -1.08
C MET C 271 48.77 -24.09 -2.49
N MET C 272 48.15 -23.37 -3.44
CA MET C 272 47.98 -23.80 -4.84
C MET C 272 49.20 -23.68 -5.69
N GLU C 273 49.89 -22.57 -5.48
CA GLU C 273 51.16 -22.30 -6.09
C GLU C 273 52.09 -23.45 -5.75
N THR C 274 52.09 -23.88 -4.51
CA THR C 274 52.90 -24.99 -4.01
C THR C 274 52.46 -26.37 -4.49
N LYS C 275 51.21 -26.80 -4.36
CA LYS C 275 50.83 -28.13 -4.82
C LYS C 275 50.78 -28.27 -6.35
N TYR C 276 50.30 -27.25 -7.07
CA TYR C 276 50.16 -27.43 -8.48
C TYR C 276 50.99 -26.51 -9.33
N GLY C 277 51.56 -25.44 -8.80
CA GLY C 277 52.36 -24.51 -9.59
C GLY C 277 51.55 -23.44 -10.29
N ILE C 278 50.39 -23.14 -9.68
CA ILE C 278 49.45 -22.16 -10.19
C ILE C 278 49.67 -20.84 -9.43
N PRO C 279 50.50 -19.94 -9.99
CA PRO C 279 51.00 -18.72 -9.37
C PRO C 279 49.86 -17.78 -9.12
N TRP C 280 49.91 -17.03 -8.02
CA TRP C 280 48.86 -16.07 -7.84
C TRP C 280 49.33 -14.64 -8.14
N ILE C 281 48.36 -13.80 -8.45
CA ILE C 281 48.50 -12.39 -8.81
C ILE C 281 47.56 -11.69 -7.84
N LYS C 282 47.83 -10.45 -7.43
CA LYS C 282 46.86 -9.69 -6.65
C LYS C 282 46.16 -8.97 -7.78
N CYS C 283 44.84 -9.01 -7.77
CA CYS C 283 44.05 -8.43 -8.83
C CYS C 283 43.09 -7.46 -8.18
N ASN C 284 42.54 -6.49 -8.89
CA ASN C 284 41.61 -5.52 -8.32
C ASN C 284 40.64 -5.14 -9.41
N PHE C 285 39.39 -5.65 -9.42
CA PHE C 285 38.44 -5.33 -10.48
C PHE C 285 37.48 -4.21 -10.05
N ILE C 286 37.92 -3.34 -9.14
CA ILE C 286 37.11 -2.28 -8.59
C ILE C 286 37.84 -0.99 -8.91
N GLY C 287 37.08 -0.13 -9.60
CA GLY C 287 37.53 1.19 -9.98
C GLY C 287 38.24 1.13 -11.30
N VAL C 288 38.28 2.16 -12.15
CA VAL C 288 38.84 1.94 -13.48
C VAL C 288 40.33 1.59 -13.50
N ASP C 289 41.20 2.38 -12.83
CA ASP C 289 42.65 2.18 -12.83
C ASP C 289 43.00 0.75 -12.41
N GLY C 290 42.38 0.32 -11.30
CA GLY C 290 42.60 -0.99 -10.75
C GLY C 290 42.35 -2.02 -11.80
N ILE C 291 41.20 -1.83 -12.45
CA ILE C 291 40.73 -2.70 -13.50
C ILE C 291 41.69 -2.58 -14.63
N VAL C 292 42.13 -1.45 -15.19
CA VAL C 292 42.93 -1.52 -16.41
C VAL C 292 44.23 -2.23 -16.23
N GLU C 293 44.78 -1.99 -15.02
CA GLU C 293 46.04 -2.57 -14.60
C GLU C 293 45.88 -4.07 -14.46
N THR C 294 44.83 -4.55 -13.79
CA THR C 294 44.63 -5.98 -13.60
C THR C 294 44.60 -6.67 -14.97
N LEU C 295 44.02 -6.03 -15.97
CA LEU C 295 43.89 -6.63 -17.27
C LEU C 295 45.21 -6.67 -17.99
N ARG C 296 45.96 -5.59 -17.91
CA ARG C 296 47.27 -5.57 -18.53
C ARG C 296 48.25 -6.51 -17.80
N ASP C 297 48.28 -6.64 -16.47
CA ASP C 297 49.17 -7.53 -15.71
C ASP C 297 49.00 -8.96 -16.06
N MET C 298 47.76 -9.50 -16.03
CA MET C 298 47.48 -10.90 -16.35
C MET C 298 47.73 -11.22 -17.83
N ALA C 299 47.54 -10.23 -18.71
CA ALA C 299 47.85 -10.40 -20.11
C ALA C 299 49.37 -10.51 -20.34
N LYS C 300 50.17 -9.90 -19.41
CA LYS C 300 51.64 -9.96 -19.45
C LYS C 300 52.15 -11.29 -18.92
N CYS C 301 51.43 -11.89 -17.94
CA CYS C 301 51.75 -13.20 -17.37
C CYS C 301 51.46 -14.31 -18.40
N PHE C 302 50.37 -14.09 -19.12
CA PHE C 302 50.11 -14.95 -20.25
C PHE C 302 51.04 -14.35 -21.28
N ASP C 303 51.30 -15.22 -22.20
CA ASP C 303 52.35 -14.93 -23.12
C ASP C 303 52.00 -14.04 -24.31
N ASP C 304 50.75 -14.04 -24.80
CA ASP C 304 50.53 -13.64 -26.18
C ASP C 304 49.77 -12.43 -26.71
N PRO C 305 50.32 -11.85 -27.82
CA PRO C 305 49.94 -10.60 -28.47
C PRO C 305 48.57 -10.59 -29.08
N GLU C 306 48.00 -11.75 -29.38
CA GLU C 306 46.67 -11.81 -29.93
C GLU C 306 45.80 -11.43 -28.74
N LEU C 307 46.03 -12.12 -27.59
CA LEU C 307 45.36 -11.86 -26.33
C LEU C 307 45.78 -10.48 -25.78
N THR C 308 46.98 -9.95 -25.98
CA THR C 308 47.25 -8.59 -25.56
C THR C 308 46.52 -7.61 -26.46
N LYS C 309 46.43 -7.87 -27.77
CA LYS C 309 45.76 -6.98 -28.72
C LYS C 309 44.28 -6.89 -28.34
N ARG C 310 43.60 -8.02 -28.22
CA ARG C 310 42.21 -7.96 -27.86
C ARG C 310 41.92 -7.32 -26.52
N THR C 311 42.75 -7.52 -25.48
CA THR C 311 42.68 -6.82 -24.19
C THR C 311 42.66 -5.31 -24.48
N GLU C 312 43.58 -4.74 -25.27
CA GLU C 312 43.61 -3.31 -25.53
C GLU C 312 42.41 -2.74 -26.23
N GLU C 313 41.86 -3.55 -27.15
CA GLU C 313 40.63 -3.31 -27.88
C GLU C 313 39.47 -3.26 -26.89
N VAL C 314 39.20 -4.32 -26.12
CA VAL C 314 38.11 -4.31 -25.16
C VAL C 314 38.34 -3.34 -23.98
N ILE C 315 39.58 -2.98 -23.57
CA ILE C 315 39.91 -1.96 -22.54
C ILE C 315 39.30 -0.67 -23.05
N ALA C 316 39.68 -0.28 -24.28
CA ALA C 316 39.30 0.97 -24.94
C ALA C 316 37.82 1.15 -25.06
N GLU C 317 37.24 0.18 -25.73
CA GLU C 317 35.82 0.07 -26.00
C GLU C 317 34.90 0.30 -24.78
N GLU C 318 35.37 -0.35 -23.73
CA GLU C 318 34.75 -0.29 -22.44
C GLU C 318 34.82 1.08 -21.80
N ILE C 319 36.01 1.63 -21.65
CA ILE C 319 36.10 2.86 -20.91
C ILE C 319 35.53 3.97 -21.74
N ALA C 320 35.58 3.94 -23.06
CA ALA C 320 34.92 4.96 -23.89
C ALA C 320 33.37 5.05 -23.78
N ALA C 321 32.58 3.98 -23.72
CA ALA C 321 31.17 4.11 -23.39
C ALA C 321 30.95 4.74 -21.99
N ILE C 322 31.77 4.31 -20.98
CA ILE C 322 31.80 4.73 -19.56
C ILE C 322 32.31 6.15 -19.33
N GLN C 323 32.98 6.72 -20.31
CA GLN C 323 33.58 8.01 -20.27
C GLN C 323 32.79 9.23 -19.86
N ASP C 324 31.81 9.70 -20.62
CA ASP C 324 31.03 10.92 -20.33
C ASP C 324 30.42 10.95 -18.93
N ASP C 325 30.19 9.77 -18.37
CA ASP C 325 29.68 9.65 -17.03
C ASP C 325 30.77 9.86 -16.07
N LEU C 326 31.92 9.19 -16.27
CA LEU C 326 33.12 9.37 -15.46
C LEU C 326 33.35 10.84 -15.26
N ASP C 327 33.33 11.51 -16.41
CA ASP C 327 33.46 12.96 -16.46
C ASP C 327 32.43 13.60 -15.57
N TYR C 328 31.16 13.26 -15.73
CA TYR C 328 30.05 13.83 -14.96
C TYR C 328 30.25 13.75 -13.44
N PHE C 329 30.65 12.51 -13.11
CA PHE C 329 30.88 12.06 -11.76
C PHE C 329 31.92 12.96 -11.12
N LYS C 330 33.02 13.21 -11.83
CA LYS C 330 34.07 14.06 -11.32
C LYS C 330 33.57 15.46 -11.05
N GLU C 331 32.77 15.99 -11.97
CA GLU C 331 32.42 17.38 -11.86
C GLU C 331 31.51 17.66 -10.69
N LYS C 332 30.74 16.67 -10.30
CA LYS C 332 29.84 16.86 -9.19
C LYS C 332 30.58 16.71 -7.86
N LEU C 333 31.63 15.89 -7.89
CA LEU C 333 32.24 15.36 -6.68
C LEU C 333 33.63 15.77 -6.28
N GLN C 334 34.27 16.51 -7.15
CA GLN C 334 35.59 16.93 -6.81
C GLN C 334 35.65 17.85 -5.59
N GLY C 335 36.69 17.64 -4.81
CA GLY C 335 36.96 18.49 -3.68
C GLY C 335 36.39 17.92 -2.40
N LYS C 336 35.58 16.88 -2.54
CA LYS C 336 34.95 16.27 -1.40
C LYS C 336 35.90 15.32 -0.72
N THR C 337 35.56 14.97 0.51
CA THR C 337 36.40 14.16 1.35
C THR C 337 35.65 12.94 1.85
N ALA C 338 36.30 11.81 1.83
CA ALA C 338 35.74 10.57 2.26
C ALA C 338 36.56 10.05 3.44
N CYS C 339 35.99 9.24 4.31
CA CYS C 339 36.76 8.42 5.26
C CYS C 339 36.26 7.02 4.90
N LEU C 340 36.95 5.89 5.04
CA LEU C 340 36.44 4.61 4.60
C LEU C 340 36.68 3.62 5.71
N TYR C 341 35.77 2.71 6.05
CA TYR C 341 36.00 1.71 7.07
C TYR C 341 35.20 0.48 6.74
N VAL C 342 35.84 -0.51 6.15
CA VAL C 342 35.16 -1.78 5.97
C VAL C 342 36.00 -2.80 6.76
N GLY C 343 35.99 -4.11 6.52
CA GLY C 343 36.92 -5.02 7.16
C GLY C 343 37.88 -5.43 6.07
N GLY C 344 38.61 -6.47 6.31
CA GLY C 344 39.50 -7.11 5.37
C GLY C 344 40.16 -6.40 4.21
N SER C 345 39.46 -5.88 3.22
CA SER C 345 40.06 -5.26 2.05
C SER C 345 39.29 -4.08 1.40
N ARG C 346 38.00 -3.77 1.65
CA ARG C 346 37.32 -2.79 0.81
C ARG C 346 37.64 -1.35 1.10
N SER C 347 38.33 -1.08 2.22
CA SER C 347 38.78 0.29 2.42
C SER C 347 39.90 0.61 1.44
N HIS C 348 40.57 -0.40 0.89
CA HIS C 348 41.69 -0.14 0.01
C HIS C 348 41.31 -0.04 -1.46
N THR C 349 40.54 -1.00 -1.97
CA THR C 349 40.19 -1.07 -3.40
C THR C 349 39.36 0.12 -3.99
N TYR C 350 38.40 0.54 -3.15
CA TYR C 350 37.51 1.67 -3.37
C TYR C 350 38.22 2.98 -3.37
N MET C 351 39.53 2.99 -3.13
CA MET C 351 40.31 4.22 -3.08
C MET C 351 40.63 4.77 -4.45
N ASN C 352 41.11 3.92 -5.39
CA ASN C 352 41.48 4.38 -6.75
C ASN C 352 40.34 5.08 -7.47
N MET C 353 39.17 4.54 -7.18
CA MET C 353 37.88 4.93 -7.67
C MET C 353 37.50 6.30 -7.19
N LEU C 354 37.70 6.54 -5.90
CA LEU C 354 37.38 7.83 -5.34
C LEU C 354 38.36 8.88 -5.82
N LYS C 355 39.64 8.57 -6.15
CA LYS C 355 40.59 9.53 -6.77
C LYS C 355 40.06 9.92 -8.14
N SER C 356 39.55 8.93 -8.92
CA SER C 356 38.87 9.12 -10.20
C SER C 356 37.74 10.17 -10.07
N PHE C 357 37.11 10.43 -8.91
CA PHE C 357 36.06 11.43 -8.81
C PHE C 357 36.51 12.70 -8.13
N GLY C 358 37.80 12.80 -7.76
CA GLY C 358 38.39 13.98 -7.12
C GLY C 358 38.12 14.10 -5.62
N VAL C 359 37.72 12.98 -5.04
CA VAL C 359 37.40 12.87 -3.63
C VAL C 359 38.70 12.48 -2.91
N ASP C 360 38.89 13.05 -1.73
CA ASP C 360 40.07 12.74 -0.97
C ASP C 360 39.74 11.82 0.18
N SER C 361 40.30 10.62 0.19
CA SER C 361 40.12 9.77 1.35
C SER C 361 41.15 10.21 2.41
N LEU C 362 40.67 11.01 3.37
CA LEU C 362 41.45 11.55 4.46
C LEU C 362 41.85 10.48 5.44
N VAL C 363 40.85 9.66 5.85
CA VAL C 363 40.97 8.63 6.90
C VAL C 363 40.52 7.32 6.28
N ALA C 364 41.04 6.17 6.77
CA ALA C 364 40.69 4.79 6.38
C ALA C 364 41.06 3.74 7.47
N GLY C 365 40.56 2.50 7.45
CA GLY C 365 40.97 1.45 8.39
C GLY C 365 40.16 0.15 8.26
N PHE C 366 40.57 -0.95 8.90
CA PHE C 366 39.84 -2.20 8.85
C PHE C 366 39.42 -2.61 10.25
N GLU C 367 38.33 -3.36 10.29
CA GLU C 367 37.77 -3.83 11.53
C GLU C 367 38.27 -5.21 11.76
N PHE C 368 38.96 -5.92 10.86
CA PHE C 368 39.47 -7.24 11.25
C PHE C 368 40.76 -7.73 10.58
N ALA C 369 41.32 -6.90 9.69
CA ALA C 369 42.50 -7.28 8.90
C ALA C 369 43.80 -7.10 9.68
N HIS C 370 44.82 -7.77 9.11
CA HIS C 370 46.16 -7.97 9.64
C HIS C 370 47.22 -6.94 9.15
N ARG C 371 48.43 -6.90 9.69
CA ARG C 371 49.47 -5.95 9.30
C ARG C 371 49.88 -5.87 7.84
N ASP C 372 50.07 -6.98 7.15
CA ASP C 372 50.37 -7.02 5.72
C ASP C 372 49.27 -6.49 4.79
N ASP C 373 48.08 -6.19 5.29
CA ASP C 373 47.02 -5.59 4.46
C ASP C 373 47.11 -4.07 4.43
N TYR C 374 47.79 -3.55 5.43
CA TYR C 374 48.09 -2.15 5.57
C TYR C 374 49.47 -1.80 4.99
N GLU C 375 50.46 -2.51 5.51
CA GLU C 375 51.87 -2.28 5.17
C GLU C 375 52.19 -3.13 3.92
N GLY C 376 52.59 -4.40 4.09
CA GLY C 376 52.82 -5.20 2.91
C GLY C 376 53.00 -6.65 3.27
N ARG C 377 52.86 -7.54 2.29
CA ARG C 377 53.05 -8.97 2.47
C ARG C 377 54.40 -9.39 2.95
N GLU C 378 55.30 -8.43 2.75
CA GLU C 378 56.70 -8.48 3.14
C GLU C 378 56.87 -8.69 4.66
N VAL C 379 56.15 -7.88 5.44
CA VAL C 379 56.19 -7.92 6.89
C VAL C 379 55.79 -9.29 7.46
N ILE C 380 55.40 -10.30 6.66
CA ILE C 380 54.89 -11.52 7.24
C ILE C 380 55.99 -12.36 7.89
N PRO C 381 57.25 -12.42 7.40
CA PRO C 381 58.42 -12.79 8.24
C PRO C 381 58.60 -12.17 9.64
N THR C 382 58.04 -10.98 9.72
CA THR C 382 58.15 -10.11 10.86
C THR C 382 56.85 -10.00 11.67
N ILE C 383 56.38 -10.93 12.54
CA ILE C 383 55.14 -10.63 13.29
C ILE C 383 55.04 -11.10 14.76
N LYS C 384 54.71 -10.17 15.69
CA LYS C 384 54.54 -10.51 17.11
C LYS C 384 53.19 -11.19 17.51
N ILE C 385 53.36 -12.52 17.70
CA ILE C 385 52.27 -13.42 18.08
C ILE C 385 52.28 -13.80 19.58
N ASP C 386 51.37 -13.01 20.15
CA ASP C 386 50.79 -13.17 21.51
C ASP C 386 49.33 -13.33 21.00
N ALA C 387 48.87 -12.17 20.42
CA ALA C 387 47.64 -12.02 19.67
C ALA C 387 46.31 -12.65 20.12
N ASP C 388 46.12 -13.90 19.64
CA ASP C 388 44.80 -14.52 19.33
C ASP C 388 44.53 -14.06 17.87
N SER C 389 44.75 -14.98 16.90
CA SER C 389 44.66 -14.63 15.48
C SER C 389 44.32 -15.90 14.69
N LYS C 390 45.31 -16.51 14.02
CA LYS C 390 45.16 -17.82 13.41
C LYS C 390 46.03 -18.75 14.35
N ASN C 391 45.81 -18.55 15.70
CA ASN C 391 46.27 -19.48 16.75
C ASN C 391 44.91 -20.25 16.61
N ILE C 392 45.04 -21.06 15.54
CA ILE C 392 44.03 -21.82 14.78
C ILE C 392 44.99 -22.59 13.86
N PRO C 393 44.78 -23.88 13.57
CA PRO C 393 45.82 -24.78 13.10
C PRO C 393 46.30 -24.32 11.73
N GLU C 394 47.59 -24.48 11.44
CA GLU C 394 48.06 -24.15 10.12
C GLU C 394 48.53 -25.47 9.52
N ILE C 395 48.28 -25.58 8.21
CA ILE C 395 48.40 -26.82 7.47
C ILE C 395 49.44 -26.75 6.33
N THR C 396 50.06 -27.89 5.96
CA THR C 396 51.09 -27.89 4.93
C THR C 396 50.86 -28.92 3.84
N VAL C 397 51.12 -28.25 2.71
CA VAL C 397 50.92 -28.59 1.32
C VAL C 397 52.25 -28.97 0.69
N THR C 398 52.25 -30.07 -0.03
CA THR C 398 53.45 -30.51 -0.68
C THR C 398 53.01 -30.75 -2.10
N PRO C 399 53.87 -30.42 -3.09
CA PRO C 399 53.68 -30.77 -4.48
C PRO C 399 52.91 -32.03 -4.80
N ASP C 400 51.90 -31.71 -5.60
CA ASP C 400 51.12 -32.78 -6.11
C ASP C 400 51.96 -33.28 -7.27
N GLU C 401 52.56 -34.41 -6.91
CA GLU C 401 53.32 -35.31 -7.78
C GLU C 401 52.96 -35.47 -9.27
N GLN C 402 51.63 -35.42 -9.46
CA GLN C 402 50.95 -35.62 -10.74
C GLN C 402 50.40 -34.35 -11.48
N LYS C 403 49.91 -33.39 -10.66
CA LYS C 403 49.25 -32.19 -11.14
C LYS C 403 50.05 -30.91 -10.77
N TYR C 404 51.33 -31.12 -10.42
CA TYR C 404 52.27 -30.06 -10.15
C TYR C 404 52.86 -29.77 -11.52
N ARG C 405 53.10 -28.49 -11.83
CA ARG C 405 53.72 -28.03 -13.07
C ARG C 405 54.25 -26.65 -12.77
N VAL C 406 55.19 -26.05 -13.47
CA VAL C 406 55.51 -24.64 -13.25
C VAL C 406 54.99 -23.93 -14.53
N VAL C 407 53.96 -23.08 -14.36
CA VAL C 407 53.26 -22.55 -15.54
C VAL C 407 53.91 -21.34 -16.21
N ILE C 408 54.81 -20.69 -15.45
CA ILE C 408 55.65 -19.58 -15.93
C ILE C 408 57.00 -20.01 -15.31
N PRO C 409 58.06 -20.13 -16.14
CA PRO C 409 59.44 -20.15 -15.68
C PRO C 409 59.97 -18.77 -15.29
N GLU C 410 61.30 -18.59 -15.19
CA GLU C 410 61.87 -17.38 -14.59
C GLU C 410 62.27 -16.06 -15.26
N ASP C 411 61.17 -15.80 -15.96
CA ASP C 411 60.80 -14.50 -16.43
C ASP C 411 59.61 -14.12 -15.52
N LYS C 412 59.34 -14.93 -14.46
CA LYS C 412 58.47 -14.57 -13.36
C LYS C 412 59.15 -13.40 -12.68
N VAL C 413 60.50 -13.50 -12.53
CA VAL C 413 61.26 -12.41 -11.91
C VAL C 413 61.32 -11.22 -12.87
N GLU C 414 61.28 -11.48 -14.19
CA GLU C 414 61.02 -10.38 -15.15
C GLU C 414 59.58 -9.83 -15.00
N GLU C 415 58.57 -10.50 -14.49
CA GLU C 415 57.35 -9.81 -14.16
C GLU C 415 57.49 -8.84 -13.00
N LEU C 416 57.91 -9.36 -11.86
CA LEU C 416 58.06 -8.58 -10.62
C LEU C 416 58.95 -7.35 -10.76
N LYS C 417 60.02 -7.59 -11.52
CA LYS C 417 60.97 -6.57 -11.83
C LYS C 417 60.32 -5.56 -12.74
N LYS C 418 60.14 -5.99 -13.99
CA LYS C 418 59.74 -5.13 -15.08
C LYS C 418 58.21 -4.96 -15.08
N ALA C 419 57.87 -3.65 -15.01
CA ALA C 419 56.48 -3.17 -15.05
C ALA C 419 55.58 -3.54 -13.85
N GLY C 420 56.31 -4.09 -12.84
CA GLY C 420 55.85 -4.47 -11.52
C GLY C 420 54.60 -5.30 -11.51
N VAL C 421 54.58 -6.42 -12.27
CA VAL C 421 53.41 -7.27 -12.35
C VAL C 421 53.34 -8.01 -10.98
N PRO C 422 52.31 -7.80 -10.08
CA PRO C 422 52.19 -8.36 -8.72
C PRO C 422 52.00 -9.86 -8.51
N LEU C 423 53.02 -10.56 -9.01
CA LEU C 423 53.18 -11.99 -8.85
C LEU C 423 53.47 -12.27 -7.38
N SER C 424 52.47 -12.90 -6.78
CA SER C 424 52.46 -13.33 -5.41
C SER C 424 52.80 -12.28 -4.37
N SER C 425 52.42 -11.04 -4.70
CA SER C 425 52.65 -9.95 -3.80
C SER C 425 51.46 -9.05 -3.74
N TYR C 426 51.42 -8.41 -2.58
CA TYR C 426 50.50 -7.35 -2.19
C TYR C 426 51.40 -6.43 -1.36
N GLY C 427 51.16 -5.13 -1.46
CA GLY C 427 51.77 -4.09 -0.65
C GLY C 427 50.54 -3.25 -0.37
N GLY C 428 50.11 -3.37 0.88
CA GLY C 428 48.79 -2.98 1.33
C GLY C 428 48.24 -1.61 0.98
N MET C 429 47.45 -1.23 1.95
CA MET C 429 46.73 0.01 1.89
C MET C 429 47.50 1.27 2.12
N MET C 430 48.24 1.27 3.22
CA MET C 430 48.99 2.41 3.74
C MET C 430 49.86 3.01 2.65
N LYS C 431 50.40 2.07 1.88
CA LYS C 431 51.18 2.33 0.69
C LYS C 431 50.66 3.34 -0.33
N GLU C 432 49.33 3.24 -0.47
CA GLU C 432 48.47 3.99 -1.39
C GLU C 432 47.85 5.26 -0.79
N MET C 433 47.61 5.24 0.52
CA MET C 433 47.16 6.40 1.26
C MET C 433 48.14 7.58 1.18
N HIS C 434 47.47 8.74 1.04
CA HIS C 434 48.10 10.06 0.82
C HIS C 434 48.91 10.43 2.07
N ASP C 435 49.67 11.51 2.07
CA ASP C 435 50.26 11.86 3.34
C ASP C 435 49.36 12.74 4.21
N GLY C 436 49.35 12.51 5.53
CA GLY C 436 48.46 13.22 6.46
C GLY C 436 47.06 12.59 6.40
N THR C 437 47.21 11.28 6.41
CA THR C 437 46.16 10.32 6.22
C THR C 437 46.15 9.59 7.58
N ILE C 438 45.02 9.12 8.12
CA ILE C 438 44.96 8.41 9.41
C ILE C 438 44.53 6.96 9.14
N LEU C 439 45.10 5.95 9.80
CA LEU C 439 44.62 4.57 9.71
C LEU C 439 44.18 4.08 11.08
N ILE C 440 42.98 3.53 11.26
CA ILE C 440 42.53 3.13 12.59
C ILE C 440 42.09 1.67 12.52
N ASP C 441 42.76 0.76 13.24
CA ASP C 441 42.35 -0.61 13.26
C ASP C 441 41.43 -0.75 14.48
N ASP C 442 40.33 -1.50 14.18
CA ASP C 442 39.07 -1.75 14.87
C ASP C 442 38.52 -0.52 15.58
N MET C 443 38.41 0.47 14.71
CA MET C 443 37.84 1.74 15.07
C MET C 443 36.42 1.59 15.62
N ASN C 444 36.31 2.17 16.80
CA ASN C 444 35.05 2.19 17.50
C ASN C 444 34.19 3.48 17.43
N HIS C 445 33.01 3.41 18.06
CA HIS C 445 32.04 4.51 18.05
C HIS C 445 32.64 5.77 18.58
N HIS C 446 33.53 5.69 19.54
CA HIS C 446 34.16 6.90 20.01
C HIS C 446 34.96 7.54 18.87
N ASP C 447 35.87 6.74 18.32
CA ASP C 447 36.88 7.20 17.38
C ASP C 447 36.27 7.87 16.19
N MET C 448 35.20 7.30 15.57
CA MET C 448 34.61 7.98 14.42
C MET C 448 33.93 9.29 14.78
N GLU C 449 33.29 9.49 15.95
CA GLU C 449 32.77 10.81 16.31
C GLU C 449 33.86 11.90 16.47
N VAL C 450 35.18 11.72 16.78
CA VAL C 450 36.11 12.88 16.80
C VAL C 450 36.59 12.95 15.36
N VAL C 451 36.80 11.86 14.61
CA VAL C 451 37.13 11.95 13.19
C VAL C 451 36.00 12.73 12.51
N LEU C 452 34.75 12.53 12.90
CA LEU C 452 33.66 13.23 12.30
C LEU C 452 33.69 14.69 12.82
N GLU C 453 33.58 14.99 14.12
CA GLU C 453 33.55 16.37 14.63
C GLU C 453 34.82 17.22 14.45
N LYS C 454 36.02 16.67 14.57
CA LYS C 454 37.25 17.39 14.27
C LYS C 454 37.42 17.66 12.77
N LEU C 455 37.39 16.57 11.99
CA LEU C 455 37.67 16.54 10.56
C LEU C 455 36.60 16.80 9.51
N LYS C 456 35.30 16.75 9.81
CA LYS C 456 34.29 17.05 8.82
C LYS C 456 34.41 16.39 7.44
N PRO C 457 34.33 15.06 7.24
CA PRO C 457 34.36 14.44 5.92
C PRO C 457 33.05 14.68 5.16
N ASP C 458 33.06 14.78 3.84
CA ASP C 458 31.81 14.94 3.13
C ASP C 458 31.08 13.61 3.07
N MET C 459 31.76 12.47 3.07
CA MET C 459 31.09 11.19 3.12
C MET C 459 31.91 10.22 3.94
N PHE C 460 31.24 9.22 4.46
CA PHE C 460 31.84 8.25 5.30
C PHE C 460 31.38 6.85 4.89
N PHE C 461 32.25 5.98 4.45
CA PHE C 461 31.87 4.66 3.97
C PHE C 461 32.08 3.47 4.92
N ALA C 462 31.08 3.17 5.73
CA ALA C 462 31.19 2.07 6.64
C ALA C 462 30.18 0.93 6.40
N GLY C 463 29.12 0.74 7.16
CA GLY C 463 28.29 -0.45 7.08
C GLY C 463 26.93 -0.18 7.67
N ILE C 464 26.26 -1.11 8.35
CA ILE C 464 24.89 -0.84 8.73
C ILE C 464 24.68 -0.28 10.12
N LYS C 465 25.31 -0.86 11.13
CA LYS C 465 25.23 -0.40 12.52
C LYS C 465 25.44 1.12 12.66
N GLU C 466 26.53 1.42 11.92
CA GLU C 466 27.22 2.69 11.72
C GLU C 466 26.64 3.72 10.74
N LYS C 467 26.01 3.26 9.65
CA LYS C 467 25.27 4.03 8.64
C LYS C 467 24.37 5.10 9.24
N PHE C 468 23.45 4.70 10.13
CA PHE C 468 22.48 5.64 10.69
C PHE C 468 23.01 6.55 11.75
N VAL C 469 24.25 6.41 12.22
CA VAL C 469 24.87 7.30 13.19
C VAL C 469 25.33 8.48 12.37
N ILE C 470 26.07 8.19 11.29
CA ILE C 470 26.73 9.20 10.47
C ILE C 470 25.63 10.03 9.83
N GLN C 471 24.71 9.37 9.17
CA GLN C 471 23.59 9.97 8.48
C GLN C 471 22.77 10.94 9.35
N LYS C 472 22.57 10.63 10.65
CA LYS C 472 21.80 11.38 11.67
C LYS C 472 22.36 12.72 12.12
N GLY C 473 23.69 12.77 12.04
CA GLY C 473 24.42 13.97 12.31
C GLY C 473 24.58 14.80 11.05
N GLY C 474 23.98 14.45 9.93
CA GLY C 474 24.05 15.28 8.74
C GLY C 474 25.18 14.99 7.76
N VAL C 475 25.81 13.82 7.84
CA VAL C 475 26.85 13.43 6.90
C VAL C 475 26.48 12.05 6.37
N LEU C 476 26.86 11.91 5.13
CA LEU C 476 26.51 10.83 4.27
C LEU C 476 27.27 9.55 4.44
N SER C 477 26.73 8.57 5.14
CA SER C 477 27.35 7.29 5.20
C SER C 477 26.84 6.42 4.06
N LYS C 478 27.61 6.02 3.05
CA LYS C 478 27.21 4.96 2.12
C LYS C 478 27.86 3.65 2.56
N GLN C 479 27.16 2.54 2.66
CA GLN C 479 27.78 1.31 3.11
C GLN C 479 28.39 0.55 1.96
N LEU C 480 29.71 0.38 2.00
CA LEU C 480 30.50 -0.38 1.04
C LEU C 480 30.40 -1.92 1.18
N HIS C 481 29.84 -2.44 2.28
CA HIS C 481 29.62 -3.88 2.48
C HIS C 481 28.50 -4.47 1.59
N SER C 482 27.30 -3.92 1.77
CA SER C 482 26.05 -4.40 1.18
C SER C 482 25.55 -3.48 0.10
N TYR C 483 26.46 -2.68 -0.45
CA TYR C 483 26.26 -1.79 -1.58
C TYR C 483 25.09 -0.80 -1.57
N ASP C 484 24.38 -0.78 -0.44
CA ASP C 484 23.08 -0.15 -0.25
C ASP C 484 22.09 -0.61 -1.29
N TYR C 485 22.11 -1.95 -1.32
CA TYR C 485 21.19 -2.82 -2.00
C TYR C 485 21.20 -2.62 -3.50
N ASN C 486 22.37 -2.22 -4.00
CA ASN C 486 22.59 -1.91 -5.39
C ASN C 486 23.62 -2.86 -5.92
N GLY C 487 24.15 -2.71 -7.11
CA GLY C 487 25.13 -3.66 -7.60
C GLY C 487 25.05 -3.70 -9.12
N PRO C 488 26.09 -4.06 -9.91
CA PRO C 488 27.47 -4.25 -9.47
C PRO C 488 28.16 -2.95 -9.01
N TYR C 489 29.14 -3.06 -8.09
CA TYR C 489 30.02 -1.91 -7.91
C TYR C 489 31.45 -2.21 -8.43
N ALA C 490 31.62 -3.44 -8.93
CA ALA C 490 32.84 -3.90 -9.59
C ALA C 490 32.67 -3.67 -11.07
N GLY C 491 33.78 -3.78 -11.78
CA GLY C 491 33.85 -3.63 -13.23
C GLY C 491 33.51 -2.23 -13.73
N PHE C 492 33.63 -2.04 -15.04
CA PHE C 492 33.32 -0.77 -15.75
C PHE C 492 31.88 -0.28 -15.60
N ARG C 493 31.03 -1.30 -15.54
CA ARG C 493 29.63 -1.12 -15.34
C ARG C 493 29.32 -0.79 -13.88
N GLY C 494 30.06 -1.34 -12.90
CA GLY C 494 29.79 -1.03 -11.52
C GLY C 494 30.20 0.38 -11.15
N VAL C 495 31.35 0.75 -11.64
CA VAL C 495 31.92 2.08 -11.56
C VAL C 495 30.92 3.21 -11.84
N VAL C 496 29.96 2.94 -12.77
CA VAL C 496 28.97 3.96 -13.17
C VAL C 496 27.74 3.93 -12.30
N ASN C 497 27.55 2.81 -11.63
CA ASN C 497 26.47 2.65 -10.68
C ASN C 497 26.96 3.30 -9.40
N PHE C 498 28.15 2.94 -8.89
CA PHE C 498 28.82 3.59 -7.76
C PHE C 498 28.85 5.09 -8.01
N GLY C 499 29.31 5.57 -9.16
CA GLY C 499 29.29 6.98 -9.45
C GLY C 499 27.95 7.66 -9.23
N HIS C 500 26.83 7.19 -9.78
CA HIS C 500 25.57 7.92 -9.66
C HIS C 500 24.97 7.82 -8.29
N GLU C 501 25.05 6.66 -7.71
CA GLU C 501 24.51 6.45 -6.40
C GLU C 501 25.01 7.42 -5.33
N LEU C 502 26.31 7.71 -5.46
CA LEU C 502 27.06 8.65 -4.66
C LEU C 502 26.61 10.03 -5.07
N VAL C 503 26.71 10.46 -6.32
CA VAL C 503 26.23 11.78 -6.79
C VAL C 503 24.88 12.14 -6.18
N ASN C 504 23.86 11.29 -6.44
CA ASN C 504 22.47 11.30 -5.93
C ASN C 504 22.29 11.43 -4.43
N GLY C 505 23.12 10.65 -3.70
CA GLY C 505 23.27 10.67 -2.24
C GLY C 505 23.81 11.99 -1.70
N ILE C 506 24.70 12.73 -2.35
CA ILE C 506 25.20 14.02 -1.87
C ILE C 506 24.21 15.09 -2.21
N TYR C 507 23.74 15.13 -3.45
CA TYR C 507 22.75 16.08 -3.88
C TYR C 507 21.32 15.70 -3.48
N THR C 508 21.11 15.13 -2.28
CA THR C 508 19.79 14.78 -1.81
C THR C 508 19.18 15.98 -1.12
N PRO C 509 18.06 16.48 -1.66
CA PRO C 509 17.38 17.72 -1.28
C PRO C 509 17.12 17.91 0.20
N ALA C 510 16.56 16.92 0.91
CA ALA C 510 16.32 17.02 2.35
C ALA C 510 17.51 17.26 3.25
N TRP C 511 18.73 17.05 2.74
CA TRP C 511 19.95 17.25 3.55
C TRP C 511 20.01 18.67 4.04
N LYS C 512 19.65 19.61 3.18
CA LYS C 512 19.69 21.02 3.42
C LYS C 512 18.51 21.47 4.25
N MET C 513 17.52 20.63 4.55
CA MET C 513 16.38 21.18 5.24
C MET C 513 16.15 20.51 6.57
N ILE C 514 17.25 20.25 7.29
CA ILE C 514 17.13 19.57 8.57
C ILE C 514 16.77 20.55 9.68
N THR C 515 17.16 21.82 9.57
CA THR C 515 16.97 22.80 10.65
C THR C 515 15.69 23.58 10.31
N PRO C 516 14.70 23.73 11.19
CA PRO C 516 13.51 24.51 10.95
C PRO C 516 13.65 26.01 11.00
N PRO C 517 12.97 26.74 10.12
CA PRO C 517 12.62 28.16 10.26
C PRO C 517 12.47 28.82 11.64
N TRP C 518 11.71 28.30 12.57
CA TRP C 518 11.63 28.91 13.89
C TRP C 518 12.88 28.72 14.76
N LYS C 519 13.73 27.72 14.49
CA LYS C 519 14.88 27.50 15.35
C LYS C 519 15.93 28.39 14.78
N LYS C 520 16.41 28.06 13.56
CA LYS C 520 17.44 28.83 12.86
C LYS C 520 17.07 30.31 12.52
N ALA C 521 15.93 30.88 13.01
CA ALA C 521 15.48 32.26 12.72
C ALA C 521 14.40 32.77 13.69
N SER C 522 13.10 32.39 13.47
CA SER C 522 11.94 32.86 14.29
C SER C 522 11.75 32.20 15.68
N SER C 523 12.88 32.21 16.44
CA SER C 523 13.03 31.67 17.79
C SER C 523 11.88 31.94 18.81
N GLU C 524 11.02 32.95 18.50
CA GLU C 524 9.90 33.38 19.32
C GLU C 524 8.61 33.57 18.47
N SER C 525 8.39 32.50 17.66
CA SER C 525 7.21 32.27 16.84
C SER C 525 7.56 30.96 16.06
N LEU D 2 11.29 -19.12 -6.76
CA LEU D 2 11.79 -18.91 -5.43
C LEU D 2 11.37 -20.26 -4.85
N ASP D 3 12.02 -21.35 -5.25
CA ASP D 3 11.42 -22.67 -5.15
C ASP D 3 11.82 -23.88 -4.28
N ALA D 4 12.26 -25.05 -4.86
CA ALA D 4 12.75 -26.33 -4.28
C ALA D 4 12.29 -26.95 -2.94
N THR D 5 11.08 -26.59 -2.54
CA THR D 5 10.37 -27.11 -1.37
C THR D 5 9.62 -28.36 -1.88
N PRO D 6 9.78 -29.60 -1.39
CA PRO D 6 8.93 -30.72 -1.79
C PRO D 6 7.47 -30.35 -1.60
N LYS D 7 6.62 -30.37 -2.63
CA LYS D 7 5.17 -30.06 -2.50
C LYS D 7 4.52 -31.03 -1.50
N GLU D 8 4.95 -32.27 -1.73
CA GLU D 8 4.61 -33.44 -0.91
C GLU D 8 5.11 -33.18 0.51
N ILE D 9 4.20 -32.97 1.46
CA ILE D 9 4.63 -32.66 2.81
C ILE D 9 5.47 -33.77 3.47
N VAL D 10 6.54 -33.35 4.13
CA VAL D 10 7.42 -34.21 4.90
C VAL D 10 7.40 -33.54 6.26
N GLU D 11 7.49 -34.35 7.31
CA GLU D 11 7.53 -33.81 8.69
C GLU D 11 8.98 -34.03 9.17
N ARG D 12 9.57 -32.98 9.75
CA ARG D 12 10.98 -33.01 10.07
C ARG D 12 11.05 -32.77 11.56
N LYS D 13 11.94 -33.63 12.02
CA LYS D 13 12.29 -33.83 13.38
C LYS D 13 13.43 -32.96 13.84
N ALA D 14 14.44 -32.79 12.96
CA ALA D 14 15.68 -32.13 13.37
C ALA D 14 16.18 -31.04 12.43
N LEU D 15 15.71 -31.03 11.19
CA LEU D 15 16.26 -30.07 10.27
C LEU D 15 15.26 -28.94 10.42
N ARG D 16 15.77 -27.79 10.86
CA ARG D 16 14.97 -26.58 10.97
C ARG D 16 15.47 -25.77 9.82
N ILE D 17 14.50 -25.41 9.00
CA ILE D 17 14.70 -24.69 7.77
C ILE D 17 13.81 -23.50 7.97
N ASN D 18 14.32 -22.35 7.57
CA ASN D 18 13.58 -21.11 7.57
C ASN D 18 12.73 -20.77 8.78
N PRO D 19 13.36 -20.49 9.93
CA PRO D 19 12.73 -20.40 11.22
C PRO D 19 11.88 -19.17 11.29
N ALA D 20 10.80 -19.34 12.08
CA ALA D 20 9.90 -18.25 12.33
C ALA D 20 10.15 -17.71 13.75
N LYS D 21 11.42 -17.62 14.13
CA LYS D 21 11.84 -17.05 15.41
C LYS D 21 13.32 -16.68 15.28
N THR D 22 13.77 -15.94 16.29
CA THR D 22 15.16 -15.60 16.49
C THR D 22 15.39 -15.70 18.00
N CYS D 23 16.67 -15.68 18.37
CA CYS D 23 17.19 -15.89 19.74
C CYS D 23 17.13 -14.71 20.72
N GLN D 24 16.83 -15.16 21.95
CA GLN D 24 16.57 -14.32 23.12
C GLN D 24 17.30 -12.99 23.23
N PRO D 25 18.65 -12.83 23.23
CA PRO D 25 19.33 -11.56 23.40
C PRO D 25 18.79 -10.33 22.70
N VAL D 26 18.28 -10.36 21.46
CA VAL D 26 17.80 -9.16 20.74
C VAL D 26 16.46 -8.66 21.29
N GLY D 27 15.64 -9.50 21.91
CA GLY D 27 14.42 -9.06 22.57
C GLY D 27 14.80 -8.26 23.81
N ALA D 28 15.78 -8.81 24.54
CA ALA D 28 16.43 -8.21 25.72
C ALA D 28 17.19 -6.93 25.36
N MET D 29 17.80 -6.81 24.19
CA MET D 29 18.37 -5.56 23.71
C MET D 29 17.28 -4.53 23.41
N TYR D 30 16.13 -4.93 22.86
CA TYR D 30 15.01 -4.06 22.51
C TYR D 30 14.38 -3.38 23.73
N ALA D 31 14.09 -4.23 24.70
CA ALA D 31 13.51 -3.80 25.95
C ALA D 31 14.47 -2.88 26.72
N ALA D 32 15.78 -3.19 26.79
CA ALA D 32 16.76 -2.34 27.43
C ALA D 32 16.82 -1.00 26.72
N LEU D 33 16.73 -0.90 25.39
CA LEU D 33 16.63 0.39 24.70
C LEU D 33 15.31 1.09 25.08
N GLY D 34 14.39 0.43 25.81
CA GLY D 34 13.23 1.09 26.33
C GLY D 34 13.45 1.80 27.67
N ILE D 35 14.68 2.00 28.11
CA ILE D 35 14.96 2.69 29.34
C ILE D 35 15.83 3.82 28.87
N HIS D 36 15.62 5.01 29.37
CA HIS D 36 16.36 6.17 28.98
C HIS D 36 17.82 6.12 29.51
N ASN D 37 18.84 6.40 28.69
CA ASN D 37 20.25 6.38 29.08
C ASN D 37 20.79 5.07 29.61
N CYS D 38 20.31 4.06 28.90
CA CYS D 38 20.61 2.63 29.04
C CYS D 38 21.53 2.28 27.90
N LEU D 39 22.58 1.49 28.07
CA LEU D 39 23.32 1.03 26.92
C LEU D 39 23.42 -0.48 27.11
N PRO D 40 22.75 -1.31 26.27
CA PRO D 40 22.72 -2.74 26.48
C PRO D 40 24.10 -3.36 26.42
N HIS D 41 24.31 -4.41 27.19
CA HIS D 41 25.56 -5.04 27.09
C HIS D 41 25.36 -6.50 26.80
N SER D 42 25.90 -7.02 25.69
CA SER D 42 25.95 -8.48 25.46
C SER D 42 27.15 -9.11 26.18
N HIS D 43 26.87 -10.08 27.02
CA HIS D 43 27.94 -10.74 27.71
C HIS D 43 28.04 -12.09 27.07
N GLY D 44 28.94 -12.16 26.14
CA GLY D 44 29.33 -13.37 25.49
C GLY D 44 30.22 -12.98 24.32
N SER D 45 30.49 -13.83 23.31
CA SER D 45 31.31 -13.39 22.20
C SER D 45 30.66 -12.21 21.48
N GLN D 46 31.53 -11.60 20.71
CA GLN D 46 31.14 -10.36 20.08
C GLN D 46 30.36 -10.50 18.80
N GLY D 47 30.23 -11.72 18.29
CA GLY D 47 29.47 -11.96 17.08
C GLY D 47 28.02 -11.61 17.27
N CYS D 48 27.48 -12.10 18.38
CA CYS D 48 26.11 -11.86 18.84
C CYS D 48 25.70 -10.43 19.02
N CYS D 49 26.61 -9.50 19.19
CA CYS D 49 26.26 -8.12 19.36
C CYS D 49 25.99 -7.55 17.98
N SER D 50 26.87 -7.90 17.01
CA SER D 50 26.86 -7.31 15.68
C SER D 50 25.57 -7.71 15.01
N TYR D 51 25.30 -9.02 15.01
CA TYR D 51 24.10 -9.58 14.48
C TYR D 51 22.85 -8.89 15.01
N HIS D 52 22.63 -8.71 16.32
CA HIS D 52 21.40 -8.18 16.88
C HIS D 52 21.23 -6.68 16.67
N ARG D 53 22.29 -5.88 16.79
CA ARG D 53 22.21 -4.45 16.49
C ARG D 53 21.98 -4.25 15.00
N THR D 54 22.60 -5.05 14.11
CA THR D 54 22.35 -5.01 12.67
C THR D 54 20.88 -5.34 12.34
N VAL D 55 20.18 -6.35 12.87
CA VAL D 55 18.75 -6.55 12.68
C VAL D 55 17.93 -5.39 13.23
N LEU D 56 18.20 -4.86 14.41
CA LEU D 56 17.45 -3.74 14.93
C LEU D 56 17.62 -2.53 13.98
N SER D 57 18.81 -2.17 13.48
CA SER D 57 18.96 -1.09 12.49
C SER D 57 18.16 -1.33 11.16
N ARG D 58 18.24 -2.52 10.55
CA ARG D 58 17.53 -2.95 9.36
C ARG D 58 16.04 -2.87 9.52
N HIS D 59 15.42 -3.35 10.61
CA HIS D 59 14.01 -3.15 10.79
C HIS D 59 13.62 -1.72 11.08
N PHE D 60 14.33 -0.86 11.81
CA PHE D 60 13.86 0.50 12.10
C PHE D 60 14.55 1.62 11.31
N LYS D 61 15.53 1.28 10.46
CA LYS D 61 16.36 2.21 9.69
C LYS D 61 16.83 3.30 10.70
N GLU D 62 17.44 2.74 11.76
CA GLU D 62 17.75 3.43 13.01
C GLU D 62 19.03 2.86 13.64
N PRO D 63 19.65 3.46 14.69
CA PRO D 63 20.78 2.88 15.40
C PRO D 63 20.44 2.08 16.65
N ALA D 64 21.03 0.90 16.74
CA ALA D 64 21.00 0.12 17.95
C ALA D 64 22.45 0.23 18.29
N MET D 65 22.65 0.44 19.58
CA MET D 65 23.93 0.72 20.17
C MET D 65 24.06 -0.31 21.26
N ALA D 66 25.10 -1.13 21.33
CA ALA D 66 25.27 -2.06 22.42
C ALA D 66 26.75 -2.36 22.55
N SER D 67 27.21 -2.85 23.68
CA SER D 67 28.63 -3.08 23.91
C SER D 67 28.91 -4.57 24.18
N THR D 68 30.13 -5.15 24.07
CA THR D 68 30.36 -6.54 24.47
C THR D 68 31.54 -6.81 25.46
N SER D 69 31.42 -7.86 26.26
CA SER D 69 32.52 -8.37 27.03
C SER D 69 33.11 -9.14 25.86
N SER D 70 33.73 -8.63 24.82
CA SER D 70 34.08 -9.41 23.63
C SER D 70 34.73 -10.85 23.70
N PHE D 71 34.20 -11.88 24.42
CA PHE D 71 34.84 -13.18 24.73
C PHE D 71 35.64 -13.93 23.67
N THR D 72 36.83 -14.32 24.13
CA THR D 72 37.86 -15.04 23.37
C THR D 72 37.95 -16.50 23.83
N GLU D 73 38.82 -17.24 23.16
CA GLU D 73 39.17 -18.63 23.45
C GLU D 73 39.18 -19.01 24.92
N GLY D 74 39.87 -18.08 25.59
CA GLY D 74 40.19 -18.12 26.99
C GLY D 74 39.06 -17.99 27.98
N ALA D 75 37.97 -17.29 27.69
CA ALA D 75 36.86 -17.15 28.62
C ALA D 75 36.12 -18.49 28.83
N SER D 76 36.31 -19.39 27.87
CA SER D 76 35.87 -20.77 27.98
C SER D 76 36.56 -21.60 29.09
N VAL D 77 37.72 -21.06 29.55
CA VAL D 77 38.56 -21.61 30.61
C VAL D 77 38.40 -20.70 31.81
N PHE D 78 38.49 -19.38 31.63
CA PHE D 78 38.36 -18.45 32.75
C PHE D 78 37.21 -17.44 32.78
N GLY D 79 36.00 -17.91 32.43
CA GLY D 79 34.75 -17.20 32.63
C GLY D 79 34.72 -15.87 31.93
N GLY D 80 33.78 -15.06 32.37
CA GLY D 80 33.71 -13.76 31.77
C GLY D 80 33.71 -12.63 32.77
N GLY D 81 34.26 -12.94 33.94
CA GLY D 81 34.37 -12.03 35.06
C GLY D 81 35.19 -10.84 34.66
N SER D 82 36.42 -11.17 34.28
CA SER D 82 37.41 -10.21 33.83
C SER D 82 36.88 -9.36 32.65
N ASN D 83 36.18 -10.01 31.70
CA ASN D 83 35.58 -9.35 30.53
C ASN D 83 34.53 -8.26 30.76
N ILE D 84 33.51 -8.47 31.61
CA ILE D 84 32.51 -7.42 31.88
C ILE D 84 33.12 -6.37 32.76
N LYS D 85 34.03 -6.68 33.71
CA LYS D 85 34.75 -5.66 34.51
C LYS D 85 35.42 -4.63 33.62
N THR D 86 36.27 -5.07 32.68
CA THR D 86 36.90 -4.17 31.71
C THR D 86 35.82 -3.45 30.89
N ALA D 87 34.81 -4.21 30.43
CA ALA D 87 33.78 -3.67 29.61
C ALA D 87 33.13 -2.51 30.27
N VAL D 88 32.84 -2.58 31.58
CA VAL D 88 32.17 -1.55 32.34
C VAL D 88 33.04 -0.30 32.47
N LYS D 89 34.36 -0.47 32.57
CA LYS D 89 35.28 0.66 32.73
C LYS D 89 35.44 1.42 31.44
N ASN D 90 35.57 0.74 30.30
CA ASN D 90 35.56 1.48 29.05
C ASN D 90 34.22 2.08 28.64
N ILE D 91 33.11 1.49 29.12
CA ILE D 91 31.79 2.07 28.90
C ILE D 91 31.75 3.36 29.71
N PHE D 92 31.65 3.30 31.06
CA PHE D 92 31.46 4.48 31.90
C PHE D 92 32.48 5.60 31.59
N SER D 93 33.75 5.25 31.33
CA SER D 93 34.77 6.20 30.91
C SER D 93 34.49 6.99 29.64
N LEU D 94 34.13 6.23 28.57
CA LEU D 94 33.95 6.72 27.21
C LEU D 94 32.57 7.17 26.74
N TYR D 95 31.55 6.48 27.17
CA TYR D 95 30.20 6.72 26.71
C TYR D 95 29.43 6.41 28.00
N ASN D 96 29.00 7.33 28.85
CA ASN D 96 28.41 6.87 30.08
C ASN D 96 26.90 6.87 30.13
N PRO D 97 26.35 5.66 30.15
CA PRO D 97 24.95 5.46 30.34
C PRO D 97 24.64 5.82 31.78
N ASP D 98 23.39 6.03 32.16
CA ASP D 98 23.07 6.13 33.57
C ASP D 98 22.96 4.69 34.00
N ILE D 99 22.53 3.81 33.06
CA ILE D 99 22.39 2.38 33.28
C ILE D 99 22.93 1.46 32.17
N ILE D 100 23.75 0.47 32.54
CA ILE D 100 24.20 -0.60 31.66
C ILE D 100 23.23 -1.74 31.94
N ALA D 101 22.41 -2.19 30.99
CA ALA D 101 21.52 -3.33 31.21
C ALA D 101 22.14 -4.56 30.53
N VAL D 102 22.46 -5.61 31.28
CA VAL D 102 23.26 -6.72 30.75
C VAL D 102 22.43 -7.94 30.59
N HIS D 103 22.81 -8.64 29.55
CA HIS D 103 22.19 -9.89 29.17
C HIS D 103 23.34 -10.70 28.61
N THR D 104 23.05 -12.00 28.54
CA THR D 104 23.96 -13.07 28.17
C THR D 104 23.66 -13.71 26.81
N THR D 105 24.39 -14.73 26.34
CA THR D 105 24.20 -15.39 25.03
C THR D 105 24.29 -16.92 25.26
N CYS D 106 24.62 -17.78 24.31
CA CYS D 106 24.81 -19.23 24.52
C CYS D 106 25.96 -19.54 25.46
N LEU D 107 27.16 -18.98 25.11
CA LEU D 107 28.43 -19.03 25.85
C LEU D 107 28.32 -18.81 27.33
N SER D 108 28.00 -17.62 27.82
CA SER D 108 27.80 -17.37 29.24
C SER D 108 26.88 -18.36 29.91
N GLU D 109 25.76 -18.76 29.30
CA GLU D 109 24.83 -19.75 29.86
C GLU D 109 25.42 -21.16 29.90
N THR D 110 26.17 -21.57 28.87
CA THR D 110 26.83 -22.86 28.81
C THR D 110 28.02 -22.90 29.82
N LEU D 111 28.86 -21.86 29.90
CA LEU D 111 30.00 -21.75 30.82
C LEU D 111 29.59 -21.54 32.26
N GLY D 112 28.32 -21.26 32.55
CA GLY D 112 27.86 -21.06 33.91
C GLY D 112 28.18 -19.69 34.48
N ASP D 113 28.20 -18.60 33.70
CA ASP D 113 28.55 -17.31 34.25
C ASP D 113 27.60 -16.69 35.25
N ASP D 114 28.21 -16.46 36.41
CA ASP D 114 27.57 -15.80 37.53
C ASP D 114 27.69 -14.27 37.56
N LEU D 115 26.98 -13.57 36.68
CA LEU D 115 27.02 -12.13 36.76
C LEU D 115 26.19 -11.57 37.90
N PRO D 116 25.51 -12.23 38.86
CA PRO D 116 25.35 -11.70 40.21
C PRO D 116 26.64 -11.41 40.99
N THR D 117 27.66 -12.29 41.10
CA THR D 117 28.86 -11.93 41.85
C THR D 117 29.68 -10.94 41.07
N TYR D 118 29.83 -11.04 39.76
CA TYR D 118 30.63 -10.10 38.98
C TYR D 118 30.20 -8.67 39.21
N ILE D 119 28.90 -8.43 39.36
CA ILE D 119 28.38 -7.08 39.54
C ILE D 119 28.74 -6.50 40.90
N SER D 120 28.58 -7.37 41.92
CA SER D 120 28.90 -7.02 43.30
C SER D 120 30.40 -6.74 43.42
N GLN D 121 31.26 -7.54 42.76
CA GLN D 121 32.68 -7.29 42.63
C GLN D 121 32.89 -5.93 41.99
N MET D 122 32.39 -5.56 40.79
CA MET D 122 32.62 -4.24 40.21
C MET D 122 32.21 -3.14 41.17
N GLU D 123 31.13 -3.43 41.85
CA GLU D 123 30.53 -2.46 42.73
C GLU D 123 31.44 -2.22 43.94
N ASP D 124 31.76 -3.27 44.76
CA ASP D 124 32.70 -3.27 45.91
C ASP D 124 33.98 -2.59 45.41
N ALA D 125 34.50 -3.02 44.26
CA ALA D 125 35.70 -2.47 43.67
C ALA D 125 35.59 -1.03 43.15
N GLY D 126 34.56 -0.26 43.51
CA GLY D 126 34.34 1.09 42.99
C GLY D 126 34.26 1.24 41.46
N SER D 127 34.16 0.17 40.64
CA SER D 127 34.04 0.23 39.18
C SER D 127 32.65 0.77 38.76
N ILE D 128 31.63 0.95 39.61
CA ILE D 128 30.35 1.55 39.24
C ILE D 128 30.51 2.93 39.88
N PRO D 129 30.58 4.07 39.19
CA PRO D 129 30.65 5.43 39.73
C PRO D 129 29.64 5.83 40.80
N GLU D 130 29.79 7.10 41.28
CA GLU D 130 28.75 7.76 42.11
C GLU D 130 27.43 7.85 41.29
N GLY D 131 26.41 7.17 41.85
CA GLY D 131 25.00 7.29 41.47
C GLY D 131 24.49 6.57 40.24
N LYS D 132 25.37 5.91 39.48
CA LYS D 132 25.10 5.18 38.25
C LYS D 132 24.65 3.77 38.58
N LEU D 133 24.32 2.90 37.61
CA LEU D 133 23.95 1.49 37.88
C LEU D 133 24.06 0.45 36.74
N VAL D 134 24.12 -0.83 37.16
CA VAL D 134 24.20 -2.03 36.33
C VAL D 134 22.99 -2.94 36.63
N ILE D 135 22.26 -3.41 35.64
CA ILE D 135 21.08 -4.25 35.80
C ILE D 135 21.39 -5.53 34.98
N HIS D 136 20.84 -6.72 35.17
CA HIS D 136 21.15 -7.82 34.28
C HIS D 136 19.94 -8.70 34.08
N THR D 137 19.86 -9.53 33.05
CA THR D 137 18.83 -10.55 32.96
C THR D 137 19.58 -11.71 32.33
N ASN D 138 19.07 -12.93 32.34
CA ASN D 138 19.79 -14.08 31.78
C ASN D 138 19.09 -14.57 30.52
N THR D 139 19.58 -14.28 29.33
CA THR D 139 18.90 -14.63 28.11
C THR D 139 19.50 -15.81 27.36
N PRO D 140 19.30 -17.07 27.78
CA PRO D 140 19.88 -18.26 27.20
C PRO D 140 19.37 -18.55 25.81
N SER D 141 20.14 -18.39 24.75
CA SER D 141 19.69 -18.70 23.40
C SER D 141 18.99 -19.98 22.96
N TYR D 142 19.24 -21.07 23.68
CA TYR D 142 18.69 -22.38 23.33
C TYR D 142 17.30 -22.73 23.97
N VAL D 143 16.57 -21.75 24.50
CA VAL D 143 15.26 -21.96 25.10
C VAL D 143 14.51 -20.71 24.72
N GLY D 144 13.28 -20.78 24.18
CA GLY D 144 12.50 -19.59 23.85
C GLY D 144 13.00 -18.81 22.65
N SER D 145 12.64 -17.52 22.56
CA SER D 145 12.99 -16.72 21.42
C SER D 145 13.04 -15.27 21.84
N HIS D 146 13.30 -14.30 20.99
CA HIS D 146 13.24 -12.89 21.35
C HIS D 146 12.08 -12.31 22.19
N VAL D 147 10.92 -12.95 22.15
CA VAL D 147 9.77 -12.57 22.96
C VAL D 147 10.19 -12.86 24.43
N THR D 148 10.89 -13.99 24.64
CA THR D 148 11.39 -14.45 25.92
C THR D 148 12.57 -13.55 26.37
N GLY D 149 13.50 -13.09 25.52
CA GLY D 149 14.51 -12.15 25.92
C GLY D 149 13.86 -10.84 26.36
N PHE D 150 12.77 -10.41 25.73
CA PHE D 150 12.06 -9.20 26.13
C PHE D 150 11.48 -9.42 27.51
N ALA D 151 10.75 -10.51 27.65
CA ALA D 151 10.06 -10.87 28.87
C ALA D 151 10.97 -11.00 30.08
N ASN D 152 12.20 -11.50 29.88
CA ASN D 152 13.23 -11.58 30.93
C ASN D 152 13.85 -10.23 31.23
N MET D 153 14.19 -9.37 30.28
CA MET D 153 14.75 -8.06 30.63
C MET D 153 13.72 -7.21 31.40
N VAL D 154 12.42 -7.40 31.18
CA VAL D 154 11.40 -6.70 31.93
C VAL D 154 11.43 -7.08 33.44
N GLN D 155 11.63 -8.36 33.70
CA GLN D 155 11.76 -8.92 35.02
C GLN D 155 13.09 -8.41 35.67
N GLY D 156 14.31 -8.57 35.11
CA GLY D 156 15.57 -8.04 35.64
C GLY D 156 15.52 -6.55 36.03
N ILE D 157 14.78 -5.74 35.27
CA ILE D 157 14.65 -4.34 35.60
C ILE D 157 13.63 -4.25 36.73
N VAL D 158 12.55 -5.02 36.90
CA VAL D 158 11.71 -4.82 38.09
C VAL D 158 12.53 -5.28 39.27
N ASN D 159 13.22 -6.41 39.10
CA ASN D 159 13.99 -7.04 40.14
C ASN D 159 15.10 -6.19 40.73
N TYR D 160 15.74 -5.35 39.94
CA TYR D 160 16.77 -4.43 40.42
C TYR D 160 16.17 -3.09 40.88
N LEU D 161 15.11 -2.64 40.21
CA LEU D 161 14.57 -1.30 40.39
C LEU D 161 13.18 -1.06 41.00
N SER D 162 12.15 -1.92 40.80
CA SER D 162 10.85 -1.69 41.43
C SER D 162 10.87 -1.45 42.95
N GLU D 163 10.30 -0.34 43.41
CA GLU D 163 10.19 -0.10 44.83
C GLU D 163 8.84 0.21 45.41
N ASN D 164 8.41 -0.48 46.46
CA ASN D 164 7.28 0.07 47.13
C ASN D 164 7.85 0.92 48.24
N THR D 165 7.98 2.25 48.06
CA THR D 165 8.45 3.14 49.13
C THR D 165 7.29 3.68 49.98
N GLY D 166 6.21 2.91 50.17
CA GLY D 166 5.05 3.24 51.01
C GLY D 166 4.08 4.35 50.53
N ALA D 167 4.13 4.85 49.27
CA ALA D 167 3.29 5.98 48.91
C ALA D 167 2.76 5.78 47.49
N LYS D 168 1.49 5.31 47.39
CA LYS D 168 0.93 5.06 46.06
C LYS D 168 0.64 6.33 45.25
N ASN D 169 1.01 6.14 43.99
CA ASN D 169 0.72 7.07 42.93
C ASN D 169 -0.65 6.54 42.49
N GLY D 170 -1.39 7.38 41.77
CA GLY D 170 -2.65 6.91 41.28
C GLY D 170 -2.43 6.55 39.86
N LYS D 171 -1.30 5.88 39.59
CA LYS D 171 -0.92 5.56 38.24
C LYS D 171 -1.09 4.08 38.09
N ILE D 172 -1.17 3.71 36.82
CA ILE D 172 -1.28 2.33 36.42
C ILE D 172 -0.05 2.15 35.56
N ASN D 173 0.58 1.02 35.81
CA ASN D 173 1.80 0.62 35.14
C ASN D 173 1.30 -0.18 33.97
N VAL D 174 2.00 -0.01 32.87
CA VAL D 174 1.66 -0.70 31.65
C VAL D 174 2.99 -1.24 31.18
N ILE D 175 2.94 -2.49 30.74
CA ILE D 175 4.08 -3.13 30.11
C ILE D 175 3.48 -3.50 28.72
N PRO D 176 3.88 -2.78 27.65
CA PRO D 176 3.31 -2.93 26.31
C PRO D 176 3.65 -4.18 25.53
N GLY D 177 4.58 -4.98 26.01
CA GLY D 177 4.94 -6.21 25.39
C GLY D 177 5.89 -5.91 24.26
N PHE D 178 6.23 -6.97 23.55
CA PHE D 178 7.13 -6.81 22.43
C PHE D 178 6.32 -6.26 21.25
N VAL D 179 6.12 -4.93 21.27
CA VAL D 179 5.38 -4.16 20.25
C VAL D 179 6.34 -3.07 19.83
N GLY D 180 6.21 -2.34 18.73
CA GLY D 180 7.20 -1.35 18.31
C GLY D 180 6.92 0.03 18.87
N PRO D 181 7.78 1.03 18.70
CA PRO D 181 7.61 2.35 19.24
C PRO D 181 6.23 2.96 19.07
N ALA D 182 5.64 2.77 17.88
CA ALA D 182 4.33 3.22 17.46
C ALA D 182 3.09 2.71 18.21
N ASP D 183 3.25 1.51 18.77
CA ASP D 183 2.21 0.89 19.55
C ASP D 183 2.28 1.33 20.99
N MET D 184 3.47 1.62 21.50
CA MET D 184 3.69 2.15 22.82
C MET D 184 3.16 3.55 22.75
N ARG D 185 3.59 4.33 21.77
CA ARG D 185 3.10 5.67 21.55
C ARG D 185 1.56 5.77 21.42
N GLU D 186 0.88 4.84 20.68
CA GLU D 186 -0.57 4.79 20.56
C GLU D 186 -1.24 4.52 21.88
N ILE D 187 -0.69 3.59 22.71
CA ILE D 187 -1.34 3.27 24.00
C ILE D 187 -1.22 4.43 24.98
N LYS D 188 -0.13 5.17 24.92
CA LYS D 188 0.04 6.38 25.70
C LYS D 188 -0.99 7.42 25.28
N ARG D 189 -1.23 7.46 23.98
CA ARG D 189 -2.25 8.29 23.38
C ARG D 189 -3.66 7.99 23.89
N LEU D 190 -3.89 6.71 24.20
CA LEU D 190 -5.20 6.23 24.67
C LEU D 190 -5.51 6.36 26.14
N PHE D 191 -4.48 6.28 26.97
CA PHE D 191 -4.46 6.41 28.44
C PHE D 191 -4.90 7.78 28.88
N GLU D 192 -4.16 8.63 28.21
CA GLU D 192 -4.24 10.04 28.34
C GLU D 192 -5.55 10.48 27.72
N ALA D 193 -6.01 9.90 26.60
CA ALA D 193 -7.37 10.23 26.13
C ALA D 193 -8.49 9.92 27.18
N MET D 194 -8.40 8.77 27.89
CA MET D 194 -9.30 8.40 28.99
C MET D 194 -8.96 9.05 30.32
N ASP D 195 -7.97 9.94 30.24
CA ASP D 195 -7.29 10.68 31.30
C ASP D 195 -6.88 9.91 32.55
N ILE D 196 -5.95 8.98 32.30
CA ILE D 196 -5.36 8.08 33.29
C ILE D 196 -3.82 8.29 33.24
N PRO D 197 -3.14 8.76 34.33
CA PRO D 197 -1.68 8.73 34.43
C PRO D 197 -1.15 7.31 34.56
N TYR D 198 0.03 7.11 33.92
CA TYR D 198 0.65 5.79 33.75
C TYR D 198 2.14 5.84 34.04
N ILE D 199 2.76 4.65 33.99
CA ILE D 199 4.20 4.48 33.90
C ILE D 199 4.24 3.32 32.89
N MET D 200 4.88 3.48 31.73
CA MET D 200 4.94 2.44 30.70
C MET D 200 6.39 2.08 30.56
N PHE D 201 6.70 0.81 30.75
CA PHE D 201 8.05 0.35 30.54
C PHE D 201 8.02 -0.96 29.75
N PRO D 202 8.96 -1.33 28.87
CA PRO D 202 9.80 -0.42 28.12
C PRO D 202 9.03 0.62 27.30
N ASP D 203 9.71 1.56 26.66
CA ASP D 203 9.08 2.70 26.07
C ASP D 203 10.05 3.06 24.97
N THR D 204 10.13 2.27 23.93
CA THR D 204 10.95 2.54 22.75
C THR D 204 10.55 3.79 21.96
N SER D 205 9.46 4.44 22.31
CA SER D 205 8.95 5.63 21.70
C SER D 205 9.96 6.66 21.22
N GLY D 206 10.77 7.37 21.99
CA GLY D 206 11.67 8.33 21.36
C GLY D 206 13.07 7.79 21.14
N VAL D 207 13.19 6.46 20.99
CA VAL D 207 14.44 5.76 20.84
C VAL D 207 14.45 5.07 19.46
N LEU D 208 13.53 4.15 19.09
CA LEU D 208 13.71 3.46 17.79
C LEU D 208 12.87 3.83 16.57
N ASP D 209 12.68 5.13 16.52
CA ASP D 209 12.08 5.93 15.49
C ASP D 209 12.61 7.34 15.83
N GLY D 210 12.20 8.36 15.11
CA GLY D 210 12.64 9.66 15.57
C GLY D 210 13.44 10.45 14.56
N PRO D 211 13.76 11.68 15.02
CA PRO D 211 14.10 12.83 14.23
C PRO D 211 15.48 12.88 13.66
N THR D 212 15.76 13.23 12.43
CA THR D 212 17.12 13.57 12.09
C THR D 212 17.07 15.06 12.46
N THR D 213 17.87 15.50 13.48
CA THR D 213 17.95 16.92 13.87
C THR D 213 19.28 17.54 13.49
N GLY D 214 20.30 16.69 13.33
CA GLY D 214 21.64 17.13 13.02
C GLY D 214 22.59 16.82 14.16
N GLU D 215 22.17 16.53 15.39
CA GLU D 215 23.13 16.14 16.40
C GLU D 215 22.83 14.67 16.68
N TYR D 216 23.77 13.75 16.85
CA TYR D 216 23.45 12.38 17.20
C TYR D 216 23.60 12.21 18.74
N LYS D 217 22.65 11.54 19.42
CA LYS D 217 22.83 11.18 20.83
C LYS D 217 22.82 9.65 21.05
N MET D 218 23.92 9.10 21.59
CA MET D 218 24.09 7.68 21.92
C MET D 218 22.86 7.19 22.73
N TYR D 219 22.33 8.14 23.51
CA TYR D 219 21.17 7.93 24.34
C TYR D 219 20.16 8.90 23.78
N PRO D 220 19.28 8.49 22.86
CA PRO D 220 18.10 9.25 22.50
C PRO D 220 17.25 9.50 23.75
N GLU D 221 16.33 10.45 23.65
CA GLU D 221 15.45 10.77 24.78
C GLU D 221 14.14 10.06 25.11
N GLY D 222 13.71 9.01 24.43
CA GLY D 222 12.55 8.26 24.86
C GLY D 222 12.97 7.24 25.90
N GLY D 223 12.16 6.23 26.11
CA GLY D 223 12.46 5.24 27.11
C GLY D 223 11.95 5.69 28.47
N THR D 224 11.91 4.79 29.42
CA THR D 224 11.52 5.14 30.77
C THR D 224 12.67 5.67 31.67
N LYS D 225 12.42 6.66 32.52
CA LYS D 225 13.41 7.23 33.42
C LYS D 225 13.57 6.30 34.59
N ILE D 226 14.82 6.09 35.06
CA ILE D 226 15.15 5.20 36.22
C ILE D 226 14.20 5.42 37.40
N GLU D 227 14.06 6.70 37.77
CA GLU D 227 13.14 7.14 38.82
C GLU D 227 11.74 6.57 38.62
N ASP D 228 11.17 6.58 37.40
CA ASP D 228 9.82 6.06 37.20
C ASP D 228 9.79 4.57 37.27
N LEU D 229 10.86 3.94 36.83
CA LEU D 229 10.95 2.50 36.90
C LEU D 229 10.99 2.14 38.37
N LYS D 230 11.52 3.00 39.25
CA LYS D 230 11.52 2.75 40.68
C LYS D 230 10.16 2.95 41.35
N ASP D 231 9.37 3.85 40.74
CA ASP D 231 8.07 4.22 41.27
C ASP D 231 6.99 3.18 40.90
N THR D 232 7.31 2.19 40.07
CA THR D 232 6.33 1.21 39.66
C THR D 232 5.82 0.42 40.85
N GLY D 233 6.66 0.35 41.89
CA GLY D 233 6.30 -0.39 43.07
C GLY D 233 5.20 0.23 43.92
N ASN D 234 4.87 1.48 43.61
CA ASN D 234 3.92 2.25 44.39
C ASN D 234 2.71 2.56 43.53
N SER D 235 2.32 1.72 42.57
CA SER D 235 1.17 1.97 41.73
C SER D 235 0.05 1.15 42.23
N ASP D 236 -1.09 1.40 41.62
CA ASP D 236 -2.27 0.66 42.01
C ASP D 236 -2.53 -0.63 41.27
N LEU D 237 -2.07 -0.69 40.02
CA LEU D 237 -2.27 -1.84 39.12
C LEU D 237 -1.20 -1.77 38.03
N THR D 238 -1.01 -2.95 37.47
CA THR D 238 -0.15 -3.22 36.33
C THR D 238 -1.09 -3.82 35.25
N LEU D 239 -0.88 -3.55 33.97
CA LEU D 239 -1.65 -4.20 32.95
C LEU D 239 -0.58 -4.81 32.07
N SER D 240 -0.66 -6.12 31.85
CA SER D 240 0.28 -6.86 31.01
C SER D 240 -0.34 -7.01 29.64
N LEU D 241 0.30 -6.49 28.59
CA LEU D 241 -0.20 -6.65 27.26
C LEU D 241 0.62 -7.69 26.52
N GLY D 242 0.38 -8.91 26.92
CA GLY D 242 1.05 -10.02 26.31
C GLY D 242 1.41 -11.02 27.36
N SER D 243 0.75 -12.16 27.39
CA SER D 243 1.01 -13.20 28.35
C SER D 243 2.37 -13.83 28.04
N TYR D 244 2.79 -13.83 26.77
CA TYR D 244 4.10 -14.34 26.45
C TYR D 244 5.19 -13.34 26.80
N ALA D 245 4.92 -12.02 26.72
CA ALA D 245 5.94 -10.96 26.91
C ALA D 245 5.91 -10.01 28.12
N SER D 246 4.73 -9.61 28.62
CA SER D 246 4.65 -8.70 29.75
C SER D 246 4.40 -9.35 31.13
N ASP D 247 4.28 -10.67 31.13
CA ASP D 247 3.84 -11.39 32.30
C ASP D 247 4.80 -11.80 33.37
N LEU D 248 6.04 -12.15 33.01
CA LEU D 248 7.03 -12.43 34.04
C LEU D 248 7.16 -11.18 34.86
N GLY D 249 7.30 -10.04 34.18
CA GLY D 249 7.34 -8.73 34.80
C GLY D 249 6.15 -8.51 35.69
N ALA D 250 4.95 -8.57 35.12
CA ALA D 250 3.71 -8.46 35.85
C ALA D 250 3.62 -9.07 37.24
N LYS D 251 3.96 -10.35 37.24
CA LYS D 251 4.06 -11.22 38.40
C LYS D 251 5.18 -10.76 39.31
N THR D 252 6.38 -10.57 38.74
CA THR D 252 7.59 -10.24 39.47
C THR D 252 7.50 -8.87 40.13
N LEU D 253 6.75 -7.90 39.58
CA LEU D 253 6.46 -6.57 40.15
C LEU D 253 5.55 -6.76 41.34
N GLU D 254 4.57 -7.63 41.16
CA GLU D 254 3.58 -7.92 42.15
C GLU D 254 4.06 -8.87 43.25
N LYS D 255 5.00 -9.76 43.02
CA LYS D 255 5.53 -10.58 44.12
C LYS D 255 6.50 -9.68 44.88
N LYS D 256 7.31 -8.88 44.17
CA LYS D 256 8.22 -7.93 44.80
C LYS D 256 7.50 -6.71 45.41
N CYS D 257 7.03 -5.71 44.67
CA CYS D 257 6.40 -4.55 45.26
C CYS D 257 4.96 -4.75 45.74
N LYS D 258 4.35 -5.90 45.44
CA LYS D 258 2.93 -6.23 45.60
C LYS D 258 1.91 -5.31 44.95
N VAL D 259 2.20 -4.94 43.69
CA VAL D 259 1.29 -4.11 42.87
C VAL D 259 0.53 -5.09 41.98
N PRO D 260 -0.79 -5.34 42.13
CA PRO D 260 -1.49 -6.45 41.48
C PRO D 260 -1.54 -6.33 39.94
N PHE D 261 -1.60 -7.34 39.08
CA PHE D 261 -1.57 -7.12 37.63
C PHE D 261 -2.79 -7.66 36.94
N LYS D 262 -3.20 -7.17 35.74
CA LYS D 262 -4.23 -7.84 34.94
C LYS D 262 -3.63 -8.22 33.61
N THR D 263 -3.84 -9.40 33.06
CA THR D 263 -3.31 -9.66 31.74
C THR D 263 -4.39 -9.44 30.67
N LEU D 264 -4.07 -8.63 29.67
CA LEU D 264 -4.93 -8.45 28.51
C LEU D 264 -4.15 -9.03 27.35
N ARG D 265 -4.87 -9.05 26.26
CA ARG D 265 -4.37 -9.52 24.99
C ARG D 265 -3.70 -8.26 24.45
N THR D 266 -2.72 -8.41 23.57
CA THR D 266 -2.20 -7.26 22.83
C THR D 266 -3.44 -6.51 22.21
N PRO D 267 -3.69 -5.18 22.35
CA PRO D 267 -4.92 -4.52 21.85
C PRO D 267 -5.17 -4.47 20.32
N ILE D 268 -5.05 -5.54 19.50
CA ILE D 268 -5.25 -5.53 18.02
C ILE D 268 -6.70 -5.95 17.80
N GLY D 269 -7.44 -5.11 17.09
CA GLY D 269 -8.82 -5.40 16.74
C GLY D 269 -9.88 -5.33 17.83
N VAL D 270 -11.10 -5.11 17.31
CA VAL D 270 -12.33 -4.87 18.06
C VAL D 270 -12.43 -5.60 19.39
N SER D 271 -12.31 -6.92 19.48
CA SER D 271 -12.54 -7.65 20.72
C SER D 271 -11.55 -7.29 21.80
N ALA D 272 -10.25 -7.46 21.47
CA ALA D 272 -9.18 -7.20 22.38
C ALA D 272 -8.92 -5.71 22.60
N THR D 273 -9.27 -4.79 21.69
CA THR D 273 -9.04 -3.39 21.96
C THR D 273 -10.15 -2.94 22.88
N ASP D 274 -11.35 -3.51 22.80
CA ASP D 274 -12.44 -3.08 23.67
C ASP D 274 -12.19 -3.45 25.10
N GLU D 275 -11.75 -4.69 25.32
CA GLU D 275 -11.39 -5.17 26.64
C GLU D 275 -10.20 -4.35 27.17
N PHE D 276 -9.33 -3.77 26.34
CA PHE D 276 -8.30 -2.84 26.80
C PHE D 276 -8.99 -1.58 27.38
N ILE D 277 -9.79 -0.78 26.68
CA ILE D 277 -10.53 0.35 27.25
C ILE D 277 -11.42 0.01 28.45
N MET D 278 -11.92 -1.22 28.49
CA MET D 278 -12.76 -1.70 29.56
C MET D 278 -11.87 -1.88 30.75
N ALA D 279 -10.66 -2.44 30.65
CA ALA D 279 -9.73 -2.53 31.78
C ALA D 279 -9.40 -1.15 32.38
N LEU D 280 -9.25 -0.12 31.54
CA LEU D 280 -8.99 1.27 31.96
C LEU D 280 -10.19 1.90 32.66
N SER D 281 -11.39 1.39 32.43
CA SER D 281 -12.59 1.91 33.08
C SER D 281 -12.80 1.22 34.41
N GLU D 282 -12.90 -0.11 34.46
CA GLU D 282 -13.17 -0.84 35.70
C GLU D 282 -12.18 -0.54 36.82
N ALA D 283 -10.98 -0.13 36.39
CA ALA D 283 -9.87 0.23 37.26
C ALA D 283 -10.01 1.69 37.68
N THR D 284 -9.64 2.74 36.94
CA THR D 284 -9.81 4.12 37.43
C THR D 284 -11.26 4.58 37.60
N GLY D 285 -12.23 4.05 36.88
CA GLY D 285 -13.60 4.52 36.97
C GLY D 285 -13.90 5.63 35.96
N LYS D 286 -12.97 5.76 35.04
CA LYS D 286 -13.08 6.71 33.96
C LYS D 286 -14.13 6.36 32.89
N GLU D 287 -14.88 7.44 32.63
CA GLU D 287 -15.84 7.47 31.58
C GLU D 287 -14.98 7.58 30.32
N VAL D 288 -15.43 6.76 29.36
CA VAL D 288 -14.84 6.62 28.04
C VAL D 288 -15.34 7.76 27.14
N PRO D 289 -14.46 8.61 26.59
CA PRO D 289 -14.86 9.76 25.81
C PRO D 289 -15.46 9.44 24.43
N ALA D 290 -16.12 10.48 23.93
CA ALA D 290 -16.75 10.55 22.61
C ALA D 290 -15.81 10.29 21.44
N SER D 291 -14.53 10.62 21.67
CA SER D 291 -13.44 10.50 20.72
C SER D 291 -13.16 9.05 20.42
N ILE D 292 -12.79 8.29 21.46
CA ILE D 292 -12.48 6.89 21.30
C ILE D 292 -13.74 6.20 20.72
N GLU D 293 -14.92 6.62 21.16
CA GLU D 293 -16.20 6.15 20.63
C GLU D 293 -16.33 6.32 19.15
N GLU D 294 -15.82 7.42 18.64
CA GLU D 294 -15.85 7.68 17.22
C GLU D 294 -14.89 6.73 16.52
N GLU D 295 -13.70 6.56 17.11
CA GLU D 295 -12.66 5.68 16.61
C GLU D 295 -13.06 4.24 16.44
N ARG D 296 -13.80 3.70 17.41
CA ARG D 296 -14.44 2.39 17.40
C ARG D 296 -15.41 2.25 16.25
N GLY D 297 -16.34 3.21 16.16
CA GLY D 297 -17.33 3.25 15.10
C GLY D 297 -16.77 3.42 13.70
N GLN D 298 -15.65 4.11 13.47
CA GLN D 298 -15.07 4.23 12.13
C GLN D 298 -14.32 2.98 11.74
N LEU D 299 -14.05 2.14 12.72
CA LEU D 299 -13.48 0.87 12.43
C LEU D 299 -14.73 0.14 12.01
N ILE D 300 -15.81 0.10 12.81
CA ILE D 300 -17.03 -0.62 12.40
C ILE D 300 -17.57 -0.16 11.05
N ASP D 301 -17.66 1.12 10.66
CA ASP D 301 -18.13 1.46 9.31
C ASP D 301 -17.11 0.92 8.30
N LEU D 302 -15.77 0.91 8.50
CA LEU D 302 -14.84 0.37 7.50
C LEU D 302 -15.00 -1.14 7.37
N MET D 303 -15.05 -1.84 8.50
CA MET D 303 -15.25 -3.27 8.55
C MET D 303 -16.46 -3.83 7.79
N ILE D 304 -17.51 -2.97 7.86
CA ILE D 304 -18.80 -3.14 7.22
C ILE D 304 -18.74 -2.64 5.78
N ASP D 305 -18.08 -1.53 5.41
CA ASP D 305 -18.11 -1.04 4.03
C ASP D 305 -17.24 -1.88 3.11
N ALA D 306 -16.17 -2.39 3.71
CA ALA D 306 -15.26 -3.19 2.96
C ALA D 306 -15.69 -4.64 2.92
N GLN D 307 -16.75 -5.02 3.62
CA GLN D 307 -17.08 -6.40 3.90
C GLN D 307 -17.07 -7.39 2.79
N GLN D 308 -17.45 -7.07 1.55
CA GLN D 308 -17.46 -8.08 0.48
C GLN D 308 -16.14 -8.74 0.22
N TYR D 309 -15.11 -7.90 0.30
CA TYR D 309 -13.75 -8.31 0.03
C TYR D 309 -13.12 -9.05 1.22
N LEU D 310 -13.71 -8.95 2.42
CA LEU D 310 -13.10 -9.48 3.62
C LEU D 310 -13.85 -10.68 4.10
N GLN D 311 -14.46 -11.50 3.27
CA GLN D 311 -15.43 -12.49 3.73
C GLN D 311 -15.01 -13.77 3.08
N GLY D 312 -14.77 -14.89 3.73
CA GLY D 312 -14.36 -16.09 2.98
C GLY D 312 -12.97 -16.10 2.31
N LYS D 313 -12.13 -15.23 2.87
CA LYS D 313 -10.76 -15.07 2.49
C LYS D 313 -10.07 -15.81 3.58
N LYS D 314 -9.34 -16.82 3.16
CA LYS D 314 -8.51 -17.68 4.00
C LYS D 314 -7.12 -17.02 4.11
N VAL D 315 -6.54 -16.91 5.29
CA VAL D 315 -5.31 -16.19 5.49
C VAL D 315 -4.26 -17.11 6.10
N ALA D 316 -2.98 -17.04 5.65
CA ALA D 316 -1.84 -17.72 6.29
C ALA D 316 -1.19 -16.59 7.06
N LEU D 317 -1.00 -16.89 8.34
CA LEU D 317 -0.41 -15.99 9.32
C LEU D 317 0.77 -16.62 10.09
N LEU D 318 1.94 -15.99 10.11
CA LEU D 318 3.04 -16.46 10.93
C LEU D 318 3.48 -15.31 11.80
N GLY D 319 4.04 -15.54 12.99
CA GLY D 319 4.62 -14.44 13.76
C GLY D 319 4.90 -14.83 15.20
N ASP D 320 4.81 -13.86 16.11
CA ASP D 320 5.11 -14.05 17.53
C ASP D 320 3.79 -14.24 18.26
N PRO D 321 3.69 -14.85 19.45
CA PRO D 321 2.46 -15.48 19.91
C PRO D 321 1.37 -14.50 20.27
N ASP D 322 1.77 -13.45 20.96
CA ASP D 322 0.83 -12.43 21.39
C ASP D 322 0.10 -11.62 20.29
N GLU D 323 0.87 -11.29 19.26
CA GLU D 323 0.43 -10.46 18.17
C GLU D 323 -0.32 -11.28 17.18
N ILE D 324 0.11 -12.52 16.91
CA ILE D 324 -0.61 -13.39 15.99
C ILE D 324 -1.89 -13.90 16.64
N ILE D 325 -1.99 -14.24 17.97
CA ILE D 325 -3.24 -14.64 18.66
C ILE D 325 -4.25 -13.52 18.49
N ALA D 326 -3.98 -12.30 18.93
CA ALA D 326 -4.92 -11.19 18.77
C ALA D 326 -5.13 -10.85 17.30
N LEU D 327 -4.16 -10.77 16.38
CA LEU D 327 -4.47 -10.55 14.96
C LEU D 327 -5.33 -11.71 14.37
N SER D 328 -5.23 -13.00 14.72
CA SER D 328 -6.13 -14.05 14.28
C SER D 328 -7.59 -13.78 14.71
N LYS D 329 -7.81 -13.07 15.83
CA LYS D 329 -9.14 -12.69 16.32
C LYS D 329 -9.65 -11.62 15.40
N PHE D 330 -8.81 -10.67 15.05
CA PHE D 330 -9.23 -9.62 14.18
C PHE D 330 -9.63 -10.20 12.84
N ILE D 331 -8.83 -11.08 12.24
CA ILE D 331 -9.12 -11.72 10.96
C ILE D 331 -10.47 -12.43 10.99
N ILE D 332 -10.80 -13.14 12.05
CA ILE D 332 -12.13 -13.70 12.23
C ILE D 332 -13.14 -12.56 12.26
N GLU D 333 -12.99 -11.56 13.12
CA GLU D 333 -13.92 -10.42 13.21
C GLU D 333 -14.21 -9.76 11.86
N LEU D 334 -13.22 -9.78 10.97
CA LEU D 334 -13.33 -9.14 9.67
C LEU D 334 -14.24 -9.76 8.63
N GLY D 335 -14.34 -11.09 8.79
CA GLY D 335 -15.14 -12.00 8.01
C GLY D 335 -14.33 -13.17 7.48
N ALA D 336 -12.98 -13.05 7.53
CA ALA D 336 -12.04 -14.01 6.96
C ALA D 336 -11.74 -15.25 7.79
N ILE D 337 -10.94 -16.21 7.29
CA ILE D 337 -10.69 -17.52 7.90
C ILE D 337 -9.19 -17.58 8.15
N PRO D 338 -8.63 -17.70 9.37
CA PRO D 338 -7.22 -18.00 9.65
C PRO D 338 -6.91 -19.41 9.27
N LYS D 339 -6.43 -19.70 8.09
CA LYS D 339 -6.28 -21.06 7.65
C LYS D 339 -5.02 -21.70 8.15
N TYR D 340 -3.90 -21.00 8.31
CA TYR D 340 -2.60 -21.57 8.69
C TYR D 340 -2.05 -20.62 9.68
N VAL D 341 -1.96 -21.04 10.91
CA VAL D 341 -1.59 -20.14 11.98
C VAL D 341 -0.29 -20.68 12.58
N VAL D 342 0.87 -20.04 12.39
CA VAL D 342 2.14 -20.59 12.85
C VAL D 342 2.91 -19.58 13.72
N THR D 343 3.59 -20.06 14.77
CA THR D 343 4.60 -19.33 15.57
C THR D 343 5.81 -20.19 15.68
N GLY D 344 6.99 -19.61 15.53
CA GLY D 344 8.25 -20.31 15.80
C GLY D 344 8.49 -20.43 17.30
N THR D 345 8.06 -19.42 18.02
CA THR D 345 8.25 -19.40 19.46
C THR D 345 7.29 -20.39 20.18
N PRO D 346 7.74 -21.05 21.21
CA PRO D 346 7.09 -22.20 21.77
C PRO D 346 5.86 -21.86 22.58
N GLY D 347 5.40 -22.80 23.39
CA GLY D 347 4.27 -22.56 24.27
C GLY D 347 2.91 -23.02 23.74
N MET D 348 2.28 -23.87 24.58
CA MET D 348 0.93 -24.44 24.40
C MET D 348 -0.19 -23.43 24.20
N LYS D 349 -0.14 -22.38 25.06
CA LYS D 349 -1.14 -21.36 25.11
C LYS D 349 -1.38 -20.71 23.78
N PHE D 350 -0.39 -20.39 22.94
CA PHE D 350 -0.66 -19.87 21.61
C PHE D 350 -1.64 -20.81 20.96
N GLN D 351 -1.24 -22.07 20.88
CA GLN D 351 -1.98 -22.99 20.06
C GLN D 351 -3.36 -23.27 20.59
N LYS D 352 -3.56 -23.60 21.85
CA LYS D 352 -4.88 -23.76 22.37
C LYS D 352 -5.67 -22.46 22.65
N GLU D 353 -5.20 -21.24 22.36
CA GLU D 353 -6.03 -20.04 22.37
C GLU D 353 -6.62 -19.82 20.98
N ILE D 354 -5.82 -20.15 19.97
CA ILE D 354 -6.22 -20.13 18.58
C ILE D 354 -7.31 -21.23 18.35
N ASP D 355 -7.10 -22.43 18.88
CA ASP D 355 -7.97 -23.58 18.74
C ASP D 355 -9.37 -23.30 19.16
N ALA D 356 -9.54 -22.52 20.21
CA ALA D 356 -10.87 -22.16 20.64
C ALA D 356 -11.13 -20.72 20.32
N MET D 357 -10.85 -20.37 19.07
CA MET D 357 -11.41 -19.18 18.47
C MET D 357 -11.92 -19.69 17.15
N LEU D 358 -11.18 -20.60 16.53
CA LEU D 358 -11.65 -21.32 15.36
C LEU D 358 -12.83 -22.21 15.75
N ALA D 359 -12.61 -23.16 16.67
CA ALA D 359 -13.62 -24.04 17.21
C ALA D 359 -14.81 -23.24 17.64
N GLU D 360 -14.54 -22.16 18.35
CA GLU D 360 -15.52 -21.17 18.75
C GLU D 360 -16.38 -20.66 17.56
N ALA D 361 -15.72 -20.23 16.48
CA ALA D 361 -16.35 -19.70 15.28
C ALA D 361 -16.78 -20.77 14.27
N GLY D 362 -16.61 -22.08 14.53
CA GLY D 362 -16.91 -23.09 13.56
C GLY D 362 -16.05 -23.00 12.32
N ILE D 363 -14.75 -22.65 12.46
CA ILE D 363 -13.81 -22.63 11.34
C ILE D 363 -13.18 -24.00 11.39
N GLU D 364 -12.94 -24.66 10.28
CA GLU D 364 -12.46 -26.03 10.23
C GLU D 364 -11.52 -26.19 9.05
N GLY D 365 -10.64 -27.18 9.23
CA GLY D 365 -9.59 -27.45 8.29
C GLY D 365 -8.40 -26.53 8.63
N SER D 366 -8.50 -25.45 9.40
CA SER D 366 -7.32 -24.67 9.67
C SER D 366 -6.16 -25.46 10.34
N LYS D 367 -4.88 -25.20 10.05
CA LYS D 367 -3.80 -25.89 10.73
C LYS D 367 -3.15 -24.84 11.65
N VAL D 368 -3.02 -25.19 12.95
CA VAL D 368 -2.34 -24.43 14.00
C VAL D 368 -1.03 -25.12 14.43
N LYS D 369 0.09 -24.45 14.17
CA LYS D 369 1.39 -25.01 14.47
C LYS D 369 2.18 -24.01 15.29
N VAL D 370 2.43 -24.47 16.48
CA VAL D 370 3.31 -23.78 17.38
C VAL D 370 4.61 -24.52 17.07
N GLU D 371 5.69 -23.76 17.00
CA GLU D 371 7.04 -24.19 16.65
C GLU D 371 7.19 -24.72 15.25
N GLY D 372 6.84 -23.84 14.35
CA GLY D 372 6.92 -24.16 12.96
C GLY D 372 7.53 -22.97 12.28
N ASP D 373 7.99 -23.28 11.10
CA ASP D 373 8.69 -22.33 10.30
C ASP D 373 7.94 -22.01 9.04
N PHE D 374 8.64 -21.24 8.23
CA PHE D 374 8.18 -20.86 6.93
C PHE D 374 8.23 -22.06 5.99
N PHE D 375 9.15 -23.03 6.06
CA PHE D 375 9.11 -24.17 5.18
C PHE D 375 7.83 -25.01 5.32
N ASP D 376 7.30 -25.01 6.54
CA ASP D 376 6.06 -25.70 6.83
C ASP D 376 4.98 -24.94 6.12
N VAL D 377 4.72 -23.65 6.42
CA VAL D 377 3.62 -22.93 5.79
C VAL D 377 3.65 -22.88 4.25
N HIS D 378 4.81 -22.87 3.63
CA HIS D 378 4.90 -22.97 2.19
C HIS D 378 4.48 -24.33 1.63
N GLN D 379 4.86 -25.44 2.28
CA GLN D 379 4.45 -26.75 1.85
C GLN D 379 2.94 -26.85 1.95
N TRP D 380 2.37 -26.28 3.01
CA TRP D 380 0.92 -26.21 3.21
C TRP D 380 0.27 -25.52 2.02
N ILE D 381 0.67 -24.30 1.69
CA ILE D 381 0.19 -23.54 0.54
C ILE D 381 0.26 -24.33 -0.80
N LYS D 382 1.24 -25.24 -0.91
CA LYS D 382 1.39 -26.07 -2.09
C LYS D 382 0.42 -27.27 -2.19
N ASN D 383 -0.20 -27.68 -1.08
CA ASN D 383 -1.20 -28.73 -1.07
C ASN D 383 -2.58 -28.08 -0.91
N GLU D 384 -2.69 -26.77 -0.53
CA GLU D 384 -3.94 -26.02 -0.25
C GLU D 384 -3.72 -24.49 -0.36
N GLY D 385 -3.79 -23.86 -1.52
CA GLY D 385 -3.53 -22.43 -1.67
C GLY D 385 -4.44 -21.53 -0.83
N VAL D 386 -3.84 -20.61 -0.07
CA VAL D 386 -4.54 -19.67 0.81
C VAL D 386 -4.75 -18.25 0.21
N ASP D 387 -5.64 -17.40 0.75
CA ASP D 387 -6.03 -16.11 0.14
C ASP D 387 -5.30 -14.81 0.51
N LEU D 388 -4.61 -14.76 1.64
CA LEU D 388 -3.80 -13.62 2.06
C LEU D 388 -2.62 -14.18 2.85
N LEU D 389 -1.49 -13.48 2.92
CA LEU D 389 -0.37 -13.88 3.76
C LEU D 389 -0.03 -12.68 4.63
N ILE D 390 0.06 -12.87 5.93
CA ILE D 390 0.46 -11.81 6.84
C ILE D 390 1.65 -12.42 7.56
N SER D 391 2.80 -11.74 7.53
CA SER D 391 4.08 -12.29 7.94
C SER D 391 5.09 -11.18 8.07
N ASN D 392 6.24 -11.38 8.72
CA ASN D 392 7.34 -10.41 8.72
C ASN D 392 8.03 -10.41 7.35
N THR D 393 9.05 -9.61 7.04
CA THR D 393 9.65 -9.63 5.71
C THR D 393 9.92 -10.98 5.04
N TYR D 394 10.31 -12.13 5.58
CA TYR D 394 10.65 -13.28 4.73
C TYR D 394 9.44 -14.02 4.16
N GLY D 395 8.21 -13.56 4.44
CA GLY D 395 7.00 -14.12 3.87
C GLY D 395 7.00 -13.92 2.37
N LYS D 396 7.62 -12.83 1.90
CA LYS D 396 7.71 -12.46 0.49
C LYS D 396 8.18 -13.55 -0.51
N PHE D 397 9.04 -14.46 -0.06
CA PHE D 397 9.49 -15.52 -0.91
C PHE D 397 8.33 -16.46 -1.31
N ILE D 398 7.39 -16.78 -0.41
CA ILE D 398 6.25 -17.65 -0.69
C ILE D 398 5.25 -16.84 -1.54
N ALA D 399 4.86 -15.65 -1.08
CA ALA D 399 4.03 -14.70 -1.76
C ALA D 399 4.39 -14.36 -3.20
N ARG D 400 5.60 -14.61 -3.71
CA ARG D 400 5.96 -14.35 -5.12
C ARG D 400 5.96 -15.67 -5.88
N GLU D 401 6.10 -16.78 -5.17
CA GLU D 401 6.10 -18.04 -5.80
C GLU D 401 4.65 -18.47 -6.15
N GLU D 402 3.83 -18.38 -5.12
CA GLU D 402 2.41 -18.64 -5.16
C GLU D 402 2.00 -17.18 -5.22
N ASN D 403 1.48 -16.52 -6.24
CA ASN D 403 1.23 -15.08 -6.16
C ASN D 403 0.13 -14.76 -5.13
N ILE D 404 0.54 -14.45 -3.90
CA ILE D 404 -0.34 -14.21 -2.75
C ILE D 404 -0.36 -12.70 -2.34
N PRO D 405 -1.47 -11.97 -2.05
CA PRO D 405 -1.39 -10.64 -1.42
C PRO D 405 -0.74 -10.72 -0.03
N PHE D 406 0.30 -9.92 0.17
CA PHE D 406 1.10 -9.98 1.36
C PHE D 406 0.96 -8.69 2.12
N VAL D 407 0.74 -8.83 3.44
CA VAL D 407 0.70 -7.73 4.40
C VAL D 407 1.90 -7.94 5.36
N ARG D 408 2.95 -7.12 5.33
CA ARG D 408 4.04 -7.28 6.30
C ARG D 408 3.64 -6.93 7.75
N PHE D 409 3.85 -7.80 8.73
CA PHE D 409 3.47 -7.60 10.11
C PHE D 409 4.51 -8.33 10.99
N GLY D 410 5.01 -7.67 12.05
CA GLY D 410 5.87 -8.30 13.04
C GLY D 410 7.28 -7.74 13.10
N PHE D 411 8.10 -8.61 13.66
CA PHE D 411 9.53 -8.40 13.75
C PHE D 411 9.99 -9.69 13.10
N PRO D 412 10.91 -9.65 12.10
CA PRO D 412 11.41 -8.42 11.44
C PRO D 412 10.98 -7.98 10.05
N ILE D 413 10.64 -6.70 9.89
CA ILE D 413 10.29 -6.15 8.58
C ILE D 413 11.43 -5.15 8.40
N MET D 414 12.26 -5.47 7.44
CA MET D 414 13.52 -4.83 7.11
C MET D 414 13.47 -4.45 5.64
N ASP D 415 12.32 -3.94 5.22
CA ASP D 415 11.99 -3.91 3.81
C ASP D 415 11.41 -2.65 3.21
N ARG D 416 10.43 -2.15 3.93
CA ARG D 416 9.72 -0.97 3.48
C ARG D 416 10.07 0.17 4.42
N TYR D 417 9.86 1.45 4.05
CA TYR D 417 10.16 2.64 4.86
C TYR D 417 8.89 3.32 5.41
N GLY D 418 8.84 3.65 6.70
CA GLY D 418 7.75 4.35 7.36
C GLY D 418 6.91 3.43 8.20
N HIS D 419 7.14 2.14 8.16
CA HIS D 419 6.22 1.23 8.79
C HIS D 419 6.15 1.25 10.31
N TYR D 420 7.13 1.90 10.91
CA TYR D 420 7.35 1.92 12.35
C TYR D 420 6.65 3.13 12.95
N TYR D 421 5.96 3.91 12.09
CA TYR D 421 5.24 5.10 12.50
C TYR D 421 3.73 4.79 12.56
N ASN D 422 3.33 3.58 12.18
CA ASN D 422 1.93 3.15 12.17
C ASN D 422 1.64 2.36 13.42
N PRO D 423 0.53 2.61 14.12
CA PRO D 423 0.07 1.70 15.15
C PRO D 423 -0.56 0.43 14.55
N LYS D 424 -0.58 -0.70 15.24
CA LYS D 424 -1.40 -1.85 14.82
C LYS D 424 -2.40 -2.12 15.94
N VAL D 425 -2.20 -1.32 16.98
CA VAL D 425 -3.00 -1.43 18.16
C VAL D 425 -3.98 -0.29 18.06
N GLY D 426 -5.04 -0.51 18.80
CA GLY D 426 -6.08 0.46 18.86
C GLY D 426 -6.92 0.27 17.62
N TYR D 427 -7.91 1.18 17.59
CA TYR D 427 -8.88 1.30 16.51
C TYR D 427 -8.24 1.96 15.30
N LYS D 428 -7.24 2.85 15.53
CA LYS D 428 -6.43 3.56 14.52
C LYS D 428 -5.53 2.58 13.80
N GLY D 429 -4.92 1.69 14.58
CA GLY D 429 -4.07 0.66 14.04
C GLY D 429 -4.87 -0.32 13.25
N ALA D 430 -5.99 -0.76 13.81
CA ALA D 430 -6.93 -1.64 13.15
C ALA D 430 -7.51 -1.03 11.88
N ILE D 431 -7.80 0.27 11.82
CA ILE D 431 -8.29 0.90 10.60
C ILE D 431 -7.21 0.72 9.56
N ARG D 432 -5.95 0.94 9.92
CA ARG D 432 -4.81 0.84 8.99
C ARG D 432 -4.55 -0.59 8.51
N LEU D 433 -4.95 -1.55 9.32
CA LEU D 433 -4.82 -2.93 8.94
C LEU D 433 -5.89 -3.28 7.91
N VAL D 434 -7.19 -3.06 8.24
CA VAL D 434 -8.31 -3.28 7.33
C VAL D 434 -7.99 -2.66 5.96
N GLU D 435 -7.54 -1.38 6.00
CA GLU D 435 -7.12 -0.68 4.82
C GLU D 435 -6.04 -1.42 4.03
N GLU D 436 -4.92 -1.97 4.55
CA GLU D 436 -3.91 -2.57 3.71
C GLU D 436 -4.23 -3.94 3.28
N ILE D 437 -5.14 -4.58 4.01
CA ILE D 437 -5.60 -5.91 3.66
C ILE D 437 -6.52 -5.69 2.47
N THR D 438 -7.51 -4.79 2.49
CA THR D 438 -8.34 -4.50 1.34
C THR D 438 -7.53 -4.09 0.11
N ASN D 439 -6.48 -3.28 0.26
CA ASN D 439 -5.70 -2.83 -0.87
C ASN D 439 -4.85 -3.90 -1.48
N VAL D 440 -4.17 -4.80 -0.77
CA VAL D 440 -3.32 -5.78 -1.42
C VAL D 440 -4.07 -6.81 -2.28
N ILE D 441 -5.32 -7.00 -1.84
CA ILE D 441 -6.33 -7.87 -2.45
C ILE D 441 -6.81 -7.23 -3.74
N LEU D 442 -7.36 -6.00 -3.62
CA LEU D 442 -7.82 -5.20 -4.75
C LEU D 442 -6.71 -4.84 -5.74
N ASP D 443 -5.47 -4.68 -5.25
CA ASP D 443 -4.26 -4.54 -6.06
C ASP D 443 -4.14 -5.76 -6.97
N LYS D 444 -4.18 -6.99 -6.42
CA LYS D 444 -4.02 -8.21 -7.20
C LYS D 444 -5.13 -8.37 -8.21
N ILE D 445 -6.38 -8.09 -7.82
CA ILE D 445 -7.56 -8.18 -8.67
C ILE D 445 -7.36 -7.28 -9.89
N GLU D 446 -7.10 -6.00 -9.68
CA GLU D 446 -7.00 -5.09 -10.78
C GLU D 446 -5.82 -5.33 -11.70
N ARG D 447 -4.90 -6.20 -11.29
CA ARG D 447 -3.73 -6.60 -12.07
C ARG D 447 -4.04 -7.88 -12.84
N GLU D 448 -4.80 -8.76 -12.22
CA GLU D 448 -5.11 -10.06 -12.76
C GLU D 448 -6.20 -10.20 -13.79
N CYS D 449 -7.15 -9.27 -13.69
CA CYS D 449 -8.37 -9.21 -14.50
C CYS D 449 -8.19 -8.84 -15.96
N THR D 450 -9.21 -9.17 -16.73
CA THR D 450 -9.29 -8.85 -18.13
C THR D 450 -9.63 -7.40 -18.41
N GLU D 451 -8.94 -6.72 -19.31
CA GLU D 451 -9.26 -5.39 -19.82
C GLU D 451 -10.73 -4.88 -19.70
N GLU D 452 -11.52 -5.75 -20.35
CA GLU D 452 -12.94 -5.60 -20.65
C GLU D 452 -13.94 -5.84 -19.48
N ASP D 453 -13.30 -6.48 -18.52
CA ASP D 453 -13.84 -7.02 -17.30
C ASP D 453 -13.28 -6.22 -16.13
N PHE D 454 -12.84 -4.97 -16.29
CA PHE D 454 -12.11 -4.20 -15.29
C PHE D 454 -12.96 -3.03 -14.82
N GLU D 455 -12.96 -2.66 -13.53
CA GLU D 455 -13.85 -1.63 -12.98
C GLU D 455 -13.20 -0.31 -12.55
N VAL D 456 -14.00 0.72 -12.27
CA VAL D 456 -13.53 2.04 -11.90
C VAL D 456 -13.89 2.35 -10.46
N VAL D 457 -14.94 1.74 -9.93
CA VAL D 457 -15.37 1.92 -8.55
C VAL D 457 -15.39 0.45 -8.21
N ARG D 458 -14.80 0.33 -7.04
CA ARG D 458 -14.68 -0.94 -6.38
C ARG D 458 -15.27 -0.69 -5.00
#